data_4D5E
#
_entry.id   4D5E
#
_cell.length_a   123.188
_cell.length_b   123.188
_cell.length_c   143.070
_cell.angle_alpha   90.00
_cell.angle_beta   90.00
_cell.angle_gamma   90.00
#
_symmetry.space_group_name_H-M   'P 41 21 2'
#
loop_
_entity.id
_entity.type
_entity.pdbx_description
1 polymer 'CYCLOHEXANE-1,2-DIONE HYDROLASE'
2 non-polymer 'FLAVIN-ADENINE DINUCLEOTIDE'
3 non-polymer 'THIAMINE DIPHOSPHATE'
4 non-polymer '2-(N-MORPHOLINO)-ETHANESULFONIC ACID'
5 non-polymer 'CHLORIDE ION'
6 non-polymer 'MAGNESIUM ION'
7 non-polymer 'HEXAETHYLENE GLYCOL'
8 non-polymer 2-(2-{2-[2-(2-METHOXY-ETHOXY)-ETHOXY]-ETHOXY}-ETHOXY)-ETHANOL
9 non-polymer 'TETRAETHYLENE GLYCOL'
10 non-polymer DI(HYDROXYETHYL)ETHER
11 non-polymer 'NONAETHYLENE GLYCOL'
12 water water
#
_entity_poly.entity_id   1
_entity_poly.type   'polypeptide(L)'
_entity_poly.pdbx_seq_one_letter_code
;MAIKRGADLIVEALEEYGTEQVVGFIGHTSHFVADAFSKSHLGKRVINPATELGGAWMVNGYNYVKDRSAAVGAWHCVGN
LLLHAAMQEARTGRIPAVHIGLNSDGRLAGRSEAAQQVPWQSFTPIARSTQRVERLDKVGEAIHEAFRVAEGHPAGPAYV
DIPFDLTADQIDDKALVPRGATRAKSVLHAPNEDVREAAAQLVAAKNPVILAGGGVARSGGSEALLKLAEMVGVPVVTTS
TGAGVFPETHALAMGSAGFCGWKSANDMMAAADFVLVLGSRLSDWGIAQGYITKMPKFVHVDTDPAVLGTFYFPLLSVVA
DAKTFMEQLIEVLPGTSGFKAVRYQERENFRQATEFRAAWDGWVREQESGDGMPASMFRAMAEVRKVQRPEDIIVTDIGN
HTLPMFGGAILQRPRRLVTSMAEGILGCGFPMALGAQLAEPNSRVFLGTGDGALYYHFNEFRVAVEHKLPVITMVFTNES
YGANWTLMNHQFGQNNWTEFMNPDWVGIAKAFGAYGESVRETGDIAGALQRAIDSGKPALIEIPVSKTQGLASDPVGGVG
PNLLLKGREIPVDTGGSMYPGENLLHLKS
;
_entity_poly.pdbx_strand_id   A,B
#
loop_
_chem_comp.id
_chem_comp.type
_chem_comp.name
_chem_comp.formula
1PG non-polymer 2-(2-{2-[2-(2-METHOXY-ETHOXY)-ETHOXY]-ETHOXY}-ETHOXY)-ETHANOL 'C11 H24 O6'
2PE non-polymer 'NONAETHYLENE GLYCOL' 'C18 H38 O10'
CL non-polymer 'CHLORIDE ION' 'Cl -1'
FAD non-polymer 'FLAVIN-ADENINE DINUCLEOTIDE' 'C27 H33 N9 O15 P2'
MES non-polymer '2-(N-MORPHOLINO)-ETHANESULFONIC ACID' 'C6 H13 N O4 S'
MG non-polymer 'MAGNESIUM ION' 'Mg 2'
P6G non-polymer 'HEXAETHYLENE GLYCOL' 'C12 H26 O7'
PEG non-polymer DI(HYDROXYETHYL)ETHER 'C4 H10 O3'
PG4 non-polymer 'TETRAETHYLENE GLYCOL' 'C8 H18 O5'
TPP non-polymer 'THIAMINE DIPHOSPHATE' 'C12 H19 N4 O7 P2 S 1'
#
# COMPACT_ATOMS: atom_id res chain seq x y z
N ALA A 2 -28.58 15.41 23.33
CA ALA A 2 -29.21 15.33 21.99
C ALA A 2 -28.86 13.99 21.41
N ILE A 3 -29.77 13.40 20.70
CA ILE A 3 -29.48 12.14 20.00
C ILE A 3 -28.64 12.47 18.79
N LYS A 4 -27.52 11.78 18.61
CA LYS A 4 -26.57 12.04 17.54
C LYS A 4 -26.14 10.69 16.93
N ARG A 5 -25.87 10.61 15.63
CA ARG A 5 -25.24 9.47 15.04
C ARG A 5 -23.80 9.39 15.44
N GLY A 6 -23.26 8.18 15.46
CA GLY A 6 -21.87 8.01 15.68
C GLY A 6 -20.98 8.78 14.69
N ALA A 7 -21.45 8.87 13.46
CA ALA A 7 -20.68 9.59 12.42
C ALA A 7 -20.59 11.09 12.82
N ASP A 8 -21.68 11.65 13.38
CA ASP A 8 -21.64 13.05 13.72
C ASP A 8 -20.75 13.30 14.93
N LEU A 9 -20.69 12.34 15.84
CA LEU A 9 -19.82 12.40 17.02
C LEU A 9 -18.37 12.33 16.66
N ILE A 10 -18.03 11.49 15.67
CA ILE A 10 -16.67 11.42 15.14
C ILE A 10 -16.22 12.77 14.59
N VAL A 11 -17.07 13.40 13.81
CA VAL A 11 -16.74 14.74 13.23
C VAL A 11 -16.52 15.80 14.33
N GLU A 12 -17.44 15.77 15.28
CA GLU A 12 -17.37 16.68 16.44
C GLU A 12 -16.05 16.51 17.19
N ALA A 13 -15.66 15.26 17.45
CA ALA A 13 -14.43 14.99 18.14
C ALA A 13 -13.23 15.49 17.34
N LEU A 14 -13.21 15.20 16.05
CA LEU A 14 -12.08 15.67 15.23
C LEU A 14 -11.94 17.21 15.25
N GLU A 15 -13.05 17.92 15.19
CA GLU A 15 -13.01 19.39 15.28
C GLU A 15 -12.48 19.78 16.68
N GLU A 16 -12.97 19.13 17.75
CA GLU A 16 -12.60 19.56 19.08
C GLU A 16 -11.10 19.48 19.28
N TYR A 17 -10.42 18.51 18.67
CA TYR A 17 -9.01 18.33 18.85
C TYR A 17 -8.14 19.00 17.78
N GLY A 18 -8.74 19.86 17.02
CA GLY A 18 -7.91 20.75 16.19
C GLY A 18 -7.67 20.31 14.77
N THR A 19 -8.47 19.37 14.29
CA THR A 19 -8.32 18.94 12.90
C THR A 19 -8.68 20.08 11.96
N GLU A 20 -7.89 20.29 10.95
N GLU A 20 -7.76 20.37 11.03
CA GLU A 20 -8.22 21.31 9.96
CA GLU A 20 -7.89 21.37 9.89
C GLU A 20 -8.20 20.81 8.54
C GLU A 20 -8.26 20.74 8.59
N GLN A 21 -7.71 19.58 8.29
CA GLN A 21 -7.74 18.98 6.95
C GLN A 21 -8.07 17.52 7.04
N VAL A 22 -9.03 17.04 6.26
CA VAL A 22 -9.33 15.59 6.17
C VAL A 22 -8.82 15.09 4.86
N VAL A 23 -8.27 13.90 4.85
CA VAL A 23 -7.99 13.12 3.66
C VAL A 23 -8.84 11.89 3.77
N GLY A 24 -9.85 11.74 2.93
CA GLY A 24 -10.84 10.69 3.11
C GLY A 24 -11.13 9.95 1.81
N PHE A 25 -11.52 8.70 1.95
CA PHE A 25 -11.86 7.84 0.81
C PHE A 25 -13.20 7.21 1.03
N ILE A 26 -14.08 7.39 0.02
CA ILE A 26 -15.44 6.89 0.14
C ILE A 26 -15.54 5.38 -0.06
N GLY A 27 -16.59 4.87 0.55
CA GLY A 27 -17.07 3.51 0.38
C GLY A 27 -18.21 3.31 1.34
N HIS A 28 -18.96 2.22 1.21
CA HIS A 28 -20.16 2.17 2.09
C HIS A 28 -19.89 2.27 3.58
N THR A 29 -18.72 1.82 4.03
CA THR A 29 -18.37 1.95 5.44
C THR A 29 -18.02 3.35 5.88
N SER A 30 -17.63 4.23 4.95
CA SER A 30 -17.37 5.65 5.29
C SER A 30 -18.54 6.57 4.87
N HIS A 31 -19.64 6.02 4.34
CA HIS A 31 -20.73 6.84 3.87
C HIS A 31 -21.33 7.73 4.95
N PHE A 32 -21.56 7.19 6.16
CA PHE A 32 -22.17 8.04 7.20
C PHE A 32 -21.18 9.11 7.61
N VAL A 33 -19.91 8.79 7.72
CA VAL A 33 -18.90 9.77 8.12
C VAL A 33 -18.79 10.86 7.04
N ALA A 34 -18.79 10.51 5.78
CA ALA A 34 -18.75 11.52 4.71
C ALA A 34 -19.97 12.41 4.75
N ASP A 35 -21.14 11.84 4.98
CA ASP A 35 -22.38 12.62 5.16
C ASP A 35 -22.23 13.56 6.35
N ALA A 36 -21.71 13.10 7.48
CA ALA A 36 -21.53 13.93 8.62
C ALA A 36 -20.54 15.07 8.36
N PHE A 37 -19.46 14.79 7.67
CA PHE A 37 -18.49 15.85 7.32
C PHE A 37 -19.16 16.93 6.47
N SER A 38 -20.04 16.57 5.59
CA SER A 38 -20.72 17.52 4.66
C SER A 38 -21.51 18.52 5.41
N LYS A 39 -21.87 18.26 6.65
CA LYS A 39 -22.65 19.15 7.46
C LYS A 39 -21.85 19.95 8.48
N SER A 40 -20.54 19.95 8.35
CA SER A 40 -19.61 20.55 9.30
C SER A 40 -18.64 21.47 8.59
N HIS A 41 -18.02 22.35 9.40
CA HIS A 41 -16.94 23.22 8.97
C HIS A 41 -15.83 22.42 8.27
N LEU A 42 -15.42 21.29 8.88
CA LEU A 42 -14.34 20.52 8.25
C LEU A 42 -14.63 19.88 6.99
N GLY A 43 -15.88 19.69 6.67
CA GLY A 43 -16.32 19.25 5.40
C GLY A 43 -15.91 19.99 4.21
N LYS A 44 -15.57 21.30 4.40
CA LYS A 44 -15.09 22.11 3.37
C LYS A 44 -13.65 21.76 2.98
N ARG A 45 -12.94 21.04 3.85
CA ARG A 45 -11.50 20.68 3.61
C ARG A 45 -11.30 19.21 3.56
N VAL A 46 -11.81 18.58 2.51
CA VAL A 46 -11.62 17.13 2.35
C VAL A 46 -10.91 16.90 1.03
N ILE A 47 -9.81 16.22 1.07
CA ILE A 47 -9.08 15.71 -0.10
C ILE A 47 -9.50 14.24 -0.31
N ASN A 48 -9.99 13.90 -1.50
CA ASN A 48 -10.28 12.52 -1.92
C ASN A 48 -9.15 12.07 -2.83
N PRO A 49 -8.19 11.29 -2.34
CA PRO A 49 -6.98 11.03 -3.10
C PRO A 49 -7.23 9.92 -4.11
N ALA A 50 -6.32 9.77 -5.09
CA ALA A 50 -6.40 8.66 -6.04
C ALA A 50 -6.33 7.33 -5.35
N THR A 51 -5.43 7.21 -4.38
CA THR A 51 -5.35 5.99 -3.54
C THR A 51 -5.20 6.35 -2.08
N GLU A 52 -5.49 5.37 -1.23
CA GLU A 52 -5.34 5.59 0.22
C GLU A 52 -3.88 5.77 0.64
N LEU A 53 -2.93 5.06 0.00
CA LEU A 53 -1.53 5.27 0.37
C LEU A 53 -1.08 6.68 -0.04
N GLY A 54 -1.46 7.13 -1.25
CA GLY A 54 -1.14 8.51 -1.62
C GLY A 54 -1.72 9.45 -0.60
N GLY A 55 -2.98 9.25 -0.19
CA GLY A 55 -3.56 10.14 0.77
C GLY A 55 -2.84 10.11 2.16
N ALA A 56 -2.41 8.92 2.60
N ALA A 56 -2.41 8.92 2.59
CA ALA A 56 -1.69 8.81 3.84
CA ALA A 56 -1.69 8.81 3.84
C ALA A 56 -0.36 9.56 3.78
C ALA A 56 -0.36 9.57 3.78
N TRP A 57 0.27 9.56 2.62
CA TRP A 57 1.50 10.35 2.46
C TRP A 57 1.17 11.85 2.53
N MET A 58 0.05 12.29 1.98
CA MET A 58 -0.36 13.70 2.08
C MET A 58 -0.58 14.05 3.58
N VAL A 59 -1.19 13.16 4.38
CA VAL A 59 -1.31 13.42 5.84
C VAL A 59 0.07 13.62 6.44
N ASN A 60 1.05 12.76 6.05
CA ASN A 60 2.42 12.88 6.59
C ASN A 60 3.05 14.21 6.24
N GLY A 61 2.93 14.64 4.97
CA GLY A 61 3.58 15.90 4.60
C GLY A 61 2.96 17.12 5.28
N TYR A 62 1.64 17.09 5.41
CA TYR A 62 0.87 18.19 6.08
C TYR A 62 1.35 18.23 7.54
N ASN A 63 1.37 17.09 8.24
CA ASN A 63 1.63 17.10 9.66
C ASN A 63 3.09 17.24 10.02
N TYR A 64 3.97 16.85 9.11
CA TYR A 64 5.41 17.06 9.34
C TYR A 64 5.71 18.54 9.49
N VAL A 65 5.11 19.35 8.60
CA VAL A 65 5.45 20.82 8.62
C VAL A 65 4.68 21.49 9.74
N LYS A 66 3.54 20.94 10.19
CA LYS A 66 2.72 21.55 11.28
C LYS A 66 3.15 21.13 12.66
N ASP A 67 3.81 19.98 12.86
CA ASP A 67 4.12 19.41 14.17
C ASP A 67 2.92 19.17 15.08
N ARG A 68 1.80 18.81 14.44
CA ARG A 68 0.59 18.37 15.13
C ARG A 68 -0.26 17.60 14.16
N SER A 69 -1.28 16.87 14.63
CA SER A 69 -2.13 16.06 13.72
C SER A 69 -3.24 16.95 13.19
N ALA A 70 -2.88 17.96 12.43
CA ALA A 70 -3.81 18.89 11.82
C ALA A 70 -4.51 18.29 10.64
N ALA A 71 -3.89 17.34 9.96
CA ALA A 71 -4.52 16.51 8.95
C ALA A 71 -4.83 15.12 9.54
N VAL A 72 -5.98 14.59 9.14
N VAL A 72 -6.02 14.62 9.24
CA VAL A 72 -6.54 13.29 9.65
CA VAL A 72 -6.40 13.23 9.64
C VAL A 72 -7.05 12.45 8.48
C VAL A 72 -6.80 12.46 8.40
N GLY A 73 -6.68 11.15 8.49
CA GLY A 73 -7.24 10.25 7.47
C GLY A 73 -8.51 9.62 7.94
N ALA A 74 -9.43 9.39 7.01
CA ALA A 74 -10.71 8.73 7.28
C ALA A 74 -11.04 7.79 6.09
N TRP A 75 -11.05 6.49 6.36
CA TRP A 75 -10.93 5.49 5.28
C TRP A 75 -11.98 4.37 5.37
N HIS A 76 -12.67 4.10 4.28
CA HIS A 76 -13.50 2.92 4.11
C HIS A 76 -12.62 1.67 4.29
N CYS A 77 -13.15 0.73 5.06
CA CYS A 77 -12.56 -0.56 5.47
C CYS A 77 -11.33 -0.99 4.73
N VAL A 78 -11.45 -1.68 3.59
CA VAL A 78 -10.33 -2.27 2.95
C VAL A 78 -9.29 -1.24 2.44
N GLY A 79 -9.62 0.01 2.28
CA GLY A 79 -8.61 0.97 1.99
C GLY A 79 -7.61 1.18 3.08
N ASN A 80 -8.00 0.87 4.34
CA ASN A 80 -7.01 0.92 5.48
C ASN A 80 -5.86 -0.04 5.23
N LEU A 81 -6.04 -1.06 4.41
CA LEU A 81 -4.98 -2.03 4.17
C LEU A 81 -3.84 -1.43 3.37
N LEU A 82 -4.01 -0.23 2.77
CA LEU A 82 -2.96 0.42 2.03
C LEU A 82 -2.13 1.37 2.91
N LEU A 83 -2.43 1.54 4.23
CA LEU A 83 -1.79 2.61 5.00
C LEU A 83 -0.42 2.29 5.57
N HIS A 84 -0.03 1.02 5.65
CA HIS A 84 1.09 0.65 6.50
C HIS A 84 2.41 1.34 6.22
N ALA A 85 2.77 1.53 4.95
CA ALA A 85 4.03 2.14 4.64
C ALA A 85 4.15 3.58 5.23
N ALA A 86 3.12 4.37 4.89
CA ALA A 86 3.08 5.75 5.39
C ALA A 86 3.00 5.77 6.87
N MET A 87 2.29 4.87 7.50
CA MET A 87 2.16 4.84 8.94
C MET A 87 3.50 4.55 9.60
N GLN A 88 4.29 3.66 9.00
CA GLN A 88 5.61 3.31 9.53
C GLN A 88 6.56 4.53 9.50
N GLU A 89 6.53 5.28 8.42
CA GLU A 89 7.31 6.52 8.39
C GLU A 89 6.85 7.49 9.48
N ALA A 90 5.55 7.63 9.71
CA ALA A 90 5.10 8.53 10.81
C ALA A 90 5.63 8.05 12.15
N ARG A 91 5.72 6.74 12.37
CA ARG A 91 6.21 6.27 13.66
CA ARG A 91 6.20 6.22 13.64
C ARG A 91 7.67 6.60 13.90
N THR A 92 8.57 6.13 13.05
CA THR A 92 9.99 6.45 13.32
C THR A 92 10.36 7.86 13.01
N GLY A 93 9.61 8.53 12.15
CA GLY A 93 9.85 9.94 11.79
C GLY A 93 9.19 10.94 12.70
N ARG A 94 8.50 10.45 13.73
CA ARG A 94 7.92 11.36 14.77
C ARG A 94 6.95 12.32 14.13
N ILE A 95 6.05 11.85 13.27
CA ILE A 95 5.06 12.64 12.64
C ILE A 95 3.71 12.35 13.30
N PRO A 96 3.07 13.33 13.92
CA PRO A 96 1.76 13.09 14.49
C PRO A 96 0.76 12.77 13.44
N ALA A 97 -0.06 11.72 13.52
CA ALA A 97 -1.01 11.39 12.42
C ALA A 97 -2.11 10.47 13.01
N VAL A 98 -3.31 10.99 13.01
CA VAL A 98 -4.48 10.21 13.40
C VAL A 98 -5.18 9.69 12.17
N HIS A 99 -5.45 8.39 12.16
CA HIS A 99 -6.15 7.71 11.07
C HIS A 99 -7.35 6.99 11.65
N ILE A 100 -8.53 7.23 11.06
CA ILE A 100 -9.80 6.64 11.48
C ILE A 100 -10.22 5.66 10.39
N GLY A 101 -10.17 4.40 10.70
CA GLY A 101 -10.61 3.36 9.80
C GLY A 101 -12.01 2.91 10.11
N LEU A 102 -12.90 2.93 9.17
CA LEU A 102 -14.28 2.44 9.34
C LEU A 102 -14.34 1.03 8.84
N ASN A 103 -14.42 0.08 9.76
CA ASN A 103 -14.44 -1.36 9.39
C ASN A 103 -15.86 -1.78 9.01
N SER A 104 -15.98 -3.00 8.51
CA SER A 104 -17.29 -3.56 8.21
C SER A 104 -18.08 -3.86 9.50
N ASP A 105 -19.35 -4.24 9.32
CA ASP A 105 -20.36 -4.40 10.39
C ASP A 105 -19.80 -5.31 11.45
N GLY A 106 -19.83 -4.85 12.69
CA GLY A 106 -19.40 -5.66 13.81
C GLY A 106 -20.22 -6.95 14.03
N ARG A 107 -21.42 -6.98 13.54
CA ARG A 107 -22.27 -8.20 13.63
C ARG A 107 -21.60 -9.33 12.84
N LEU A 108 -20.83 -8.99 11.81
CA LEU A 108 -20.24 -10.01 10.88
C LEU A 108 -18.78 -10.34 11.25
N ALA A 109 -18.23 -9.68 12.25
CA ALA A 109 -16.83 -9.95 12.71
C ALA A 109 -16.67 -11.30 13.27
N GLY A 110 -15.52 -11.86 12.93
CA GLY A 110 -15.14 -13.18 13.41
C GLY A 110 -15.65 -14.32 12.60
N ARG A 111 -16.43 -14.05 11.58
CA ARG A 111 -16.92 -15.12 10.68
C ARG A 111 -15.86 -15.40 9.66
N SER A 112 -15.60 -16.72 9.47
CA SER A 112 -14.46 -17.06 8.63
C SER A 112 -14.61 -16.69 7.22
N GLU A 113 -15.86 -16.63 6.70
CA GLU A 113 -16.09 -16.31 5.29
C GLU A 113 -16.66 -14.92 5.04
N ALA A 114 -16.37 -14.05 5.99
CA ALA A 114 -16.80 -12.65 5.85
C ALA A 114 -16.02 -11.89 4.86
N ALA A 115 -16.57 -10.86 4.25
CA ALA A 115 -15.88 -9.98 3.34
C ALA A 115 -15.51 -8.66 4.03
N GLN A 116 -14.31 -8.19 3.76
CA GLN A 116 -13.91 -6.84 4.14
C GLN A 116 -13.87 -6.63 5.68
N GLN A 117 -13.60 -7.68 6.41
CA GLN A 117 -13.36 -7.56 7.83
C GLN A 117 -11.84 -7.30 7.96
N VAL A 118 -11.49 -6.07 8.21
CA VAL A 118 -10.10 -5.62 8.11
C VAL A 118 -9.37 -6.02 9.37
N PRO A 119 -8.19 -6.67 9.19
CA PRO A 119 -7.36 -7.07 10.32
C PRO A 119 -6.62 -5.86 10.93
N TRP A 120 -7.31 -5.12 11.76
CA TRP A 120 -6.77 -3.97 12.45
C TRP A 120 -5.54 -4.32 13.31
N GLN A 121 -5.38 -5.61 13.73
N GLN A 121 -5.42 -5.62 13.71
CA GLN A 121 -4.21 -5.96 14.53
CA GLN A 121 -4.29 -6.09 14.45
C GLN A 121 -2.94 -5.95 13.66
C GLN A 121 -2.99 -5.89 13.66
N SER A 122 -3.08 -5.79 12.33
CA SER A 122 -1.89 -5.57 11.52
C SER A 122 -1.21 -4.23 11.79
N PHE A 123 -1.90 -3.28 12.42
CA PHE A 123 -1.34 -2.00 12.82
C PHE A 123 -0.69 -1.99 14.15
N THR A 124 -0.94 -3.01 14.98
CA THR A 124 -0.38 -3.03 16.30
C THR A 124 1.16 -2.88 16.36
N PRO A 125 1.95 -3.47 15.47
CA PRO A 125 3.38 -3.28 15.48
C PRO A 125 3.85 -2.03 14.89
N ILE A 126 2.98 -1.18 14.36
CA ILE A 126 3.31 0.03 13.59
C ILE A 126 2.87 1.29 14.31
N ALA A 127 1.58 1.44 14.56
CA ALA A 127 1.06 2.68 15.18
C ALA A 127 1.59 2.81 16.62
N ARG A 128 1.76 4.05 17.07
CA ARG A 128 2.05 4.26 18.49
CA ARG A 128 2.02 4.26 18.51
C ARG A 128 0.83 3.92 19.37
N SER A 129 -0.38 3.99 18.81
CA SER A 129 -1.61 3.57 19.48
C SER A 129 -2.53 2.90 18.46
N THR A 130 -2.95 1.67 18.75
CA THR A 130 -3.96 0.97 17.96
C THR A 130 -5.16 0.68 18.83
N GLN A 131 -6.35 1.18 18.44
CA GLN A 131 -7.55 0.94 19.18
C GLN A 131 -8.64 0.37 18.34
N ARG A 132 -9.30 -0.68 18.75
CA ARG A 132 -10.53 -1.14 18.11
C ARG A 132 -11.67 -0.72 19.03
N VAL A 133 -12.58 0.05 18.54
CA VAL A 133 -13.71 0.58 19.30
C VAL A 133 -14.84 -0.45 19.21
N GLU A 134 -15.32 -0.92 20.37
CA GLU A 134 -16.37 -1.92 20.41
C GLU A 134 -17.79 -1.35 20.62
N ARG A 135 -17.84 -0.11 21.13
CA ARG A 135 -19.07 0.47 21.70
C ARG A 135 -19.20 1.93 21.20
N LEU A 136 -20.42 2.32 20.83
CA LEU A 136 -20.67 3.71 20.39
C LEU A 136 -20.26 4.73 21.45
N ASP A 137 -20.51 4.44 22.72
CA ASP A 137 -20.18 5.42 23.76
C ASP A 137 -18.70 5.59 24.04
N LYS A 138 -17.83 4.82 23.32
CA LYS A 138 -16.42 4.99 23.40
C LYS A 138 -15.78 5.74 22.25
N VAL A 139 -16.60 6.16 21.29
N VAL A 139 -16.59 6.15 21.27
CA VAL A 139 -16.08 6.77 20.04
CA VAL A 139 -16.02 6.77 20.06
C VAL A 139 -15.34 8.09 20.34
C VAL A 139 -15.29 8.09 20.39
N GLY A 140 -15.92 8.97 21.18
CA GLY A 140 -15.23 10.19 21.55
C GLY A 140 -13.99 10.00 22.33
N GLU A 141 -14.07 9.11 23.33
CA GLU A 141 -12.98 8.77 24.17
C GLU A 141 -11.78 8.23 23.34
N ALA A 142 -12.12 7.35 22.37
CA ALA A 142 -11.02 6.77 21.53
C ALA A 142 -10.31 7.85 20.70
N ILE A 143 -11.06 8.75 20.12
CA ILE A 143 -10.45 9.81 19.30
C ILE A 143 -9.67 10.73 20.17
N HIS A 144 -10.17 11.08 21.38
CA HIS A 144 -9.37 11.89 22.30
C HIS A 144 -8.02 11.23 22.63
N GLU A 145 -8.03 9.92 22.93
CA GLU A 145 -6.79 9.18 23.19
C GLU A 145 -5.85 9.15 22.00
N ALA A 146 -6.41 9.01 20.79
CA ALA A 146 -5.55 8.98 19.61
C ALA A 146 -4.79 10.26 19.48
N PHE A 147 -5.44 11.40 19.62
CA PHE A 147 -4.74 12.69 19.55
C PHE A 147 -3.70 12.86 20.63
N ARG A 148 -4.04 12.45 21.86
CA ARG A 148 -3.07 12.53 22.97
C ARG A 148 -1.83 11.77 22.71
N VAL A 149 -1.95 10.57 22.13
CA VAL A 149 -0.79 9.77 21.81
C VAL A 149 -0.01 10.34 20.59
N ALA A 150 -0.75 10.70 19.56
CA ALA A 150 -0.14 11.21 18.33
C ALA A 150 0.72 12.43 18.57
N GLU A 151 0.24 13.35 19.41
CA GLU A 151 0.89 14.62 19.65
C GLU A 151 1.76 14.63 20.88
N GLY A 152 2.08 13.48 21.43
CA GLY A 152 3.02 13.41 22.51
C GLY A 152 4.45 13.50 22.13
N HIS A 153 5.32 13.11 23.11
CA HIS A 153 6.75 13.03 22.91
C HIS A 153 7.13 11.59 23.25
N PRO A 154 7.43 10.70 22.26
CA PRO A 154 7.58 11.05 20.84
C PRO A 154 6.20 11.21 20.11
N ALA A 155 6.17 12.05 19.10
CA ALA A 155 5.02 12.10 18.24
C ALA A 155 4.92 10.82 17.37
N GLY A 156 3.71 10.56 16.82
CA GLY A 156 3.56 9.45 15.93
C GLY A 156 2.13 9.19 15.52
N PRO A 157 1.90 8.09 14.82
CA PRO A 157 0.59 7.72 14.30
C PRO A 157 -0.26 7.01 15.33
N ALA A 158 -1.57 7.26 15.23
CA ALA A 158 -2.58 6.59 16.03
C ALA A 158 -3.67 6.12 15.12
N TYR A 159 -4.05 4.85 15.21
CA TYR A 159 -5.08 4.23 14.35
C TYR A 159 -6.25 3.88 15.21
N VAL A 160 -7.46 4.26 14.74
CA VAL A 160 -8.73 3.97 15.46
C VAL A 160 -9.60 3.17 14.48
N ASP A 161 -9.95 1.93 14.83
CA ASP A 161 -10.80 1.09 13.98
C ASP A 161 -12.18 1.07 14.60
N ILE A 162 -13.15 1.50 13.79
CA ILE A 162 -14.54 1.67 14.25
C ILE A 162 -15.47 0.86 13.31
N PRO A 163 -16.08 -0.23 13.77
CA PRO A 163 -17.04 -0.95 12.89
C PRO A 163 -18.17 0.00 12.46
N PHE A 164 -18.53 0.02 11.19
CA PHE A 164 -19.30 1.16 10.70
C PHE A 164 -20.72 1.18 11.17
N ASP A 165 -21.29 0.08 11.63
CA ASP A 165 -22.56 0.12 12.29
C ASP A 165 -22.60 1.11 13.39
N LEU A 166 -21.54 1.32 14.13
CA LEU A 166 -21.54 2.32 15.21
C LEU A 166 -21.64 3.70 14.65
N THR A 167 -21.20 3.96 13.41
CA THR A 167 -21.33 5.27 12.84
C THR A 167 -22.77 5.62 12.37
N ALA A 168 -23.60 4.58 12.13
CA ALA A 168 -25.02 4.74 11.83
C ALA A 168 -25.87 4.78 13.06
N ASP A 169 -25.49 4.08 14.11
CA ASP A 169 -26.23 4.01 15.35
C ASP A 169 -26.23 5.40 15.98
N GLN A 170 -27.21 5.60 16.88
CA GLN A 170 -27.44 6.88 17.48
C GLN A 170 -27.44 6.76 19.03
N ILE A 171 -27.10 7.84 19.72
CA ILE A 171 -27.03 7.81 21.22
C ILE A 171 -27.19 9.23 21.71
N ASP A 172 -27.71 9.40 22.93
CA ASP A 172 -27.67 10.72 23.48
C ASP A 172 -26.21 11.17 23.77
N ASP A 173 -25.88 12.35 23.35
CA ASP A 173 -24.52 12.85 23.33
C ASP A 173 -23.97 13.50 24.57
N LYS A 174 -24.73 13.55 25.68
CA LYS A 174 -24.26 14.34 26.82
C LYS A 174 -22.89 13.79 27.27
N ALA A 175 -21.92 14.68 27.30
CA ALA A 175 -20.53 14.41 27.78
C ALA A 175 -19.74 13.38 26.98
N LEU A 176 -20.27 12.93 25.86
CA LEU A 176 -19.66 11.80 25.13
C LEU A 176 -18.33 12.17 24.45
N VAL A 177 -18.25 13.35 23.84
CA VAL A 177 -17.05 13.85 23.27
C VAL A 177 -16.32 14.68 24.34
N PRO A 178 -15.12 14.25 24.84
CA PRO A 178 -14.49 14.97 25.94
C PRO A 178 -14.07 16.37 25.52
N ARG A 179 -14.50 17.39 26.24
N ARG A 179 -14.60 17.38 26.23
CA ARG A 179 -14.14 18.77 25.96
CA ARG A 179 -14.29 18.84 26.09
C ARG A 179 -13.44 19.39 27.17
C ARG A 179 -13.38 19.37 27.21
N GLY A 180 -12.74 20.49 26.92
CA GLY A 180 -11.99 21.19 27.93
C GLY A 180 -10.64 20.64 28.23
N ALA A 181 -10.13 19.81 27.35
CA ALA A 181 -8.82 19.16 27.60
C ALA A 181 -7.73 20.26 27.64
N THR A 182 -6.77 20.12 28.55
CA THR A 182 -5.57 21.04 28.65
C THR A 182 -4.37 20.13 28.42
N ARG A 183 -3.30 20.67 27.82
CA ARG A 183 -1.99 20.00 27.65
C ARG A 183 -0.99 20.60 28.68
N ALA A 184 -0.09 19.79 29.20
CA ALA A 184 1.04 20.31 29.91
C ALA A 184 1.95 21.03 28.92
N LYS A 185 2.62 22.09 29.43
CA LYS A 185 3.69 22.74 28.64
C LYS A 185 4.80 21.71 28.33
N SER A 186 5.51 21.95 27.20
CA SER A 186 6.66 21.14 26.89
C SER A 186 7.99 21.88 27.13
N VAL A 187 7.95 22.94 27.95
CA VAL A 187 9.09 23.74 28.30
C VAL A 187 9.73 23.18 29.57
N LEU A 188 10.20 21.93 29.46
CA LEU A 188 10.89 21.28 30.50
C LEU A 188 12.26 21.92 30.76
N HIS A 189 12.54 22.27 32.03
CA HIS A 189 13.77 22.96 32.43
C HIS A 189 14.72 21.93 33.06
N ALA A 190 16.03 22.06 32.75
CA ALA A 190 17.05 21.22 33.31
C ALA A 190 17.46 21.69 34.69
N PRO A 191 18.05 20.79 35.50
CA PRO A 191 18.61 21.32 36.75
C PRO A 191 19.85 22.16 36.50
N ASN A 192 20.11 23.11 37.41
CA ASN A 192 21.23 24.03 37.27
C ASN A 192 22.56 23.37 37.13
N GLU A 193 22.78 22.30 37.81
CA GLU A 193 24.11 21.72 37.73
C GLU A 193 24.34 21.07 36.34
N ASP A 194 23.26 20.63 35.66
CA ASP A 194 23.42 20.14 34.27
C ASP A 194 23.70 21.26 33.33
N VAL A 195 23.04 22.40 33.52
CA VAL A 195 23.30 23.57 32.75
C VAL A 195 24.73 24.04 32.90
N ARG A 196 25.18 24.16 34.17
CA ARG A 196 26.53 24.62 34.42
C ARG A 196 27.55 23.67 33.87
N GLU A 197 27.34 22.35 33.96
N GLU A 197 27.35 22.37 33.91
CA GLU A 197 28.26 21.36 33.40
CA GLU A 197 28.35 21.46 33.38
C GLU A 197 28.39 21.63 31.89
C GLU A 197 28.40 21.48 31.87
N ALA A 198 27.23 21.62 31.23
CA ALA A 198 27.23 21.85 29.76
C ALA A 198 27.91 23.13 29.32
N ALA A 199 27.64 24.24 30.02
CA ALA A 199 28.33 25.48 29.75
C ALA A 199 29.84 25.39 29.92
N ALA A 200 30.27 24.73 30.99
CA ALA A 200 31.73 24.59 31.27
C ALA A 200 32.40 23.81 30.15
N GLN A 201 31.70 22.76 29.69
CA GLN A 201 32.26 21.97 28.55
C GLN A 201 32.34 22.77 27.29
N LEU A 202 31.32 23.53 26.98
CA LEU A 202 31.31 24.31 25.77
C LEU A 202 32.44 25.31 25.74
N VAL A 203 32.64 25.99 26.90
CA VAL A 203 33.73 26.98 27.02
C VAL A 203 35.09 26.37 27.00
N ALA A 204 35.27 25.22 27.61
CA ALA A 204 36.58 24.57 27.73
C ALA A 204 37.03 23.92 26.37
N ALA A 205 36.09 23.57 25.50
CA ALA A 205 36.43 22.88 24.29
C ALA A 205 37.29 23.71 23.39
N LYS A 206 38.20 23.06 22.69
CA LYS A 206 39.01 23.72 21.64
C LYS A 206 38.33 23.87 20.27
N ASN A 207 37.51 22.85 20.00
CA ASN A 207 36.79 22.74 18.72
C ASN A 207 35.36 22.24 18.92
N PRO A 208 34.54 23.00 19.66
CA PRO A 208 33.15 22.57 19.95
C PRO A 208 32.29 22.60 18.67
N VAL A 209 31.18 21.88 18.79
CA VAL A 209 30.10 21.97 17.80
C VAL A 209 28.78 21.89 18.50
N ILE A 210 27.77 22.65 18.04
CA ILE A 210 26.37 22.43 18.45
C ILE A 210 25.69 21.63 17.33
N LEU A 211 25.09 20.49 17.67
CA LEU A 211 24.35 19.66 16.71
C LEU A 211 22.88 19.84 17.02
N ALA A 212 22.16 20.46 16.09
CA ALA A 212 20.75 20.75 16.27
C ALA A 212 19.95 19.85 15.34
N GLY A 213 19.06 19.07 15.94
CA GLY A 213 18.17 18.21 15.16
C GLY A 213 16.76 18.70 15.03
N GLY A 214 15.86 17.87 14.61
CA GLY A 214 14.48 18.23 14.40
C GLY A 214 13.75 18.66 15.65
N GLY A 215 14.20 18.23 16.81
CA GLY A 215 13.62 18.72 18.04
C GLY A 215 13.82 20.20 18.26
N VAL A 216 14.89 20.80 17.73
CA VAL A 216 15.05 22.29 17.83
C VAL A 216 13.93 22.93 17.01
N ALA A 217 13.55 22.34 15.87
CA ALA A 217 12.41 22.84 15.11
C ALA A 217 11.09 22.68 15.87
N ARG A 218 10.86 21.52 16.45
CA ARG A 218 9.60 21.31 17.19
C ARG A 218 9.56 22.26 18.39
N SER A 219 10.72 22.51 19.03
CA SER A 219 10.80 23.36 20.22
C SER A 219 10.62 24.83 19.86
N GLY A 220 10.86 25.21 18.63
CA GLY A 220 10.87 26.67 18.31
C GLY A 220 12.13 27.38 18.72
N GLY A 221 13.26 26.68 18.73
CA GLY A 221 14.48 27.22 19.30
C GLY A 221 15.47 27.98 18.41
N SER A 222 15.01 28.43 17.23
CA SER A 222 15.90 29.12 16.27
C SER A 222 16.54 30.35 16.87
N GLU A 223 15.75 31.21 17.51
N GLU A 223 15.76 31.20 17.52
CA GLU A 223 16.34 32.47 18.06
CA GLU A 223 16.33 32.46 18.03
C GLU A 223 17.39 32.21 19.11
C GLU A 223 17.38 32.21 19.12
N ALA A 224 17.08 31.31 20.04
CA ALA A 224 17.99 30.98 21.09
C ALA A 224 19.29 30.33 20.55
N LEU A 225 19.15 29.48 19.51
CA LEU A 225 20.30 28.83 18.93
C LEU A 225 21.25 29.88 18.27
N LEU A 226 20.69 30.85 17.58
CA LEU A 226 21.52 31.88 16.93
C LEU A 226 22.28 32.69 17.98
N LYS A 227 21.54 33.04 19.04
CA LYS A 227 22.20 33.76 20.16
C LYS A 227 23.27 32.96 20.80
N LEU A 228 23.01 31.69 21.15
CA LEU A 228 23.95 30.87 21.84
C LEU A 228 25.20 30.63 20.96
N ALA A 229 24.99 30.28 19.66
CA ALA A 229 26.14 30.00 18.81
C ALA A 229 27.05 31.28 18.68
N GLU A 230 26.43 32.42 18.52
CA GLU A 230 27.23 33.69 18.42
C GLU A 230 27.89 34.02 19.75
N MET A 231 27.24 33.77 20.87
CA MET A 231 27.82 34.14 22.19
C MET A 231 29.01 33.31 22.50
N VAL A 232 28.96 31.98 22.32
CA VAL A 232 30.05 31.07 22.59
C VAL A 232 31.05 31.01 21.45
N GLY A 233 30.63 31.30 20.20
CA GLY A 233 31.44 31.28 18.98
C GLY A 233 31.68 29.82 18.57
N VAL A 234 30.57 29.12 18.27
CA VAL A 234 30.58 27.66 18.07
CA VAL A 234 30.64 27.68 18.01
C VAL A 234 29.88 27.35 16.71
N PRO A 235 30.55 26.63 15.77
CA PRO A 235 29.86 26.17 14.53
C PRO A 235 28.64 25.27 14.89
N VAL A 236 27.66 25.37 13.98
CA VAL A 236 26.39 24.66 14.06
C VAL A 236 26.33 23.63 12.92
N VAL A 237 26.07 22.40 13.36
CA VAL A 237 25.75 21.29 12.44
C VAL A 237 24.32 20.88 12.69
N THR A 238 23.59 20.49 11.65
CA THR A 238 22.24 19.97 11.85
C THR A 238 22.10 18.54 11.40
N THR A 239 20.97 17.91 11.79
CA THR A 239 20.41 16.76 11.05
C THR A 239 19.60 17.26 9.89
N SER A 240 19.17 16.36 9.07
CA SER A 240 18.32 16.75 7.91
C SER A 240 16.99 17.27 8.27
N THR A 241 16.43 16.86 9.43
CA THR A 241 15.16 17.46 9.92
C THR A 241 15.39 18.75 10.70
N GLY A 242 16.63 19.00 11.14
CA GLY A 242 17.02 20.27 11.83
C GLY A 242 17.47 21.36 10.83
N ALA A 243 17.85 20.99 9.61
CA ALA A 243 18.34 22.00 8.63
C ALA A 243 17.34 23.14 8.57
N GLY A 244 17.81 24.37 8.61
CA GLY A 244 17.02 25.56 8.61
C GLY A 244 16.73 26.17 9.95
N VAL A 245 16.98 25.48 11.02
CA VAL A 245 16.81 26.09 12.34
C VAL A 245 17.93 27.09 12.58
N PHE A 246 19.01 26.99 11.84
CA PHE A 246 20.14 27.95 11.88
C PHE A 246 20.35 28.49 10.46
N PRO A 247 20.40 29.78 10.27
CA PRO A 247 20.42 30.30 8.88
C PRO A 247 21.66 29.77 8.15
N GLU A 248 21.44 29.10 7.01
CA GLU A 248 22.48 28.34 6.36
C GLU A 248 23.45 29.21 5.57
N THR A 249 23.18 30.52 5.49
CA THR A 249 24.18 31.42 4.99
C THR A 249 25.07 32.05 6.06
N HIS A 250 24.88 31.73 7.35
CA HIS A 250 25.72 32.34 8.42
C HIS A 250 27.12 31.74 8.32
N ALA A 251 28.14 32.52 8.80
CA ALA A 251 29.49 32.07 8.82
C ALA A 251 29.76 30.82 9.63
N LEU A 252 28.96 30.63 10.67
CA LEU A 252 29.07 29.49 11.56
C LEU A 252 28.27 28.23 11.09
N ALA A 253 27.53 28.41 10.01
CA ALA A 253 26.66 27.30 9.51
C ALA A 253 27.51 26.27 8.74
N MET A 254 27.64 25.06 9.24
CA MET A 254 28.28 23.96 8.54
C MET A 254 27.33 23.07 7.72
N GLY A 255 26.06 23.26 7.86
CA GLY A 255 25.09 22.42 7.19
C GLY A 255 24.79 21.14 7.97
N SER A 256 24.20 20.15 7.27
CA SER A 256 23.81 18.90 7.91
C SER A 256 24.89 17.89 7.82
N ALA A 257 25.18 17.17 8.89
CA ALA A 257 26.03 15.99 8.87
C ALA A 257 25.22 14.81 8.38
N GLY A 258 25.96 13.81 7.93
CA GLY A 258 25.44 12.51 7.53
C GLY A 258 25.83 12.16 6.13
N PHE A 259 25.35 10.99 5.69
N PHE A 259 25.45 10.95 5.71
CA PHE A 259 25.81 10.44 4.38
CA PHE A 259 26.00 10.44 4.45
C PHE A 259 25.24 11.08 3.13
C PHE A 259 25.38 11.08 3.20
N CYS A 260 24.14 11.83 3.23
N CYS A 260 24.36 11.92 3.38
CA CYS A 260 23.72 12.71 2.15
CA CYS A 260 23.74 12.65 2.32
C CYS A 260 23.84 14.18 2.51
C CYS A 260 23.82 14.16 2.58
N GLY A 261 24.68 14.51 3.51
CA GLY A 261 24.79 15.87 4.02
C GLY A 261 25.92 16.65 3.37
N TRP A 262 26.33 17.69 4.07
CA TRP A 262 27.35 18.65 3.56
C TRP A 262 28.69 18.26 4.10
N LYS A 263 29.74 18.23 3.26
CA LYS A 263 31.04 17.78 3.73
C LYS A 263 31.60 18.74 4.79
N SER A 264 31.20 20.02 4.72
CA SER A 264 31.66 20.91 5.81
C SER A 264 31.23 20.44 7.23
N ALA A 265 30.01 19.91 7.30
CA ALA A 265 29.48 19.37 8.52
C ALA A 265 30.14 18.09 8.93
N ASN A 266 30.43 17.16 7.95
CA ASN A 266 31.12 15.97 8.30
C ASN A 266 32.59 16.24 8.72
N ASP A 267 33.20 17.19 8.06
CA ASP A 267 34.57 17.65 8.42
C ASP A 267 34.55 18.16 9.83
N MET A 268 33.59 18.99 10.15
CA MET A 268 33.54 19.59 11.50
C MET A 268 33.28 18.57 12.58
N MET A 269 32.38 17.59 12.30
CA MET A 269 32.21 16.50 13.25
C MET A 269 33.44 15.64 13.49
N ALA A 270 34.23 15.47 12.45
CA ALA A 270 35.49 14.68 12.53
C ALA A 270 36.55 15.50 13.27
N ALA A 271 36.47 16.79 13.32
CA ALA A 271 37.47 17.68 13.96
C ALA A 271 37.09 18.02 15.37
N ALA A 272 35.86 17.83 15.76
CA ALA A 272 35.36 18.40 17.02
C ALA A 272 35.84 17.60 18.25
N ASP A 273 36.12 18.31 19.36
CA ASP A 273 36.41 17.66 20.60
C ASP A 273 35.29 17.59 21.59
N PHE A 274 34.14 18.25 21.28
CA PHE A 274 33.01 18.22 22.16
C PHE A 274 31.80 18.63 21.30
N VAL A 275 30.69 17.91 21.54
CA VAL A 275 29.44 18.26 20.86
C VAL A 275 28.33 18.45 21.90
N LEU A 276 27.50 19.52 21.71
CA LEU A 276 26.25 19.67 22.42
C LEU A 276 25.17 19.27 21.45
N VAL A 277 24.51 18.19 21.76
CA VAL A 277 23.40 17.60 20.87
C VAL A 277 22.05 18.04 21.46
N LEU A 278 21.25 18.76 20.64
CA LEU A 278 19.98 19.30 20.99
C LEU A 278 18.92 18.73 20.08
N GLY A 279 17.98 17.99 20.59
CA GLY A 279 16.84 17.54 19.80
C GLY A 279 17.20 16.66 18.57
N SER A 280 18.11 15.71 18.78
CA SER A 280 18.43 14.69 17.77
C SER A 280 18.33 13.31 18.39
N ARG A 281 17.84 12.34 17.61
CA ARG A 281 17.83 10.96 18.05
C ARG A 281 19.04 10.16 17.59
N LEU A 282 20.03 10.83 16.96
CA LEU A 282 21.27 10.15 16.55
C LEU A 282 21.00 8.84 15.82
N SER A 283 20.22 8.95 14.73
CA SER A 283 19.63 7.80 14.11
C SER A 283 20.51 7.14 13.07
N ASP A 284 20.09 5.93 12.71
CA ASP A 284 20.82 5.06 11.79
C ASP A 284 21.20 5.70 10.45
N TRP A 285 20.20 6.28 9.76
CA TRP A 285 20.47 6.97 8.50
C TRP A 285 20.66 8.45 8.68
N GLY A 286 20.74 8.91 9.94
CA GLY A 286 21.12 10.24 10.33
C GLY A 286 22.55 10.26 10.85
N ILE A 287 22.71 10.85 12.04
CA ILE A 287 24.08 11.08 12.55
C ILE A 287 24.87 9.77 12.71
N ALA A 288 24.24 8.68 13.05
CA ALA A 288 24.92 7.38 13.29
C ALA A 288 25.56 6.79 12.05
N GLN A 289 25.02 7.14 10.88
CA GLN A 289 25.51 6.55 9.64
C GLN A 289 25.70 5.01 9.69
N GLY A 290 24.65 4.29 10.06
CA GLY A 290 24.75 2.88 10.19
C GLY A 290 25.49 2.40 11.41
N TYR A 291 25.51 3.26 12.43
CA TYR A 291 26.16 2.92 13.71
C TYR A 291 27.67 2.85 13.56
N ILE A 292 28.22 3.58 12.62
CA ILE A 292 29.64 3.67 12.36
C ILE A 292 30.22 4.97 12.90
N THR A 293 29.47 6.06 12.87
CA THR A 293 30.05 7.37 13.28
C THR A 293 30.63 7.28 14.69
N LYS A 294 31.81 7.83 14.83
CA LYS A 294 32.44 8.00 16.12
C LYS A 294 32.15 9.35 16.70
N MET A 295 31.26 9.40 17.66
CA MET A 295 30.86 10.67 18.35
C MET A 295 32.02 11.16 19.23
N PRO A 296 32.36 12.43 19.16
CA PRO A 296 33.19 13.04 20.20
C PRO A 296 32.48 12.95 21.58
N LYS A 297 33.14 13.26 22.70
CA LYS A 297 32.47 13.49 23.95
C LYS A 297 31.29 14.48 23.73
N PHE A 298 30.14 14.14 24.30
CA PHE A 298 28.95 14.94 24.04
C PHE A 298 27.99 15.02 25.19
N VAL A 299 27.26 16.14 25.26
CA VAL A 299 26.08 16.30 26.11
C VAL A 299 24.85 16.14 25.21
N HIS A 300 23.85 15.40 25.67
CA HIS A 300 22.65 15.01 24.88
C HIS A 300 21.43 15.51 25.60
N VAL A 301 20.70 16.39 24.95
CA VAL A 301 19.49 17.05 25.53
C VAL A 301 18.25 16.71 24.71
N ASP A 302 17.24 16.13 25.28
CA ASP A 302 16.05 15.67 24.53
C ASP A 302 14.86 15.71 25.48
N THR A 303 13.66 15.82 24.94
CA THR A 303 12.45 15.67 25.73
C THR A 303 12.04 14.18 25.85
N ASP A 304 12.59 13.27 25.06
CA ASP A 304 12.23 11.83 25.13
C ASP A 304 13.38 11.07 25.69
N PRO A 305 13.24 10.65 26.97
CA PRO A 305 14.30 9.85 27.54
C PRO A 305 14.68 8.60 26.89
N ALA A 306 13.77 8.06 26.08
CA ALA A 306 14.16 6.82 25.38
C ALA A 306 15.20 6.98 24.36
N VAL A 307 15.47 8.19 23.83
CA VAL A 307 16.53 8.37 22.86
C VAL A 307 17.89 8.52 23.50
N LEU A 308 17.89 8.93 24.80
CA LEU A 308 19.12 9.27 25.48
C LEU A 308 19.85 8.04 25.96
N GLY A 309 21.02 7.79 25.43
CA GLY A 309 21.87 6.70 25.80
C GLY A 309 21.41 5.34 25.24
N THR A 310 20.57 5.30 24.21
CA THR A 310 20.17 4.04 23.62
C THR A 310 21.35 3.35 22.90
N PHE A 311 22.25 4.14 22.31
CA PHE A 311 23.36 3.61 21.54
C PHE A 311 24.62 4.36 21.78
N TYR A 312 24.61 5.66 21.59
CA TYR A 312 25.74 6.53 21.90
C TYR A 312 25.68 6.98 23.33
N PHE A 313 26.73 6.68 24.10
CA PHE A 313 26.69 6.98 25.55
C PHE A 313 27.28 8.38 25.76
N PRO A 314 26.46 9.33 26.26
CA PRO A 314 26.92 10.73 26.41
C PRO A 314 27.79 10.87 27.70
N LEU A 315 28.53 11.96 27.74
CA LEU A 315 29.12 12.51 28.99
C LEU A 315 27.99 12.78 29.95
N LEU A 316 26.87 13.36 29.48
CA LEU A 316 25.76 13.79 30.31
C LEU A 316 24.51 13.74 29.44
N SER A 317 23.47 13.15 29.98
CA SER A 317 22.14 13.08 29.33
C SER A 317 21.21 14.01 30.14
N VAL A 318 20.41 14.80 29.47
CA VAL A 318 19.52 15.81 30.06
C VAL A 318 18.14 15.69 29.47
N VAL A 319 17.09 15.57 30.27
CA VAL A 319 15.70 15.61 29.82
C VAL A 319 15.31 17.07 29.90
N ALA A 320 15.18 17.74 28.76
CA ALA A 320 14.79 19.14 28.77
C ALA A 320 14.36 19.54 27.34
N ASP A 321 13.56 20.59 27.30
CA ASP A 321 13.20 21.20 26.05
C ASP A 321 14.39 21.92 25.47
N ALA A 322 14.59 21.84 24.16
CA ALA A 322 15.75 22.43 23.52
C ALA A 322 15.84 23.91 23.64
N LYS A 323 14.80 24.66 23.26
CA LYS A 323 14.80 26.11 23.38
C LYS A 323 15.10 26.54 24.84
N THR A 324 14.44 25.86 25.78
CA THR A 324 14.55 26.16 27.22
C THR A 324 15.98 25.94 27.66
N PHE A 325 16.57 24.81 27.30
CA PHE A 325 17.97 24.52 27.69
C PHE A 325 18.91 25.55 27.15
N MET A 326 18.73 25.93 25.89
CA MET A 326 19.61 27.00 25.35
C MET A 326 19.45 28.33 26.07
N GLU A 327 18.25 28.68 26.46
CA GLU A 327 17.99 29.92 27.21
C GLU A 327 18.65 29.80 28.61
N GLN A 328 18.61 28.64 29.21
CA GLN A 328 19.26 28.43 30.49
C GLN A 328 20.75 28.58 30.33
N LEU A 329 21.33 28.05 29.24
CA LEU A 329 22.75 28.20 28.99
C LEU A 329 23.14 29.66 28.79
N ILE A 330 22.39 30.40 28.00
CA ILE A 330 22.69 31.82 27.79
C ILE A 330 22.71 32.56 29.13
N GLU A 331 21.85 32.19 30.05
CA GLU A 331 21.81 32.89 31.34
C GLU A 331 23.06 32.53 32.20
N VAL A 332 23.53 31.31 32.14
CA VAL A 332 24.62 30.81 32.97
C VAL A 332 26.01 31.14 32.45
N LEU A 333 26.14 31.37 31.16
CA LEU A 333 27.44 31.52 30.54
C LEU A 333 28.24 32.69 31.09
N PRO A 334 27.65 33.85 31.36
CA PRO A 334 28.54 34.94 31.90
C PRO A 334 29.16 34.65 33.22
N GLY A 335 28.60 33.78 34.04
CA GLY A 335 29.20 33.33 35.31
C GLY A 335 29.84 31.98 35.22
N THR A 336 30.19 31.56 34.00
CA THR A 336 30.94 30.32 33.87
C THR A 336 32.44 30.57 33.80
N SER A 337 33.20 29.83 34.60
CA SER A 337 34.67 30.06 34.64
C SER A 337 35.26 29.92 33.23
N GLY A 338 36.07 30.88 32.82
CA GLY A 338 36.69 30.82 31.51
C GLY A 338 35.94 31.52 30.41
N PHE A 339 34.68 31.85 30.63
CA PHE A 339 33.88 32.53 29.63
C PHE A 339 34.37 33.96 29.45
N LYS A 340 34.63 34.37 28.23
CA LYS A 340 34.80 35.79 27.88
C LYS A 340 33.97 36.16 26.68
N ALA A 341 33.38 37.31 26.73
CA ALA A 341 32.58 37.84 25.66
C ALA A 341 33.50 38.36 24.54
N VAL A 342 33.64 37.62 23.46
CA VAL A 342 34.51 37.92 22.31
C VAL A 342 33.60 37.71 21.05
N ARG A 343 33.81 38.50 20.01
CA ARG A 343 32.97 38.37 18.78
C ARG A 343 33.35 37.00 18.19
N TYR A 344 32.36 36.29 17.63
CA TYR A 344 32.65 34.91 17.19
C TYR A 344 33.74 34.85 16.12
N GLN A 345 33.80 35.90 15.31
CA GLN A 345 34.88 35.97 14.30
C GLN A 345 36.28 36.07 14.84
N GLU A 346 36.44 36.44 16.09
CA GLU A 346 37.75 36.47 16.71
C GLU A 346 38.08 35.35 17.62
N ARG A 347 37.24 34.31 17.66
CA ARG A 347 37.56 33.10 18.38
C ARG A 347 38.58 32.28 17.64
N GLU A 348 39.31 31.50 18.40
CA GLU A 348 40.45 30.71 17.81
C GLU A 348 39.96 29.61 16.87
N ASN A 349 38.70 29.16 17.03
CA ASN A 349 38.13 28.02 16.24
C ASN A 349 37.46 28.50 14.94
N PHE A 350 37.27 29.81 14.76
CA PHE A 350 36.55 30.37 13.64
C PHE A 350 37.19 30.02 12.31
N ARG A 351 38.49 30.17 12.19
CA ARG A 351 39.08 29.99 10.89
C ARG A 351 38.91 28.57 10.39
N GLN A 352 39.13 27.60 11.23
CA GLN A 352 38.93 26.20 10.84
C GLN A 352 37.53 25.96 10.26
N ALA A 353 36.51 26.43 10.97
CA ALA A 353 35.10 26.19 10.53
C ALA A 353 34.85 26.86 9.21
N THR A 354 35.28 28.13 9.05
CA THR A 354 35.08 28.87 7.80
C THR A 354 35.85 28.16 6.61
N GLU A 355 36.96 27.54 6.88
CA GLU A 355 37.72 26.80 5.86
C GLU A 355 36.95 25.55 5.42
N PHE A 356 36.35 24.85 6.40
CA PHE A 356 35.54 23.70 6.01
C PHE A 356 34.39 24.15 5.16
N ARG A 357 33.68 25.21 5.53
CA ARG A 357 32.53 25.66 4.75
C ARG A 357 32.93 26.13 3.34
N ALA A 358 34.05 26.86 3.30
CA ALA A 358 34.53 27.32 1.99
C ALA A 358 34.91 26.21 1.06
N ALA A 359 35.49 25.16 1.59
CA ALA A 359 35.83 24.01 0.72
C ALA A 359 34.58 23.35 0.14
N TRP A 360 33.58 23.18 1.02
CA TRP A 360 32.32 22.63 0.58
C TRP A 360 31.67 23.52 -0.44
N ASP A 361 31.56 24.85 -0.17
CA ASP A 361 30.94 25.75 -1.12
C ASP A 361 31.64 25.70 -2.53
N GLY A 362 32.97 25.58 -2.51
CA GLY A 362 33.68 25.48 -3.80
C GLY A 362 33.33 24.20 -4.55
N TRP A 363 33.17 23.11 -3.81
CA TRP A 363 32.77 21.84 -4.44
C TRP A 363 31.36 21.94 -5.01
N VAL A 364 30.43 22.53 -4.25
CA VAL A 364 29.10 22.73 -4.76
C VAL A 364 29.07 23.59 -6.03
N ARG A 365 29.86 24.69 -6.00
CA ARG A 365 29.96 25.55 -7.18
C ARG A 365 30.48 24.72 -8.39
N GLU A 366 31.42 23.81 -8.19
CA GLU A 366 31.88 22.97 -9.30
C GLU A 366 30.70 22.09 -9.80
N GLN A 367 29.92 21.51 -8.86
CA GLN A 367 28.82 20.62 -9.30
C GLN A 367 27.75 21.35 -10.02
N GLU A 368 27.55 22.63 -9.70
CA GLU A 368 26.42 23.34 -10.21
C GLU A 368 26.68 24.07 -11.51
N SER A 369 27.92 24.31 -11.89
CA SER A 369 28.23 25.41 -12.82
CA SER A 369 28.18 25.43 -12.81
C SER A 369 28.16 24.96 -14.29
N GLY A 370 28.19 23.63 -14.56
CA GLY A 370 28.08 23.12 -15.93
C GLY A 370 26.70 23.30 -16.58
N ASP A 371 26.72 23.46 -17.88
CA ASP A 371 25.53 23.61 -18.70
C ASP A 371 25.20 22.30 -19.45
N GLY A 372 24.19 22.31 -20.30
CA GLY A 372 23.99 21.15 -21.18
C GLY A 372 23.29 19.94 -20.57
N MET A 373 23.22 18.87 -21.32
CA MET A 373 22.54 17.59 -20.97
CA MET A 373 22.51 17.70 -20.86
C MET A 373 23.43 16.46 -21.00
N PRO A 374 23.28 15.47 -20.15
CA PRO A 374 22.35 15.44 -18.97
C PRO A 374 22.68 16.53 -17.99
N ALA A 375 21.71 17.04 -17.28
CA ALA A 375 21.95 18.09 -16.31
C ALA A 375 22.49 17.60 -15.03
N SER A 376 23.31 18.38 -14.35
CA SER A 376 23.61 18.18 -12.95
C SER A 376 22.40 18.54 -12.08
N MET A 377 22.09 17.72 -11.10
CA MET A 377 21.01 17.99 -10.17
C MET A 377 21.38 19.16 -9.30
N PHE A 378 22.68 19.39 -9.01
CA PHE A 378 23.07 20.62 -8.31
C PHE A 378 22.79 21.86 -9.16
N ARG A 379 22.98 21.80 -10.47
CA ARG A 379 22.56 22.93 -11.33
C ARG A 379 21.10 23.20 -11.20
N ALA A 380 20.26 22.14 -11.22
CA ALA A 380 18.85 22.30 -11.04
C ALA A 380 18.53 23.03 -9.72
N MET A 381 19.16 22.61 -8.63
CA MET A 381 18.93 23.26 -7.41
C MET A 381 19.42 24.69 -7.35
N ALA A 382 20.52 24.99 -8.02
CA ALA A 382 20.96 26.38 -8.12
C ALA A 382 19.94 27.23 -8.85
N GLU A 383 19.27 26.71 -9.84
CA GLU A 383 18.22 27.43 -10.53
C GLU A 383 17.00 27.65 -9.60
N VAL A 384 16.63 26.64 -8.82
CA VAL A 384 15.57 26.82 -7.83
C VAL A 384 15.96 27.91 -6.86
N ARG A 385 17.19 27.95 -6.36
CA ARG A 385 17.53 28.98 -5.34
C ARG A 385 17.44 30.40 -5.91
N LYS A 386 17.52 30.59 -7.22
CA LYS A 386 17.31 31.93 -7.81
C LYS A 386 15.94 32.42 -7.72
N VAL A 387 14.96 31.55 -7.56
CA VAL A 387 13.55 31.87 -7.51
C VAL A 387 12.92 31.47 -6.15
N GLN A 388 13.70 31.23 -5.15
CA GLN A 388 13.24 30.65 -3.88
C GLN A 388 13.09 31.74 -2.82
N ARG A 389 12.00 31.68 -2.10
CA ARG A 389 11.64 32.57 -0.99
C ARG A 389 11.99 31.90 0.36
N PRO A 390 12.00 32.67 1.46
N PRO A 390 12.24 32.66 1.46
CA PRO A 390 12.54 31.97 2.64
CA PRO A 390 12.50 32.09 2.77
C PRO A 390 11.50 31.02 3.27
C PRO A 390 11.50 31.03 3.27
N GLU A 391 10.22 31.21 2.97
CA GLU A 391 9.24 30.24 3.41
C GLU A 391 9.01 29.04 2.48
N ASP A 392 9.65 29.03 1.33
CA ASP A 392 9.43 27.92 0.41
C ASP A 392 9.96 26.59 0.94
N ILE A 393 9.36 25.54 0.40
CA ILE A 393 9.58 24.16 0.88
C ILE A 393 10.27 23.38 -0.25
N ILE A 394 11.33 22.64 0.13
CA ILE A 394 12.06 21.74 -0.80
C ILE A 394 11.64 20.32 -0.37
N VAL A 395 11.19 19.55 -1.36
CA VAL A 395 10.79 18.16 -1.13
C VAL A 395 11.67 17.30 -2.02
N THR A 396 11.98 16.10 -1.55
CA THR A 396 12.76 15.13 -2.34
C THR A 396 12.13 13.77 -2.13
N ASP A 397 12.38 12.87 -3.10
CA ASP A 397 12.15 11.40 -2.89
C ASP A 397 13.48 10.76 -2.58
N ILE A 398 13.48 9.44 -2.68
CA ILE A 398 14.59 8.60 -2.17
C ILE A 398 15.34 8.00 -3.32
N GLY A 399 16.65 8.23 -3.42
CA GLY A 399 17.46 7.72 -4.51
C GLY A 399 18.74 8.54 -4.63
N ASN A 400 19.47 8.32 -5.73
CA ASN A 400 20.65 9.15 -5.99
C ASN A 400 20.35 10.63 -5.82
N HIS A 401 19.17 11.04 -6.30
CA HIS A 401 18.77 12.44 -6.29
C HIS A 401 18.67 13.06 -4.90
N THR A 402 18.51 12.26 -3.84
CA THR A 402 18.33 12.80 -2.50
C THR A 402 19.56 13.63 -2.13
N LEU A 403 20.78 13.24 -2.53
CA LEU A 403 22.02 13.91 -2.13
C LEU A 403 22.08 15.34 -2.71
N PRO A 404 21.88 15.56 -4.00
CA PRO A 404 21.89 16.91 -4.52
C PRO A 404 20.75 17.74 -4.01
N MET A 405 19.58 17.13 -3.71
CA MET A 405 18.50 17.88 -3.11
C MET A 405 18.87 18.38 -1.71
N PHE A 406 19.48 17.56 -0.91
CA PHE A 406 19.99 17.97 0.44
C PHE A 406 21.14 18.95 0.34
N GLY A 407 22.05 18.72 -0.59
CA GLY A 407 23.26 19.56 -0.70
C GLY A 407 22.97 20.91 -1.33
N GLY A 408 21.96 20.99 -2.19
CA GLY A 408 21.62 22.26 -2.87
C GLY A 408 20.54 23.09 -2.20
N ALA A 409 19.94 22.54 -1.17
CA ALA A 409 19.01 23.28 -0.33
C ALA A 409 19.74 24.09 0.66
N ILE A 410 19.57 25.43 0.59
CA ILE A 410 20.23 26.31 1.55
C ILE A 410 19.11 27.07 2.28
N LEU A 411 18.82 26.78 3.54
CA LEU A 411 17.55 27.12 4.14
C LEU A 411 17.74 28.09 5.31
N GLN A 412 16.71 28.82 5.55
CA GLN A 412 16.73 29.97 6.51
C GLN A 412 15.66 29.78 7.57
N ARG A 413 14.76 28.82 7.43
N ARG A 413 14.71 28.87 7.45
CA ARG A 413 13.61 28.63 8.32
CA ARG A 413 13.80 28.61 8.58
C ARG A 413 13.45 27.14 8.62
C ARG A 413 13.50 27.14 8.68
N PRO A 414 12.83 26.73 9.74
CA PRO A 414 12.63 25.28 10.02
C PRO A 414 11.51 24.60 9.21
N ARG A 415 11.62 23.29 9.12
CA ARG A 415 10.58 22.43 8.52
C ARG A 415 10.34 22.78 7.05
N ARG A 416 11.41 23.18 6.35
CA ARG A 416 11.33 23.47 4.90
C ARG A 416 11.85 22.32 4.07
N LEU A 417 12.36 21.27 4.62
CA LEU A 417 12.96 20.14 3.82
C LEU A 417 12.15 18.90 4.17
N VAL A 418 11.53 18.24 3.18
CA VAL A 418 10.52 17.20 3.43
C VAL A 418 10.84 15.93 2.60
N THR A 419 10.78 14.79 3.26
CA THR A 419 10.83 13.50 2.60
C THR A 419 10.45 12.41 3.61
N SER A 420 10.54 11.13 3.19
CA SER A 420 10.40 10.00 4.10
C SER A 420 11.74 9.82 4.79
N MET A 421 11.99 10.74 5.75
CA MET A 421 13.28 10.82 6.41
C MET A 421 13.66 9.59 7.20
N ALA A 422 12.73 9.03 7.98
CA ALA A 422 13.09 7.96 8.91
C ALA A 422 13.17 6.59 8.29
N GLU A 423 12.42 6.36 7.18
CA GLU A 423 12.30 5.05 6.58
C GLU A 423 12.67 4.98 5.13
N GLY A 424 12.89 6.12 4.48
CA GLY A 424 13.32 6.03 3.08
C GLY A 424 12.41 5.24 2.16
N ILE A 425 11.11 5.50 2.28
CA ILE A 425 10.12 4.78 1.47
C ILE A 425 9.92 5.49 0.13
N LEU A 426 10.28 4.77 -0.93
CA LEU A 426 10.15 5.32 -2.29
C LEU A 426 8.74 5.68 -2.64
N GLY A 427 8.61 6.82 -3.31
CA GLY A 427 7.34 7.34 -3.82
C GLY A 427 6.70 8.40 -2.98
N CYS A 428 7.24 8.58 -1.76
CA CYS A 428 6.73 9.59 -0.78
C CYS A 428 6.67 11.01 -1.38
N GLY A 429 7.59 11.40 -2.25
CA GLY A 429 7.87 12.82 -2.47
C GLY A 429 6.69 13.58 -3.01
N PHE A 430 6.09 13.12 -4.14
CA PHE A 430 4.99 13.87 -4.72
C PHE A 430 3.82 14.05 -3.77
N PRO A 431 3.30 12.98 -3.15
CA PRO A 431 2.14 13.19 -2.23
C PRO A 431 2.53 13.93 -0.97
N MET A 432 3.75 13.75 -0.42
CA MET A 432 4.14 14.57 0.70
C MET A 432 4.19 16.03 0.32
N ALA A 433 4.63 16.32 -0.94
CA ALA A 433 4.67 17.72 -1.40
C ALA A 433 3.27 18.31 -1.49
N LEU A 434 2.30 17.54 -1.94
CA LEU A 434 0.91 18.02 -1.98
C LEU A 434 0.42 18.29 -0.56
N GLY A 435 0.69 17.39 0.42
CA GLY A 435 0.28 17.65 1.79
C GLY A 435 0.95 18.86 2.34
N ALA A 436 2.22 19.03 2.11
CA ALA A 436 2.93 20.26 2.62
C ALA A 436 2.32 21.51 1.99
N GLN A 437 1.98 21.46 0.71
CA GLN A 437 1.37 22.63 0.03
C GLN A 437 0.04 22.97 0.65
N LEU A 438 -0.76 21.93 1.01
CA LEU A 438 -2.05 22.15 1.63
C LEU A 438 -1.90 22.83 2.99
N ALA A 439 -0.86 22.48 3.73
CA ALA A 439 -0.63 22.99 5.06
C ALA A 439 -0.06 24.41 5.00
N GLU A 440 0.67 24.70 3.92
CA GLU A 440 1.54 25.93 3.84
C GLU A 440 1.18 26.59 2.53
N PRO A 441 0.00 27.22 2.42
CA PRO A 441 -0.43 27.84 1.22
C PRO A 441 0.39 29.16 0.91
N ASN A 442 1.20 29.63 1.81
CA ASN A 442 2.06 30.78 1.41
C ASN A 442 3.47 30.34 1.00
N SER A 443 3.65 29.03 0.89
CA SER A 443 4.90 28.48 0.45
C SER A 443 4.85 28.01 -0.97
N ARG A 444 5.84 28.37 -1.80
CA ARG A 444 6.08 27.62 -3.04
C ARG A 444 6.79 26.36 -2.68
N VAL A 445 6.34 25.26 -3.30
CA VAL A 445 6.83 23.91 -2.97
C VAL A 445 7.56 23.40 -4.22
N PHE A 446 8.86 23.15 -4.08
CA PHE A 446 9.66 22.56 -5.18
C PHE A 446 10.03 21.14 -4.82
N LEU A 447 9.63 20.21 -5.68
CA LEU A 447 9.95 18.80 -5.49
C LEU A 447 10.97 18.42 -6.54
N GLY A 448 12.04 17.83 -6.06
CA GLY A 448 13.00 17.17 -6.91
C GLY A 448 12.79 15.68 -6.73
N THR A 449 12.29 14.95 -7.74
CA THR A 449 11.96 13.50 -7.64
C THR A 449 12.65 12.73 -8.69
N GLY A 450 13.08 11.55 -8.31
CA GLY A 450 13.49 10.61 -9.35
C GLY A 450 12.30 10.12 -10.16
N ASP A 451 12.63 9.47 -11.27
CA ASP A 451 11.63 8.83 -12.13
C ASP A 451 11.03 7.59 -11.54
N GLY A 452 11.86 6.74 -10.95
CA GLY A 452 11.38 5.57 -10.22
C GLY A 452 10.41 5.92 -9.13
N ALA A 453 10.74 6.97 -8.41
CA ALA A 453 9.87 7.51 -7.38
C ALA A 453 8.56 8.06 -7.87
N LEU A 454 8.59 8.91 -8.93
CA LEU A 454 7.39 9.56 -9.42
C LEU A 454 6.37 8.55 -9.88
N TYR A 455 6.85 7.42 -10.41
CA TYR A 455 5.97 6.33 -10.83
C TYR A 455 4.96 5.93 -9.78
N TYR A 456 5.30 6.01 -8.48
CA TYR A 456 4.35 5.48 -7.47
C TYR A 456 3.09 6.29 -7.41
N HIS A 457 3.12 7.60 -7.21
CA HIS A 457 1.92 8.36 -6.84
C HIS A 457 1.66 9.55 -7.75
N PHE A 458 2.17 9.53 -8.99
CA PHE A 458 1.78 10.60 -9.93
C PHE A 458 0.30 10.56 -10.29
N ASN A 459 -0.41 9.47 -10.00
CA ASN A 459 -1.86 9.47 -10.06
C ASN A 459 -2.55 10.58 -9.24
N GLU A 460 -1.83 11.06 -8.23
CA GLU A 460 -2.29 12.18 -7.41
C GLU A 460 -2.19 13.55 -8.11
N PHE A 461 -1.75 13.57 -9.37
CA PHE A 461 -1.99 14.79 -10.17
C PHE A 461 -3.44 15.13 -10.21
N ARG A 462 -4.35 14.19 -10.04
CA ARG A 462 -5.80 14.50 -9.99
C ARG A 462 -6.05 15.48 -8.85
N VAL A 463 -5.47 15.23 -7.69
CA VAL A 463 -5.61 16.10 -6.54
C VAL A 463 -4.91 17.44 -6.76
N ALA A 464 -3.70 17.43 -7.27
CA ALA A 464 -3.00 18.65 -7.53
C ALA A 464 -3.73 19.63 -8.46
N VAL A 465 -4.32 19.04 -9.49
CA VAL A 465 -5.05 19.87 -10.46
C VAL A 465 -6.39 20.32 -9.91
N GLU A 466 -7.18 19.44 -9.34
CA GLU A 466 -8.50 19.77 -8.82
C GLU A 466 -8.41 20.76 -7.72
N HIS A 467 -7.42 20.68 -6.85
CA HIS A 467 -7.28 21.56 -5.69
C HIS A 467 -6.32 22.71 -5.94
N LYS A 468 -5.85 22.81 -7.17
CA LYS A 468 -5.08 23.99 -7.63
C LYS A 468 -3.81 24.15 -6.78
N LEU A 469 -3.09 23.07 -6.56
CA LEU A 469 -1.88 23.03 -5.78
C LEU A 469 -0.65 23.21 -6.64
N PRO A 470 -0.08 24.39 -6.69
CA PRO A 470 0.92 24.67 -7.76
C PRO A 470 2.33 24.23 -7.38
N VAL A 471 2.42 22.96 -7.00
CA VAL A 471 3.73 22.35 -6.70
C VAL A 471 4.53 22.31 -7.97
N ILE A 472 5.82 22.70 -7.92
CA ILE A 472 6.73 22.65 -9.09
C ILE A 472 7.56 21.37 -8.94
N THR A 473 7.29 20.38 -9.78
CA THR A 473 7.98 19.08 -9.72
C THR A 473 8.99 19.00 -10.84
N MET A 474 10.24 18.79 -10.46
CA MET A 474 11.33 18.37 -11.41
C MET A 474 11.46 16.91 -11.33
N VAL A 475 11.18 16.25 -12.46
CA VAL A 475 11.41 14.80 -12.54
C VAL A 475 12.75 14.60 -13.22
N PHE A 476 13.66 14.00 -12.46
CA PHE A 476 15.02 13.72 -12.90
C PHE A 476 15.00 12.39 -13.60
N THR A 477 15.19 12.38 -14.95
CA THR A 477 15.04 11.14 -15.68
C THR A 477 16.40 10.52 -16.02
N ASN A 478 16.57 9.28 -15.58
CA ASN A 478 17.68 8.43 -15.99
C ASN A 478 17.26 7.03 -16.40
N GLU A 479 15.98 6.75 -16.49
CA GLU A 479 15.46 5.44 -16.88
C GLU A 479 16.01 4.36 -16.04
N SER A 480 16.16 4.67 -14.73
CA SER A 480 16.84 3.77 -13.84
C SER A 480 16.46 4.12 -12.36
N TYR A 481 16.50 3.02 -11.57
CA TYR A 481 16.73 3.13 -10.11
C TYR A 481 18.20 3.39 -9.97
N GLY A 482 18.61 4.66 -10.14
CA GLY A 482 20.03 5.01 -10.33
C GLY A 482 20.88 4.67 -9.12
N ALA A 483 20.37 4.89 -7.89
CA ALA A 483 21.15 4.52 -6.72
C ALA A 483 21.52 3.05 -6.81
N ASN A 484 20.59 2.22 -7.23
CA ASN A 484 20.83 0.79 -7.28
C ASN A 484 21.68 0.35 -8.46
N TRP A 485 21.53 1.03 -9.58
CA TRP A 485 22.45 0.79 -10.74
C TRP A 485 23.85 1.01 -10.18
N THR A 486 24.06 2.12 -9.50
CA THR A 486 25.38 2.55 -9.03
C THR A 486 25.93 1.64 -8.01
N LEU A 487 25.14 1.41 -6.96
CA LEU A 487 25.63 0.57 -5.92
C LEU A 487 25.89 -0.85 -6.41
N MET A 488 25.04 -1.47 -7.19
CA MET A 488 25.21 -2.84 -7.72
C MET A 488 26.47 -2.87 -8.58
N ASN A 489 26.68 -1.85 -9.41
CA ASN A 489 27.96 -1.89 -10.16
CA ASN A 489 27.98 -1.69 -10.14
C ASN A 489 29.17 -1.75 -9.22
N HIS A 490 29.13 -0.99 -8.15
CA HIS A 490 30.21 -0.95 -7.15
C HIS A 490 30.38 -2.31 -6.53
N GLN A 491 29.27 -2.97 -6.19
CA GLN A 491 29.28 -4.19 -5.39
C GLN A 491 29.60 -5.42 -6.14
N PHE A 492 29.02 -5.64 -7.28
CA PHE A 492 29.06 -6.83 -8.08
C PHE A 492 29.75 -6.61 -9.47
N GLY A 493 29.92 -5.36 -9.92
CA GLY A 493 30.33 -5.05 -11.31
C GLY A 493 29.22 -5.23 -12.30
N GLN A 494 27.95 -5.40 -11.84
CA GLN A 494 26.84 -5.61 -12.74
C GLN A 494 25.52 -5.22 -11.99
N ASN A 495 24.65 -4.52 -12.67
CA ASN A 495 23.29 -4.17 -12.14
C ASN A 495 22.29 -5.15 -12.61
N ASN A 496 21.23 -5.34 -11.84
CA ASN A 496 20.08 -6.16 -12.19
C ASN A 496 18.85 -5.56 -11.51
N TRP A 497 17.73 -5.56 -12.22
CA TRP A 497 16.42 -5.08 -11.78
C TRP A 497 16.34 -3.56 -11.70
N THR A 498 17.27 -2.84 -12.31
CA THR A 498 17.36 -1.41 -12.12
C THR A 498 16.79 -0.59 -13.24
N GLU A 499 16.61 -1.08 -14.44
CA GLU A 499 16.37 -0.26 -15.63
C GLU A 499 14.91 -0.36 -16.03
N PHE A 500 14.32 0.71 -16.54
CA PHE A 500 12.95 0.71 -16.98
C PHE A 500 12.70 1.84 -17.97
N MET A 501 11.60 1.77 -18.70
N MET A 501 11.58 1.75 -18.67
CA MET A 501 11.15 2.87 -19.51
CA MET A 501 11.07 2.77 -19.54
C MET A 501 10.43 3.95 -18.68
C MET A 501 10.31 3.88 -18.77
N ASN A 502 10.43 5.16 -19.20
CA ASN A 502 9.60 6.23 -18.74
C ASN A 502 8.48 6.52 -19.77
N PRO A 503 7.30 6.93 -19.30
CA PRO A 503 6.36 7.52 -20.25
C PRO A 503 6.91 8.89 -20.74
N ASP A 504 6.23 9.50 -21.73
CA ASP A 504 6.40 10.93 -22.07
C ASP A 504 5.82 11.71 -20.87
N TRP A 505 6.68 12.15 -19.94
CA TRP A 505 6.15 12.80 -18.74
C TRP A 505 5.44 14.08 -19.10
N VAL A 506 5.93 14.83 -20.07
CA VAL A 506 5.20 16.03 -20.50
C VAL A 506 3.80 15.68 -20.95
N GLY A 507 3.63 14.60 -21.71
CA GLY A 507 2.32 14.11 -22.14
C GLY A 507 1.47 13.71 -20.94
N ILE A 508 2.06 13.07 -19.91
CA ILE A 508 1.30 12.72 -18.70
C ILE A 508 0.77 14.01 -18.05
N ALA A 509 1.65 14.97 -17.84
CA ALA A 509 1.21 16.27 -17.26
C ALA A 509 0.08 16.87 -18.09
N LYS A 510 0.24 16.97 -19.39
CA LYS A 510 -0.79 17.54 -20.23
C LYS A 510 -2.08 16.80 -20.15
N ALA A 511 -2.03 15.47 -20.08
CA ALA A 511 -3.24 14.68 -19.91
C ALA A 511 -4.03 14.97 -18.66
N PHE A 512 -3.37 15.45 -17.60
CA PHE A 512 -4.04 15.80 -16.35
C PHE A 512 -4.40 17.28 -16.32
N GLY A 513 -3.98 18.09 -17.30
CA GLY A 513 -4.15 19.54 -17.27
C GLY A 513 -3.16 20.27 -16.38
N ALA A 514 -2.03 19.61 -16.08
CA ALA A 514 -0.88 20.28 -15.47
C ALA A 514 0.01 20.96 -16.48
N TYR A 515 0.84 21.87 -16.02
CA TYR A 515 1.88 22.44 -16.91
C TYR A 515 2.99 21.43 -17.12
N GLY A 516 3.42 21.17 -18.36
CA GLY A 516 4.50 20.24 -18.61
C GLY A 516 5.55 20.84 -19.52
N GLU A 517 6.82 20.56 -19.27
CA GLU A 517 7.88 20.96 -20.18
C GLU A 517 9.03 20.04 -20.02
N SER A 518 9.74 19.71 -21.11
CA SER A 518 10.97 18.95 -21.05
C SER A 518 12.14 19.83 -21.45
N VAL A 519 13.24 19.76 -20.76
CA VAL A 519 14.47 20.48 -21.13
C VAL A 519 15.46 19.52 -21.82
N ARG A 520 15.05 18.35 -22.22
CA ARG A 520 15.95 17.36 -22.87
C ARG A 520 16.71 17.99 -24.00
N GLU A 521 16.06 18.84 -24.82
CA GLU A 521 16.78 19.47 -25.96
C GLU A 521 17.18 20.86 -25.72
N THR A 522 16.57 21.60 -24.83
CA THR A 522 16.88 23.00 -24.67
C THR A 522 17.89 23.29 -23.58
N GLY A 523 17.97 22.42 -22.52
CA GLY A 523 18.72 22.76 -21.33
C GLY A 523 18.18 23.88 -20.47
N ASP A 524 16.99 24.37 -20.82
CA ASP A 524 16.50 25.69 -20.28
C ASP A 524 15.78 25.53 -18.93
N ILE A 525 16.51 25.04 -17.91
CA ILE A 525 15.93 24.86 -16.57
C ILE A 525 15.37 26.18 -16.03
N ALA A 526 16.13 27.27 -16.12
CA ALA A 526 15.65 28.53 -15.60
C ALA A 526 14.36 28.95 -16.27
N GLY A 527 14.29 28.86 -17.61
CA GLY A 527 13.08 29.22 -18.32
C GLY A 527 11.87 28.36 -17.96
N ALA A 528 12.13 27.08 -17.75
CA ALA A 528 11.06 26.14 -17.46
C ALA A 528 10.53 26.44 -16.07
N LEU A 529 11.40 26.73 -15.11
CA LEU A 529 10.93 27.15 -13.79
C LEU A 529 10.08 28.36 -13.82
N GLN A 530 10.47 29.35 -14.57
CA GLN A 530 9.70 30.60 -14.70
C GLN A 530 8.35 30.33 -15.38
N ARG A 531 8.31 29.57 -16.47
CA ARG A 531 7.05 29.22 -17.11
C ARG A 531 6.12 28.42 -16.20
N ALA A 532 6.72 27.51 -15.46
CA ALA A 532 5.93 26.68 -14.51
C ALA A 532 5.31 27.58 -13.44
N ILE A 533 6.08 28.51 -12.87
CA ILE A 533 5.58 29.43 -11.83
C ILE A 533 4.48 30.30 -12.45
N ASP A 534 4.70 30.81 -13.65
CA ASP A 534 3.73 31.73 -14.31
C ASP A 534 2.42 31.06 -14.65
N SER A 535 2.41 29.71 -14.81
CA SER A 535 1.23 28.97 -15.15
C SER A 535 0.18 29.04 -14.04
N GLY A 536 0.62 29.08 -12.79
CA GLY A 536 -0.24 28.91 -11.66
C GLY A 536 -0.82 27.53 -11.40
N LYS A 537 -0.31 26.59 -12.16
CA LYS A 537 -0.79 25.21 -12.13
C LYS A 537 0.28 24.30 -11.47
N PRO A 538 -0.11 23.08 -10.98
CA PRO A 538 0.96 22.13 -10.71
C PRO A 538 1.74 21.90 -12.01
N ALA A 539 3.04 21.74 -11.88
CA ALA A 539 3.97 21.66 -13.02
C ALA A 539 4.82 20.46 -12.94
N LEU A 540 5.23 19.98 -14.13
CA LEU A 540 6.16 18.87 -14.27
C LEU A 540 7.24 19.21 -15.28
N ILE A 541 8.47 19.35 -14.84
CA ILE A 541 9.59 19.71 -15.68
C ILE A 541 10.46 18.46 -15.77
N GLU A 542 10.60 17.91 -16.98
CA GLU A 542 11.38 16.70 -17.20
CA GLU A 542 11.41 16.71 -17.20
C GLU A 542 12.83 17.10 -17.45
N ILE A 543 13.73 16.63 -16.60
CA ILE A 543 15.12 16.98 -16.66
C ILE A 543 16.00 15.76 -16.74
N PRO A 544 16.58 15.41 -17.91
CA PRO A 544 17.46 14.28 -17.96
C PRO A 544 18.68 14.47 -17.09
N VAL A 545 19.08 13.39 -16.39
CA VAL A 545 20.21 13.39 -15.47
C VAL A 545 21.04 12.10 -15.71
N SER A 546 22.19 12.04 -15.04
CA SER A 546 22.98 10.81 -15.05
CA SER A 546 22.96 10.79 -15.12
C SER A 546 22.40 9.70 -14.22
N LYS A 547 22.81 8.45 -14.52
CA LYS A 547 22.46 7.34 -13.65
C LYS A 547 23.16 7.35 -12.31
N THR A 548 24.30 8.08 -12.21
CA THR A 548 25.19 7.85 -11.10
C THR A 548 25.34 9.04 -10.17
N GLN A 549 25.04 10.27 -10.57
CA GLN A 549 25.27 11.40 -9.70
C GLN A 549 24.45 11.27 -8.45
N GLY A 550 25.08 11.60 -7.31
CA GLY A 550 24.32 11.76 -6.06
C GLY A 550 24.69 10.73 -5.02
N LEU A 551 23.69 10.21 -4.32
CA LEU A 551 23.86 9.40 -3.06
C LEU A 551 24.89 8.33 -3.20
N ALA A 552 24.88 7.55 -4.29
CA ALA A 552 25.73 6.38 -4.40
C ALA A 552 27.15 6.66 -4.88
N SER A 553 27.43 7.93 -5.16
CA SER A 553 28.75 8.29 -5.76
C SER A 553 29.46 9.45 -5.19
N ASP A 554 28.78 10.51 -4.83
N ASP A 554 28.76 10.53 -4.88
CA ASP A 554 29.46 11.80 -4.58
CA ASP A 554 29.38 11.84 -4.51
C ASP A 554 30.04 11.82 -3.19
C ASP A 554 30.07 11.73 -3.13
N PRO A 555 31.33 12.20 -3.03
CA PRO A 555 32.06 12.14 -1.75
C PRO A 555 31.71 13.39 -0.95
N VAL A 556 31.02 13.18 0.15
CA VAL A 556 30.61 14.27 1.04
C VAL A 556 31.16 13.98 2.44
N GLY A 557 32.15 13.14 2.63
CA GLY A 557 32.72 12.85 3.94
C GLY A 557 31.97 11.85 4.77
N GLY A 558 31.14 11.09 4.13
CA GLY A 558 30.44 10.00 4.80
C GLY A 558 31.32 8.85 5.22
N VAL A 559 30.91 8.15 6.27
CA VAL A 559 31.51 6.90 6.74
C VAL A 559 30.62 5.67 6.59
N GLY A 560 29.32 5.80 6.40
CA GLY A 560 28.37 4.72 6.38
C GLY A 560 27.22 5.01 5.52
N PRO A 561 26.12 4.34 5.64
CA PRO A 561 25.94 3.08 6.40
C PRO A 561 26.58 1.96 5.60
N ASN A 562 26.57 0.73 6.15
CA ASN A 562 27.19 -0.46 5.55
C ASN A 562 26.15 -1.28 4.78
N LEU A 563 25.73 -0.75 3.68
CA LEU A 563 24.71 -1.62 3.10
CA LEU A 563 24.63 -1.20 2.69
C LEU A 563 25.18 -2.47 1.99
N LEU A 564 26.46 -2.37 1.64
CA LEU A 564 27.09 -3.32 0.69
C LEU A 564 27.87 -4.33 1.42
N LEU A 565 27.16 -4.94 2.31
CA LEU A 565 27.90 -5.73 3.35
C LEU A 565 28.56 -6.96 2.72
N LYS A 566 29.63 -7.42 3.38
CA LYS A 566 30.34 -8.52 2.85
C LYS A 566 29.82 -9.77 3.63
N GLY A 567 29.64 -10.87 2.96
CA GLY A 567 29.12 -12.00 3.74
C GLY A 567 30.20 -12.70 4.55
N ARG A 568 29.83 -13.39 5.64
CA ARG A 568 30.76 -14.17 6.46
C ARG A 568 30.45 -15.60 6.15
N GLU A 569 31.40 -16.52 6.30
CA GLU A 569 31.11 -17.96 6.21
C GLU A 569 30.61 -18.44 7.60
N ILE A 570 29.51 -19.21 7.58
CA ILE A 570 28.77 -19.53 8.78
C ILE A 570 29.02 -21.01 9.02
N PRO A 571 29.43 -21.33 10.31
CA PRO A 571 29.56 -22.73 10.65
C PRO A 571 28.18 -23.44 10.52
N VAL A 572 28.16 -24.55 9.81
CA VAL A 572 27.07 -25.52 10.05
C VAL A 572 26.85 -26.06 11.47
N ASP A 573 25.62 -26.56 11.65
CA ASP A 573 25.29 -27.14 12.96
C ASP A 573 25.77 -28.58 12.88
N THR A 574 26.59 -28.97 13.85
CA THR A 574 27.06 -30.38 13.91
C THR A 574 26.50 -31.12 15.12
N GLY A 575 25.42 -30.59 15.72
CA GLY A 575 24.81 -31.22 16.88
C GLY A 575 24.17 -32.58 16.64
N GLY A 576 23.90 -32.94 15.40
CA GLY A 576 23.32 -34.26 15.08
C GLY A 576 21.93 -34.17 14.46
N SER A 577 21.22 -33.10 14.67
CA SER A 577 19.86 -32.99 14.06
C SER A 577 19.95 -32.75 12.54
N MET A 578 18.92 -33.21 11.83
CA MET A 578 18.91 -33.24 10.38
C MET A 578 18.12 -32.05 9.83
N TYR A 579 18.25 -31.82 8.51
CA TYR A 579 17.38 -30.92 7.82
C TYR A 579 16.07 -31.61 7.45
N PRO A 580 15.01 -30.85 7.19
CA PRO A 580 13.81 -31.46 6.60
C PRO A 580 14.14 -32.15 5.30
N GLY A 581 13.56 -33.33 5.07
CA GLY A 581 13.80 -34.15 3.88
C GLY A 581 15.14 -34.89 3.85
N GLU A 582 16.05 -34.61 4.76
CA GLU A 582 17.34 -35.29 4.81
C GLU A 582 17.17 -36.76 5.08
N ASN A 583 16.09 -37.18 5.68
CA ASN A 583 15.88 -38.62 5.92
C ASN A 583 16.04 -39.38 4.61
N LEU A 584 15.59 -38.87 3.49
CA LEU A 584 15.69 -39.60 2.24
C LEU A 584 17.15 -39.82 1.82
N LEU A 585 18.07 -38.97 2.29
CA LEU A 585 19.50 -39.04 1.93
C LEU A 585 20.20 -40.10 2.68
N HIS A 586 19.66 -40.58 3.79
CA HIS A 586 20.25 -41.58 4.65
C HIS A 586 19.72 -42.97 4.26
N LEU A 587 18.81 -43.08 3.29
CA LEU A 587 18.27 -44.41 2.98
C LEU A 587 19.32 -45.31 2.26
N ALA B 2 28.93 -27.92 -0.86
CA ALA B 2 29.53 -26.80 -1.69
C ALA B 2 29.14 -25.51 -0.95
N ILE B 3 30.05 -24.57 -0.79
CA ILE B 3 29.72 -23.26 -0.23
C ILE B 3 28.78 -22.46 -1.17
N LYS B 4 27.67 -21.92 -0.67
CA LYS B 4 26.68 -21.18 -1.48
C LYS B 4 26.36 -19.92 -0.58
N ARG B 5 26.08 -18.77 -1.19
CA ARG B 5 25.44 -17.65 -0.50
C ARG B 5 23.99 -17.92 -0.17
N GLY B 6 23.55 -17.30 0.92
CA GLY B 6 22.11 -17.38 1.19
C GLY B 6 21.21 -17.02 0.05
N ALA B 7 21.60 -16.02 -0.73
CA ALA B 7 20.82 -15.58 -1.88
C ALA B 7 20.63 -16.72 -2.89
N ASP B 8 21.74 -17.47 -3.15
CA ASP B 8 21.68 -18.56 -4.07
C ASP B 8 20.80 -19.71 -3.57
N LEU B 9 20.82 -19.92 -2.27
CA LEU B 9 19.97 -20.93 -1.67
C LEU B 9 18.50 -20.58 -1.73
N ILE B 10 18.14 -19.30 -1.59
CA ILE B 10 16.79 -18.86 -1.77
C ILE B 10 16.30 -19.15 -3.18
N VAL B 11 17.14 -18.83 -4.17
CA VAL B 11 16.76 -19.07 -5.57
C VAL B 11 16.59 -20.61 -5.83
N GLU B 12 17.53 -21.41 -5.27
CA GLU B 12 17.41 -22.83 -5.47
C GLU B 12 16.15 -23.41 -4.86
N ALA B 13 15.80 -22.96 -3.65
CA ALA B 13 14.56 -23.41 -3.02
C ALA B 13 13.34 -23.01 -3.84
N LEU B 14 13.29 -21.74 -4.25
CA LEU B 14 12.18 -21.30 -5.10
C LEU B 14 11.99 -22.17 -6.35
N GLU B 15 13.10 -22.48 -7.00
CA GLU B 15 13.08 -23.35 -8.19
C GLU B 15 12.61 -24.77 -7.84
N GLU B 16 13.13 -25.34 -6.74
CA GLU B 16 12.73 -26.69 -6.34
C GLU B 16 11.26 -26.82 -6.18
N TYR B 17 10.58 -25.80 -5.68
CA TYR B 17 9.15 -25.87 -5.34
C TYR B 17 8.23 -25.37 -6.47
N GLY B 18 8.78 -25.17 -7.63
CA GLY B 18 7.95 -24.96 -8.78
C GLY B 18 7.76 -23.52 -9.27
N THR B 19 8.57 -22.60 -8.75
CA THR B 19 8.39 -21.21 -9.15
C THR B 19 8.67 -21.05 -10.66
N GLU B 20 7.78 -20.37 -11.34
CA GLU B 20 7.89 -20.07 -12.80
C GLU B 20 8.16 -18.63 -13.06
N GLN B 21 7.74 -17.73 -12.16
CA GLN B 21 7.68 -16.27 -12.45
C GLN B 21 8.06 -15.57 -11.14
N VAL B 22 8.99 -14.67 -11.16
CA VAL B 22 9.35 -13.83 -10.04
C VAL B 22 8.89 -12.41 -10.34
N VAL B 23 8.22 -11.78 -9.34
CA VAL B 23 7.93 -10.34 -9.36
C VAL B 23 8.80 -9.73 -8.26
N GLY B 24 9.77 -8.91 -8.63
CA GLY B 24 10.79 -8.47 -7.69
C GLY B 24 11.03 -7.00 -7.73
N PHE B 25 11.43 -6.44 -6.59
CA PHE B 25 11.73 -5.00 -6.52
C PHE B 25 13.08 -4.79 -5.91
N ILE B 26 13.94 -4.02 -6.59
CA ILE B 26 15.32 -3.79 -6.14
C ILE B 26 15.41 -2.80 -4.97
N GLY B 27 16.46 -3.01 -4.20
CA GLY B 27 16.92 -2.14 -3.16
C GLY B 27 18.10 -2.84 -2.53
N HIS B 28 18.93 -2.17 -1.71
CA HIS B 28 20.13 -2.85 -1.23
C HIS B 28 19.91 -4.17 -0.52
N THR B 29 18.74 -4.30 0.13
CA THR B 29 18.47 -5.59 0.83
C THR B 29 18.12 -6.72 -0.12
N SER B 30 17.69 -6.39 -1.39
CA SER B 30 17.40 -7.41 -2.37
C SER B 30 18.54 -7.52 -3.39
N HIS B 31 19.66 -6.79 -3.23
CA HIS B 31 20.74 -6.85 -4.24
C HIS B 31 21.30 -8.24 -4.44
N PHE B 32 21.60 -8.95 -3.36
CA PHE B 32 22.17 -10.30 -3.48
C PHE B 32 21.18 -11.24 -4.13
N VAL B 33 19.92 -11.19 -3.75
CA VAL B 33 18.86 -12.01 -4.37
C VAL B 33 18.73 -11.69 -5.87
N ALA B 34 18.69 -10.43 -6.25
CA ALA B 34 18.61 -10.10 -7.66
C ALA B 34 19.82 -10.62 -8.43
N ASP B 35 21.00 -10.45 -7.87
CA ASP B 35 22.27 -11.01 -8.50
C ASP B 35 22.14 -12.52 -8.61
N ALA B 36 21.63 -13.19 -7.59
CA ALA B 36 21.49 -14.67 -7.68
C ALA B 36 20.46 -15.05 -8.71
N PHE B 37 19.35 -14.36 -8.84
CA PHE B 37 18.32 -14.72 -9.83
C PHE B 37 18.93 -14.55 -11.23
N SER B 38 19.87 -13.63 -11.42
CA SER B 38 20.40 -13.34 -12.79
C SER B 38 21.20 -14.57 -13.22
N LYS B 39 21.65 -15.42 -12.31
CA LYS B 39 22.35 -16.68 -12.61
C LYS B 39 21.46 -17.92 -12.83
N SER B 40 20.16 -17.75 -12.73
CA SER B 40 19.14 -18.78 -12.81
C SER B 40 18.31 -18.65 -14.05
N HIS B 41 17.61 -19.71 -14.42
CA HIS B 41 16.67 -19.58 -15.50
C HIS B 41 15.41 -18.77 -15.14
N LEU B 42 15.21 -18.50 -13.85
CA LEU B 42 14.16 -17.52 -13.47
C LEU B 42 14.53 -16.07 -13.72
N GLY B 43 15.80 -15.79 -13.94
CA GLY B 43 16.27 -14.39 -14.12
C GLY B 43 15.75 -13.69 -15.34
N LYS B 44 15.45 -14.46 -16.36
CA LYS B 44 15.16 -13.82 -17.62
C LYS B 44 13.86 -13.14 -17.57
N ARG B 45 12.91 -13.82 -17.05
CA ARG B 45 11.55 -13.33 -17.10
C ARG B 45 11.06 -12.41 -15.93
N VAL B 46 11.89 -12.12 -14.91
CA VAL B 46 11.52 -11.31 -13.69
C VAL B 46 10.76 -10.08 -14.16
N ILE B 47 9.69 -9.80 -13.42
CA ILE B 47 8.92 -8.54 -13.59
C ILE B 47 9.34 -7.56 -12.51
N ASN B 48 9.76 -6.35 -12.86
CA ASN B 48 10.04 -5.28 -11.92
C ASN B 48 8.91 -4.29 -12.04
N PRO B 49 7.94 -4.31 -11.09
CA PRO B 49 6.73 -3.51 -11.23
C PRO B 49 6.93 -2.04 -10.82
N ALA B 50 6.01 -1.18 -11.22
CA ALA B 50 6.10 0.20 -10.84
C ALA B 50 6.02 0.36 -9.32
N THR B 51 5.15 -0.41 -8.66
CA THR B 51 5.12 -0.42 -7.18
C THR B 51 4.97 -1.81 -6.67
N GLU B 52 5.34 -2.02 -5.39
CA GLU B 52 5.20 -3.35 -4.84
C GLU B 52 3.78 -3.85 -4.69
N LEU B 53 2.82 -2.96 -4.46
CA LEU B 53 1.44 -3.39 -4.38
C LEU B 53 0.94 -3.79 -5.77
N GLY B 54 1.31 -3.03 -6.80
CA GLY B 54 0.95 -3.51 -8.16
C GLY B 54 1.54 -4.82 -8.46
N GLY B 55 2.78 -5.05 -8.08
CA GLY B 55 3.40 -6.36 -8.27
C GLY B 55 2.73 -7.48 -7.50
N ALA B 56 2.30 -7.21 -6.26
CA ALA B 56 1.62 -8.22 -5.47
C ALA B 56 0.27 -8.56 -6.10
N TRP B 57 -0.38 -7.60 -6.72
CA TRP B 57 -1.61 -7.92 -7.45
C TRP B 57 -1.29 -8.79 -8.67
N MET B 58 -0.21 -8.58 -9.35
CA MET B 58 0.21 -9.46 -10.48
C MET B 58 0.41 -10.88 -9.99
N VAL B 59 1.09 -11.08 -8.84
CA VAL B 59 1.22 -12.40 -8.24
C VAL B 59 -0.12 -13.04 -8.04
N ASN B 60 -1.08 -12.27 -7.49
CA ASN B 60 -2.42 -12.83 -7.28
C ASN B 60 -3.12 -13.20 -8.58
N GLY B 61 -3.02 -12.39 -9.62
CA GLY B 61 -3.68 -12.79 -10.88
C GLY B 61 -3.05 -13.99 -11.49
N TYR B 62 -1.73 -14.10 -11.50
CA TYR B 62 -1.00 -15.23 -12.06
C TYR B 62 -1.41 -16.48 -11.31
N ASN B 63 -1.39 -16.46 -9.97
CA ASN B 63 -1.60 -17.64 -9.19
C ASN B 63 -3.08 -18.06 -9.10
N TYR B 64 -4.01 -17.09 -9.22
CA TYR B 64 -5.42 -17.41 -9.22
C TYR B 64 -5.70 -18.34 -10.41
N VAL B 65 -5.15 -18.02 -11.55
CA VAL B 65 -5.43 -18.83 -12.74
CA VAL B 65 -5.36 -18.78 -12.78
C VAL B 65 -4.64 -20.11 -12.74
N LYS B 66 -3.49 -20.18 -12.07
CA LYS B 66 -2.70 -21.45 -12.03
C LYS B 66 -3.08 -22.36 -10.92
N ASP B 67 -3.70 -21.92 -9.81
CA ASP B 67 -4.02 -22.72 -8.66
C ASP B 67 -2.79 -23.33 -8.00
N ARG B 68 -1.70 -22.57 -8.04
CA ARG B 68 -0.48 -22.91 -7.32
C ARG B 68 0.36 -21.61 -7.21
N SER B 69 1.40 -21.62 -6.32
CA SER B 69 2.24 -20.43 -6.17
C SER B 69 3.35 -20.46 -7.22
N ALA B 70 2.92 -20.40 -8.48
CA ALA B 70 3.83 -20.35 -9.61
C ALA B 70 4.53 -19.01 -9.74
N ALA B 71 3.92 -17.93 -9.34
CA ALA B 71 4.55 -16.60 -9.23
C ALA B 71 4.90 -16.38 -7.74
N VAL B 72 6.05 -15.74 -7.53
CA VAL B 72 6.57 -15.44 -6.15
CA VAL B 72 6.47 -15.40 -6.15
C VAL B 72 6.95 -13.97 -6.12
N GLY B 73 6.77 -13.30 -5.00
CA GLY B 73 7.30 -11.99 -4.80
C GLY B 73 8.60 -11.98 -4.03
N ALA B 74 9.49 -11.02 -4.40
CA ALA B 74 10.78 -10.87 -3.75
C ALA B 74 11.07 -9.40 -3.60
N TRP B 75 11.12 -8.92 -2.35
CA TRP B 75 10.98 -7.47 -2.10
C TRP B 75 12.03 -6.92 -1.14
N HIS B 76 12.68 -5.85 -1.52
CA HIS B 76 13.48 -5.01 -0.60
C HIS B 76 12.68 -4.49 0.59
N CYS B 77 13.23 -4.64 1.77
CA CYS B 77 12.68 -4.31 3.06
C CYS B 77 11.41 -3.46 3.01
N VAL B 78 11.50 -2.10 2.99
CA VAL B 78 10.35 -1.28 3.14
C VAL B 78 9.28 -1.43 2.06
N GLY B 79 9.63 -1.96 0.89
CA GLY B 79 8.61 -2.24 -0.09
C GLY B 79 7.65 -3.32 0.39
N ASN B 80 8.07 -4.16 1.33
CA ASN B 80 7.14 -5.14 1.92
C ASN B 80 5.96 -4.47 2.59
N LEU B 81 6.16 -3.23 3.03
CA LEU B 81 5.07 -2.51 3.71
C LEU B 81 3.89 -2.16 2.83
N LEU B 82 4.02 -2.37 1.52
CA LEU B 82 2.93 -2.10 0.60
C LEU B 82 2.14 -3.38 0.25
N LEU B 83 2.46 -4.54 0.84
CA LEU B 83 1.87 -5.80 0.38
C LEU B 83 0.50 -6.07 0.99
N HIS B 84 0.12 -5.48 2.13
CA HIS B 84 -0.94 -6.04 2.94
C HIS B 84 -2.27 -6.15 2.20
N ALA B 85 -2.67 -5.20 1.36
CA ALA B 85 -3.98 -5.35 0.70
C ALA B 85 -4.07 -6.56 -0.19
N ALA B 86 -3.07 -6.73 -1.07
CA ALA B 86 -3.08 -7.90 -1.95
C ALA B 86 -2.94 -9.16 -1.14
N MET B 87 -2.16 -9.16 -0.09
CA MET B 87 -2.02 -10.37 0.74
C MET B 87 -3.30 -10.78 1.41
N GLN B 88 -4.09 -9.78 1.83
CA GLN B 88 -5.39 -10.09 2.46
C GLN B 88 -6.33 -10.75 1.46
N GLU B 89 -6.42 -10.22 0.23
CA GLU B 89 -7.22 -10.90 -0.85
C GLU B 89 -6.77 -12.33 -1.02
N ALA B 90 -5.44 -12.56 -1.07
CA ALA B 90 -4.97 -13.93 -1.23
C ALA B 90 -5.45 -14.84 -0.11
N ARG B 91 -5.48 -14.33 1.12
N ARG B 91 -5.48 -14.35 1.12
CA ARG B 91 -5.89 -15.10 2.33
CA ARG B 91 -5.89 -15.18 2.22
C ARG B 91 -7.36 -15.56 2.28
C ARG B 91 -7.36 -15.58 2.06
N THR B 92 -8.28 -14.59 2.12
CA THR B 92 -9.70 -14.96 2.11
C THR B 92 -10.12 -15.53 0.76
N GLY B 93 -9.46 -15.13 -0.32
CA GLY B 93 -9.76 -15.60 -1.68
C GLY B 93 -9.03 -16.88 -2.04
N ARG B 94 -8.30 -17.50 -1.14
CA ARG B 94 -7.71 -18.83 -1.43
C ARG B 94 -6.80 -18.83 -2.61
N ILE B 95 -5.91 -17.82 -2.65
CA ILE B 95 -4.92 -17.75 -3.70
C ILE B 95 -3.57 -18.15 -3.14
N PRO B 96 -2.95 -19.21 -3.64
CA PRO B 96 -1.61 -19.52 -3.15
C PRO B 96 -0.59 -18.50 -3.55
N ALA B 97 0.24 -18.04 -2.59
CA ALA B 97 1.18 -16.93 -2.97
C ALA B 97 2.32 -16.94 -1.95
N VAL B 98 3.53 -17.10 -2.38
CA VAL B 98 4.71 -16.98 -1.52
C VAL B 98 5.38 -15.64 -1.77
N HIS B 99 5.66 -14.89 -0.66
CA HIS B 99 6.33 -13.61 -0.68
C HIS B 99 7.58 -13.67 0.21
N ILE B 100 8.72 -13.34 -0.37
CA ILE B 100 10.00 -13.33 0.32
C ILE B 100 10.39 -11.85 0.52
N GLY B 101 10.37 -11.46 1.78
CA GLY B 101 10.80 -10.11 2.16
C GLY B 101 12.18 -10.10 2.70
N LEU B 102 13.08 -9.31 2.12
CA LEU B 102 14.46 -9.18 2.57
C LEU B 102 14.50 -7.98 3.51
N ASN B 103 14.67 -8.22 4.79
CA ASN B 103 14.68 -7.18 5.78
C ASN B 103 16.12 -6.58 5.87
N SER B 104 16.19 -5.49 6.62
CA SER B 104 17.51 -4.88 6.93
C SER B 104 18.39 -5.76 7.81
N ASP B 105 19.67 -5.37 7.97
CA ASP B 105 20.68 -6.20 8.65
C ASP B 105 20.20 -6.57 10.02
N GLY B 106 20.28 -7.89 10.31
CA GLY B 106 19.88 -8.39 11.63
C GLY B 106 20.75 -7.86 12.76
N ARG B 107 21.95 -7.38 12.46
CA ARG B 107 22.74 -6.74 13.52
C ARG B 107 22.06 -5.49 14.03
N LEU B 108 21.25 -4.80 13.25
CA LEU B 108 20.68 -3.52 13.58
C LEU B 108 19.26 -3.68 14.15
N ALA B 109 18.71 -4.87 14.11
CA ALA B 109 17.35 -5.12 14.61
C ALA B 109 17.18 -4.80 16.07
N GLY B 110 16.04 -4.25 16.43
CA GLY B 110 15.69 -3.96 17.81
C GLY B 110 16.25 -2.63 18.29
N ARG B 111 17.02 -1.94 17.47
CA ARG B 111 17.56 -0.60 17.85
C ARG B 111 16.51 0.43 17.63
N SER B 112 16.32 1.30 18.65
CA SER B 112 15.19 2.10 18.54
C SER B 112 15.17 3.14 17.44
N GLU B 113 16.35 3.54 17.02
CA GLU B 113 16.51 4.57 15.98
C GLU B 113 17.02 4.01 14.67
N ALA B 114 16.77 2.72 14.48
CA ALA B 114 17.14 2.08 13.24
C ALA B 114 16.30 2.49 12.07
N ALA B 115 16.81 2.43 10.87
CA ALA B 115 16.06 2.77 9.62
C ALA B 115 15.70 1.42 8.96
N GLN B 116 14.52 1.35 8.44
CA GLN B 116 14.12 0.25 7.55
C GLN B 116 14.14 -1.11 8.21
N GLN B 117 13.87 -1.13 9.50
CA GLN B 117 13.66 -2.42 10.20
C GLN B 117 12.18 -2.71 10.09
N VAL B 118 11.80 -3.56 9.16
CA VAL B 118 10.40 -3.74 8.80
C VAL B 118 9.67 -4.60 9.85
N PRO B 119 8.50 -4.15 10.30
CA PRO B 119 7.72 -4.87 11.26
C PRO B 119 7.00 -6.07 10.62
N TRP B 120 7.71 -7.15 10.41
CA TRP B 120 7.14 -8.36 9.83
C TRP B 120 5.96 -8.91 10.63
N GLN B 121 5.86 -8.56 11.92
N GLN B 121 5.88 -8.50 11.91
CA GLN B 121 4.71 -9.03 12.68
CA GLN B 121 4.77 -8.90 12.77
C GLN B 121 3.42 -8.35 12.24
C GLN B 121 3.47 -8.38 12.23
N SER B 122 3.46 -7.30 11.40
CA SER B 122 2.25 -6.74 10.81
C SER B 122 1.58 -7.72 9.87
N PHE B 123 2.30 -8.75 9.36
CA PHE B 123 1.72 -9.76 8.49
C PHE B 123 1.06 -10.88 9.26
N THR B 124 1.36 -11.09 10.52
CA THR B 124 0.83 -12.23 11.31
C THR B 124 -0.68 -12.36 11.20
N PRO B 125 -1.46 -11.27 11.27
CA PRO B 125 -2.92 -11.42 11.20
C PRO B 125 -3.42 -11.61 9.81
N ILE B 126 -2.56 -11.61 8.81
CA ILE B 126 -2.99 -11.64 7.39
C ILE B 126 -2.52 -12.91 6.70
N ALA B 127 -1.23 -13.17 6.64
CA ALA B 127 -0.74 -14.36 5.94
C ALA B 127 -1.23 -15.64 6.63
N ARG B 128 -1.40 -16.71 5.81
N ARG B 128 -1.37 -16.73 5.84
CA ARG B 128 -1.65 -18.01 6.42
CA ARG B 128 -1.60 -18.05 6.48
C ARG B 128 -0.46 -18.49 7.24
C ARG B 128 -0.40 -18.63 7.18
N SER B 129 0.77 -18.11 6.77
CA SER B 129 2.03 -18.40 7.45
C SER B 129 2.92 -17.18 7.38
N THR B 130 3.43 -16.80 8.55
CA THR B 130 4.39 -15.71 8.70
C THR B 130 5.60 -16.23 9.41
N GLN B 131 6.79 -16.12 8.78
CA GLN B 131 8.03 -16.63 9.42
C GLN B 131 9.08 -15.59 9.37
N ARG B 132 9.79 -15.35 10.45
CA ARG B 132 11.08 -14.56 10.48
C ARG B 132 12.18 -15.56 10.61
N VAL B 133 13.04 -15.63 9.61
CA VAL B 133 14.24 -16.46 9.58
C VAL B 133 15.38 -15.78 10.37
N GLU B 134 15.91 -16.48 11.39
CA GLU B 134 17.00 -16.02 12.24
C GLU B 134 18.33 -16.47 11.77
N ARG B 135 18.39 -17.56 11.03
CA ARG B 135 19.65 -18.30 10.81
C ARG B 135 19.73 -18.70 9.37
N LEU B 136 20.93 -18.59 8.77
CA LEU B 136 21.12 -19.02 7.38
C LEU B 136 20.71 -20.45 7.11
N ASP B 137 21.04 -21.37 8.03
CA ASP B 137 20.72 -22.75 7.83
C ASP B 137 19.26 -23.13 7.89
N LYS B 138 18.42 -22.07 8.11
CA LYS B 138 16.93 -22.26 8.10
C LYS B 138 16.26 -21.69 6.88
N VAL B 139 17.02 -21.11 5.97
N VAL B 139 17.00 -21.08 5.94
CA VAL B 139 16.44 -20.44 4.79
CA VAL B 139 16.34 -20.47 4.76
C VAL B 139 15.70 -21.43 3.93
C VAL B 139 15.63 -21.48 3.91
N GLY B 140 16.28 -22.60 3.64
CA GLY B 140 15.57 -23.64 2.83
C GLY B 140 14.34 -24.19 3.47
N GLU B 141 14.50 -24.59 4.70
CA GLU B 141 13.42 -25.04 5.51
C GLU B 141 12.25 -24.05 5.55
N ALA B 142 12.51 -22.75 5.73
CA ALA B 142 11.42 -21.79 5.82
C ALA B 142 10.69 -21.70 4.47
N ILE B 143 11.42 -21.70 3.36
CA ILE B 143 10.77 -21.62 2.09
C ILE B 143 9.96 -22.90 1.79
N HIS B 144 10.49 -24.07 2.15
CA HIS B 144 9.70 -25.29 2.04
C HIS B 144 8.38 -25.19 2.77
N GLU B 145 8.43 -24.68 4.04
CA GLU B 145 7.24 -24.55 4.82
C GLU B 145 6.26 -23.57 4.19
N ALA B 146 6.77 -22.47 3.65
CA ALA B 146 5.91 -21.46 3.00
C ALA B 146 5.09 -22.04 1.85
N PHE B 147 5.75 -22.84 0.98
CA PHE B 147 5.02 -23.49 -0.12
C PHE B 147 4.04 -24.52 0.42
N ARG B 148 4.38 -25.28 1.44
CA ARG B 148 3.43 -26.21 2.05
C ARG B 148 2.17 -25.56 2.49
N VAL B 149 2.30 -24.45 3.19
CA VAL B 149 1.10 -23.71 3.64
C VAL B 149 0.38 -23.08 2.50
N ALA B 150 1.10 -22.43 1.58
CA ALA B 150 0.43 -21.67 0.54
C ALA B 150 -0.41 -22.57 -0.34
N GLU B 151 0.08 -23.78 -0.62
CA GLU B 151 -0.57 -24.70 -1.56
C GLU B 151 -1.36 -25.78 -0.91
N GLY B 152 -1.64 -25.62 0.37
CA GLY B 152 -2.51 -26.53 1.08
C GLY B 152 -3.97 -26.26 0.84
N HIS B 153 -4.81 -26.85 1.72
CA HIS B 153 -6.28 -26.63 1.71
C HIS B 153 -6.58 -26.11 3.07
N PRO B 154 -6.91 -24.83 3.24
CA PRO B 154 -7.14 -23.85 2.19
C PRO B 154 -5.79 -23.28 1.61
N ALA B 155 -5.83 -22.88 0.38
CA ALA B 155 -4.70 -22.16 -0.22
C ALA B 155 -4.64 -20.77 0.38
N GLY B 156 -3.42 -20.14 0.32
CA GLY B 156 -3.31 -18.75 0.75
C GLY B 156 -1.88 -18.25 0.68
N PRO B 157 -1.65 -17.06 1.24
CA PRO B 157 -0.32 -16.43 1.17
C PRO B 157 0.58 -16.84 2.36
N ALA B 158 1.86 -16.92 2.02
CA ALA B 158 2.87 -17.16 3.01
C ALA B 158 3.95 -16.13 2.87
N TYR B 159 4.36 -15.51 3.98
CA TYR B 159 5.37 -14.46 4.03
C TYR B 159 6.55 -14.97 4.81
N VAL B 160 7.76 -14.77 4.25
CA VAL B 160 9.05 -15.17 4.83
C VAL B 160 9.92 -13.94 4.89
N ASP B 161 10.32 -13.52 6.11
CA ASP B 161 11.14 -12.34 6.39
C ASP B 161 12.55 -12.82 6.64
N ILE B 162 13.51 -12.34 5.84
CA ILE B 162 14.92 -12.81 5.94
C ILE B 162 15.78 -11.58 6.06
N PRO B 163 16.46 -11.39 7.21
CA PRO B 163 17.40 -10.26 7.29
C PRO B 163 18.51 -10.43 6.23
N PHE B 164 18.80 -9.36 5.48
CA PHE B 164 19.54 -9.58 4.23
C PHE B 164 21.01 -9.91 4.41
N ASP B 165 21.58 -9.67 5.62
CA ASP B 165 22.91 -10.20 5.86
C ASP B 165 22.99 -11.72 5.68
N LEU B 166 21.92 -12.44 5.90
CA LEU B 166 21.92 -13.86 5.66
C LEU B 166 22.03 -14.19 4.23
N THR B 167 21.57 -13.29 3.33
CA THR B 167 21.62 -13.54 1.89
C THR B 167 23.03 -13.35 1.36
N ALA B 168 23.85 -12.57 2.09
CA ALA B 168 25.27 -12.37 1.70
C ALA B 168 26.14 -13.47 2.26
N ASP B 169 25.82 -13.91 3.45
CA ASP B 169 26.59 -14.99 4.16
C ASP B 169 26.60 -16.24 3.33
N GLN B 170 27.62 -17.11 3.62
CA GLN B 170 27.85 -18.32 2.90
C GLN B 170 27.92 -19.54 3.86
N ILE B 171 27.49 -20.65 3.28
CA ILE B 171 27.45 -21.87 4.13
C ILE B 171 27.55 -23.01 3.21
N ASP B 172 28.07 -24.13 3.80
CA ASP B 172 28.01 -25.31 3.02
C ASP B 172 26.54 -25.87 2.85
N ASP B 173 26.21 -26.15 1.64
CA ASP B 173 24.84 -26.36 1.16
C ASP B 173 24.26 -27.78 1.38
N LYS B 174 25.07 -28.69 1.87
CA LYS B 174 24.61 -30.11 1.93
C LYS B 174 23.22 -30.25 2.67
N ALA B 175 22.25 -30.74 1.94
CA ALA B 175 20.89 -31.05 2.49
C ALA B 175 20.12 -29.82 2.94
N LEU B 176 20.65 -28.63 2.67
CA LEU B 176 20.03 -27.41 3.25
C LEU B 176 18.69 -27.07 2.59
N VAL B 177 18.56 -27.25 1.31
CA VAL B 177 17.34 -27.06 0.56
C VAL B 177 16.60 -28.41 0.56
N PRO B 178 15.43 -28.55 1.21
CA PRO B 178 14.76 -29.91 1.22
C PRO B 178 14.29 -30.29 -0.19
N ARG B 179 14.73 -31.46 -0.68
CA ARG B 179 14.39 -31.88 -2.06
C ARG B 179 13.68 -33.24 -2.05
N GLY B 180 12.92 -33.46 -3.11
CA GLY B 180 12.43 -34.81 -3.30
C GLY B 180 11.12 -35.25 -2.63
N ALA B 181 10.42 -34.30 -2.07
CA ALA B 181 9.11 -34.61 -1.43
C ALA B 181 8.08 -34.95 -2.50
N THR B 182 7.18 -35.91 -2.20
CA THR B 182 5.94 -36.03 -2.94
C THR B 182 4.73 -35.72 -2.02
N ARG B 183 3.95 -34.75 -2.39
CA ARG B 183 2.81 -34.33 -1.58
C ARG B 183 1.72 -35.41 -1.52
N ALA B 184 0.92 -35.40 -0.44
CA ALA B 184 -0.26 -36.27 -0.35
C ALA B 184 -1.25 -35.93 -1.47
N LYS B 185 -1.92 -36.95 -1.96
CA LYS B 185 -2.98 -36.75 -2.98
C LYS B 185 -4.12 -35.95 -2.34
N SER B 186 -4.81 -35.15 -3.14
CA SER B 186 -5.95 -34.39 -2.63
C SER B 186 -7.28 -34.98 -3.16
N VAL B 187 -7.25 -36.16 -3.78
CA VAL B 187 -8.42 -36.92 -4.23
C VAL B 187 -9.08 -37.66 -3.07
N LEU B 188 -9.53 -36.94 -2.07
CA LEU B 188 -10.14 -37.50 -0.90
C LEU B 188 -11.57 -38.03 -1.28
N HIS B 189 -11.77 -39.30 -0.96
CA HIS B 189 -13.02 -40.01 -1.29
C HIS B 189 -13.98 -39.92 -0.12
N ALA B 190 -15.26 -39.81 -0.38
CA ALA B 190 -16.32 -39.75 0.62
C ALA B 190 -16.70 -41.15 1.10
N PRO B 191 -17.22 -41.34 2.31
CA PRO B 191 -17.80 -42.65 2.73
C PRO B 191 -18.98 -43.00 1.81
N ASN B 192 -19.10 -44.30 1.49
CA ASN B 192 -20.16 -44.73 0.58
C ASN B 192 -21.56 -44.37 1.07
N GLU B 193 -21.76 -44.44 2.35
CA GLU B 193 -23.04 -44.04 2.94
C GLU B 193 -23.42 -42.59 2.67
N ASP B 194 -22.45 -41.69 2.68
CA ASP B 194 -22.69 -40.27 2.38
C ASP B 194 -22.98 -40.05 0.92
N VAL B 195 -22.26 -40.79 0.08
CA VAL B 195 -22.50 -40.72 -1.37
C VAL B 195 -23.97 -41.17 -1.64
N ARG B 196 -24.37 -42.26 -1.03
N ARG B 196 -24.35 -42.27 -1.00
CA ARG B 196 -25.71 -42.80 -1.33
CA ARG B 196 -25.73 -42.83 -1.16
C ARG B 196 -26.83 -41.94 -0.67
C ARG B 196 -26.80 -41.89 -0.71
N GLU B 197 -26.55 -41.24 0.45
CA GLU B 197 -27.48 -40.28 0.96
C GLU B 197 -27.64 -39.07 0.06
N ALA B 198 -26.52 -38.50 -0.44
CA ALA B 198 -26.59 -37.46 -1.38
C ALA B 198 -27.35 -37.85 -2.66
N ALA B 199 -27.11 -39.07 -3.19
CA ALA B 199 -27.78 -39.50 -4.42
C ALA B 199 -29.29 -39.63 -4.15
N ALA B 200 -29.63 -40.14 -2.98
CA ALA B 200 -31.06 -40.33 -2.61
C ALA B 200 -31.79 -38.99 -2.52
N GLN B 201 -31.09 -37.96 -2.00
CA GLN B 201 -31.75 -36.62 -1.89
C GLN B 201 -31.90 -35.98 -3.24
N LEU B 202 -30.89 -36.15 -4.06
CA LEU B 202 -30.88 -35.59 -5.37
C LEU B 202 -32.05 -36.09 -6.24
N VAL B 203 -32.26 -37.41 -6.16
N VAL B 203 -32.29 -37.40 -6.17
CA VAL B 203 -33.24 -38.10 -6.97
CA VAL B 203 -33.29 -38.03 -7.04
C VAL B 203 -34.64 -37.75 -6.46
C VAL B 203 -34.70 -37.82 -6.46
N ALA B 204 -34.80 -37.70 -5.14
CA ALA B 204 -36.10 -37.40 -4.47
C ALA B 204 -36.61 -35.97 -4.62
N ALA B 205 -35.71 -34.99 -4.89
CA ALA B 205 -36.10 -33.61 -4.87
C ALA B 205 -36.95 -33.32 -6.07
N LYS B 206 -37.90 -32.40 -5.91
CA LYS B 206 -38.68 -31.89 -7.06
C LYS B 206 -37.99 -30.83 -7.86
N ASN B 207 -37.11 -30.00 -7.23
CA ASN B 207 -36.52 -28.90 -7.93
C ASN B 207 -35.03 -28.76 -7.42
N PRO B 208 -34.23 -29.78 -7.63
CA PRO B 208 -32.83 -29.78 -7.15
C PRO B 208 -31.99 -28.79 -7.94
N VAL B 209 -30.85 -28.44 -7.30
CA VAL B 209 -29.78 -27.59 -7.95
C VAL B 209 -28.45 -28.11 -7.48
N ILE B 210 -27.46 -28.12 -8.40
CA ILE B 210 -26.05 -28.30 -8.06
C ILE B 210 -25.43 -26.94 -8.06
N LEU B 211 -24.81 -26.62 -6.92
CA LEU B 211 -24.09 -25.33 -6.75
C LEU B 211 -22.57 -25.67 -6.74
N ALA B 212 -21.91 -25.19 -7.78
CA ALA B 212 -20.49 -25.46 -7.95
C ALA B 212 -19.67 -24.17 -7.77
N GLY B 213 -18.80 -24.21 -6.81
CA GLY B 213 -17.89 -23.10 -6.51
C GLY B 213 -16.48 -23.30 -7.05
N GLY B 214 -15.61 -22.40 -6.57
CA GLY B 214 -14.24 -22.39 -7.04
C GLY B 214 -13.51 -23.66 -6.72
N GLY B 215 -13.91 -24.42 -5.72
CA GLY B 215 -13.29 -25.71 -5.48
C GLY B 215 -13.47 -26.69 -6.63
N VAL B 216 -14.57 -26.61 -7.38
CA VAL B 216 -14.69 -27.47 -8.55
C VAL B 216 -13.61 -27.13 -9.58
N ALA B 217 -13.27 -25.86 -9.72
CA ALA B 217 -12.17 -25.45 -10.60
C ALA B 217 -10.88 -25.96 -10.09
N ARG B 218 -10.57 -25.81 -8.79
CA ARG B 218 -9.28 -26.30 -8.26
C ARG B 218 -9.20 -27.82 -8.43
N SER B 219 -10.32 -28.51 -8.23
CA SER B 219 -10.41 -30.00 -8.33
C SER B 219 -10.21 -30.53 -9.74
N GLY B 220 -10.48 -29.69 -10.73
CA GLY B 220 -10.49 -30.18 -12.08
C GLY B 220 -11.74 -30.94 -12.41
N GLY B 221 -12.87 -30.57 -11.82
CA GLY B 221 -14.12 -31.33 -11.94
C GLY B 221 -15.07 -31.01 -13.07
N SER B 222 -14.67 -30.26 -14.10
CA SER B 222 -15.59 -29.84 -15.13
C SER B 222 -16.24 -31.03 -15.83
N GLU B 223 -15.47 -32.01 -16.22
CA GLU B 223 -16.02 -33.16 -16.98
C GLU B 223 -16.96 -33.98 -16.15
N ALA B 224 -16.64 -34.23 -14.87
CA ALA B 224 -17.50 -34.94 -13.99
C ALA B 224 -18.81 -34.20 -13.74
N LEU B 225 -18.75 -32.89 -13.57
CA LEU B 225 -19.93 -32.06 -13.36
C LEU B 225 -20.87 -32.10 -14.59
N LEU B 226 -20.30 -32.01 -15.80
CA LEU B 226 -21.12 -32.08 -17.00
C LEU B 226 -21.85 -33.42 -17.08
N LYS B 227 -21.17 -34.51 -16.81
CA LYS B 227 -21.78 -35.85 -16.80
C LYS B 227 -22.84 -35.97 -15.73
N LEU B 228 -22.52 -35.53 -14.51
CA LEU B 228 -23.49 -35.63 -13.41
C LEU B 228 -24.72 -34.80 -13.72
N ALA B 229 -24.56 -33.54 -14.13
CA ALA B 229 -25.72 -32.67 -14.32
C ALA B 229 -26.64 -33.23 -15.42
N GLU B 230 -26.04 -33.72 -16.49
CA GLU B 230 -26.90 -34.29 -17.58
C GLU B 230 -27.51 -35.64 -17.14
N MET B 231 -26.84 -36.41 -16.33
CA MET B 231 -27.35 -37.74 -15.90
C MET B 231 -28.58 -37.57 -15.06
N VAL B 232 -28.54 -36.68 -14.04
CA VAL B 232 -29.68 -36.46 -13.17
C VAL B 232 -30.61 -35.45 -13.76
N GLY B 233 -30.17 -34.58 -14.67
CA GLY B 233 -31.04 -33.57 -15.24
C GLY B 233 -31.30 -32.45 -14.28
N VAL B 234 -30.24 -31.88 -13.73
CA VAL B 234 -30.34 -30.88 -12.65
C VAL B 234 -29.64 -29.62 -13.09
N PRO B 235 -30.30 -28.47 -12.96
CA PRO B 235 -29.67 -27.16 -13.29
C PRO B 235 -28.43 -26.88 -12.35
N VAL B 236 -27.47 -26.18 -12.96
CA VAL B 236 -26.19 -25.83 -12.30
C VAL B 236 -26.15 -24.31 -12.09
N VAL B 237 -25.88 -23.98 -10.81
CA VAL B 237 -25.63 -22.59 -10.34
C VAL B 237 -24.17 -22.65 -9.94
N THR B 238 -23.49 -21.51 -10.20
CA THR B 238 -22.08 -21.34 -9.67
C THR B 238 -21.98 -20.21 -8.70
N THR B 239 -20.80 -20.16 -8.05
CA THR B 239 -20.30 -18.92 -7.52
C THR B 239 -19.51 -18.19 -8.58
N SER B 240 -19.06 -16.98 -8.28
CA SER B 240 -18.27 -16.21 -9.23
C SER B 240 -16.96 -16.82 -9.50
N THR B 241 -16.34 -17.54 -8.57
CA THR B 241 -15.08 -18.24 -8.84
C THR B 241 -15.28 -19.61 -9.52
N GLY B 242 -16.50 -20.16 -9.41
CA GLY B 242 -16.83 -21.37 -10.14
C GLY B 242 -17.36 -21.15 -11.53
N ALA B 243 -17.78 -19.94 -11.87
CA ALA B 243 -18.38 -19.72 -13.18
C ALA B 243 -17.40 -20.28 -14.22
N GLY B 244 -17.92 -20.94 -15.25
CA GLY B 244 -17.08 -21.55 -16.29
C GLY B 244 -16.77 -23.00 -16.06
N VAL B 245 -16.90 -23.55 -14.87
CA VAL B 245 -16.74 -24.98 -14.67
C VAL B 245 -17.83 -25.78 -15.39
N PHE B 246 -18.97 -25.16 -15.65
CA PHE B 246 -20.09 -25.77 -16.39
C PHE B 246 -20.32 -24.84 -17.58
N PRO B 247 -20.37 -25.33 -18.87
CA PRO B 247 -20.49 -24.39 -19.97
C PRO B 247 -21.69 -23.53 -19.94
N GLU B 248 -21.54 -22.22 -19.97
CA GLU B 248 -22.69 -21.35 -19.71
C GLU B 248 -23.62 -21.20 -20.91
N THR B 249 -23.28 -21.83 -22.02
CA THR B 249 -24.22 -21.95 -23.17
C THR B 249 -25.13 -23.12 -23.00
N HIS B 250 -24.97 -23.97 -21.98
CA HIS B 250 -25.73 -25.22 -21.83
C HIS B 250 -27.11 -24.89 -21.33
N ALA B 251 -28.13 -25.63 -21.81
CA ALA B 251 -29.50 -25.36 -21.33
C ALA B 251 -29.73 -25.47 -19.81
N LEU B 252 -28.89 -26.28 -19.14
CA LEU B 252 -28.94 -26.43 -17.67
C LEU B 252 -28.20 -25.29 -16.91
N ALA B 253 -27.49 -24.45 -17.64
CA ALA B 253 -26.64 -23.42 -16.94
C ALA B 253 -27.49 -22.24 -16.52
N MET B 254 -27.59 -22.00 -15.19
CA MET B 254 -28.21 -20.84 -14.69
C MET B 254 -27.32 -19.64 -14.42
N GLY B 255 -26.02 -19.85 -14.55
CA GLY B 255 -25.08 -18.82 -14.17
C GLY B 255 -24.80 -18.79 -12.66
N SER B 256 -24.22 -17.65 -12.27
CA SER B 256 -23.77 -17.48 -10.88
C SER B 256 -24.89 -16.84 -10.05
N ALA B 257 -25.09 -17.36 -8.87
CA ALA B 257 -25.96 -16.74 -7.89
C ALA B 257 -25.19 -15.64 -7.18
N GLY B 258 -25.90 -14.75 -6.57
CA GLY B 258 -25.34 -13.70 -5.70
C GLY B 258 -25.76 -12.35 -6.12
N PHE B 259 -25.34 -11.31 -5.38
CA PHE B 259 -25.93 -9.99 -5.66
CA PHE B 259 -25.87 -9.95 -5.62
C PHE B 259 -25.37 -9.28 -6.88
N CYS B 260 -24.26 -9.72 -7.48
N CYS B 260 -24.36 -9.85 -7.46
CA CYS B 260 -23.81 -9.31 -8.85
CA CYS B 260 -23.80 -9.37 -8.66
C CYS B 260 -23.89 -10.46 -9.86
C CYS B 260 -23.92 -10.35 -9.83
N GLY B 261 -24.75 -11.38 -9.56
CA GLY B 261 -24.93 -12.57 -10.43
C GLY B 261 -26.05 -12.45 -11.43
N TRP B 262 -26.42 -13.60 -11.91
CA TRP B 262 -27.45 -13.73 -12.97
C TRP B 262 -28.77 -14.00 -12.24
N LYS B 263 -29.85 -13.26 -12.69
CA LYS B 263 -31.13 -13.47 -12.04
C LYS B 263 -31.63 -14.88 -12.24
N SER B 264 -31.25 -15.58 -13.32
CA SER B 264 -31.68 -16.92 -13.47
C SER B 264 -31.24 -17.82 -12.34
N ALA B 265 -29.98 -17.58 -11.89
CA ALA B 265 -29.45 -18.33 -10.79
C ALA B 265 -30.07 -18.00 -9.46
N ASN B 266 -30.30 -16.72 -9.20
CA ASN B 266 -31.04 -16.31 -7.98
C ASN B 266 -32.48 -16.83 -7.98
N ASP B 267 -33.09 -16.82 -9.15
CA ASP B 267 -34.47 -17.42 -9.23
C ASP B 267 -34.42 -18.89 -8.96
N MET B 268 -33.45 -19.64 -9.55
CA MET B 268 -33.33 -21.02 -9.30
C MET B 268 -33.10 -21.39 -7.85
N MET B 269 -32.19 -20.63 -7.21
CA MET B 269 -31.93 -20.89 -5.80
C MET B 269 -33.15 -20.57 -4.91
N ALA B 270 -33.94 -19.57 -5.30
CA ALA B 270 -35.21 -19.26 -4.55
C ALA B 270 -36.25 -20.36 -4.77
N ALA B 271 -36.18 -21.09 -5.88
CA ALA B 271 -37.17 -22.21 -6.23
C ALA B 271 -36.76 -23.55 -5.73
N ALA B 272 -35.50 -23.77 -5.39
CA ALA B 272 -34.99 -25.07 -5.15
C ALA B 272 -35.43 -25.65 -3.84
N ASP B 273 -35.69 -26.95 -3.84
CA ASP B 273 -35.94 -27.65 -2.62
C ASP B 273 -34.79 -28.45 -2.00
N PHE B 274 -33.68 -28.51 -2.76
CA PHE B 274 -32.49 -29.25 -2.36
C PHE B 274 -31.31 -28.72 -3.17
N VAL B 275 -30.15 -28.55 -2.49
CA VAL B 275 -28.90 -28.13 -3.18
C VAL B 275 -27.79 -29.07 -2.79
N LEU B 276 -27.06 -29.48 -3.82
CA LEU B 276 -25.77 -30.14 -3.61
C LEU B 276 -24.68 -29.11 -3.84
N VAL B 277 -24.03 -28.73 -2.74
CA VAL B 277 -22.99 -27.67 -2.78
C VAL B 277 -21.62 -28.37 -2.85
N LEU B 278 -20.89 -28.07 -3.92
CA LEU B 278 -19.57 -28.65 -4.16
C LEU B 278 -18.53 -27.48 -4.28
N GLY B 279 -17.57 -27.54 -3.36
CA GLY B 279 -16.44 -26.59 -3.48
C GLY B 279 -16.82 -25.09 -3.41
N SER B 280 -17.71 -24.78 -2.45
CA SER B 280 -18.08 -23.36 -2.13
C SER B 280 -17.96 -23.16 -0.66
N ARG B 281 -17.50 -22.00 -0.27
CA ARG B 281 -17.42 -21.62 1.14
C ARG B 281 -18.62 -20.80 1.59
N LEU B 282 -19.62 -20.64 0.72
CA LEU B 282 -20.90 -19.96 1.11
C LEU B 282 -20.63 -18.59 1.77
N SER B 283 -19.89 -17.71 1.06
CA SER B 283 -19.29 -16.53 1.69
C SER B 283 -20.22 -15.37 1.67
N ASP B 284 -19.84 -14.40 2.50
CA ASP B 284 -20.56 -13.13 2.72
C ASP B 284 -20.94 -12.41 1.46
N TRP B 285 -19.99 -12.09 0.56
CA TRP B 285 -20.30 -11.44 -0.69
C TRP B 285 -20.48 -12.43 -1.85
N GLY B 286 -20.57 -13.71 -1.49
CA GLY B 286 -20.98 -14.78 -2.38
C GLY B 286 -22.38 -15.26 -2.09
N ILE B 287 -22.50 -16.54 -1.90
CA ILE B 287 -23.84 -17.16 -1.81
C ILE B 287 -24.60 -16.61 -0.59
N ALA B 288 -23.95 -16.28 0.50
CA ALA B 288 -24.67 -15.80 1.71
C ALA B 288 -25.29 -14.43 1.54
N GLN B 289 -24.80 -13.62 0.60
CA GLN B 289 -25.29 -12.23 0.45
C GLN B 289 -25.50 -11.52 1.81
N GLY B 290 -24.43 -11.38 2.58
CA GLY B 290 -24.53 -10.73 3.86
C GLY B 290 -25.19 -11.53 4.92
N TYR B 291 -25.19 -12.85 4.77
CA TYR B 291 -25.82 -13.77 5.73
C TYR B 291 -27.30 -13.61 5.75
N ILE B 292 -27.87 -13.21 4.62
CA ILE B 292 -29.29 -13.05 4.46
C ILE B 292 -29.87 -14.18 3.68
N THR B 293 -29.12 -14.81 2.73
CA THR B 293 -29.71 -15.85 1.92
C THR B 293 -30.21 -16.99 2.73
N LYS B 294 -31.40 -17.47 2.37
CA LYS B 294 -31.99 -18.67 3.00
C LYS B 294 -31.67 -19.92 2.14
N MET B 295 -30.86 -20.80 2.68
CA MET B 295 -30.47 -21.99 1.94
C MET B 295 -31.57 -23.02 2.10
N PRO B 296 -31.97 -23.69 0.99
CA PRO B 296 -32.72 -24.88 1.04
C PRO B 296 -31.97 -25.98 1.81
N LYS B 297 -32.59 -27.07 2.20
CA LYS B 297 -31.86 -28.30 2.65
C LYS B 297 -30.70 -28.63 1.67
N PHE B 298 -29.52 -28.86 2.24
CA PHE B 298 -28.35 -29.04 1.36
C PHE B 298 -27.38 -30.03 1.92
N VAL B 299 -26.64 -30.67 0.99
CA VAL B 299 -25.46 -31.43 1.26
C VAL B 299 -24.23 -30.57 0.87
N HIS B 300 -23.24 -30.52 1.72
CA HIS B 300 -22.06 -29.70 1.56
C HIS B 300 -20.79 -30.50 1.51
N VAL B 301 -20.09 -30.46 0.35
CA VAL B 301 -18.85 -31.24 0.12
C VAL B 301 -17.67 -30.29 -0.08
N ASP B 302 -16.63 -30.40 0.77
CA ASP B 302 -15.47 -29.50 0.66
C ASP B 302 -14.28 -30.27 1.15
N THR B 303 -13.07 -29.86 0.68
CA THR B 303 -11.83 -30.38 1.28
C THR B 303 -11.41 -29.75 2.55
N ASP B 304 -11.99 -28.61 2.92
CA ASP B 304 -11.63 -27.80 4.14
C ASP B 304 -12.75 -27.90 5.16
N PRO B 305 -12.58 -28.72 6.19
CA PRO B 305 -13.64 -28.86 7.22
C PRO B 305 -14.05 -27.61 7.89
N ALA B 306 -13.19 -26.60 7.91
CA ALA B 306 -13.49 -25.35 8.57
C ALA B 306 -14.60 -24.59 7.90
N VAL B 307 -14.90 -24.82 6.62
CA VAL B 307 -16.03 -24.14 5.97
C VAL B 307 -17.34 -24.84 6.16
N LEU B 308 -17.28 -26.15 6.52
CA LEU B 308 -18.50 -26.98 6.60
C LEU B 308 -19.16 -26.74 7.95
N GLY B 309 -20.32 -26.13 7.91
CA GLY B 309 -21.14 -25.89 9.11
C GLY B 309 -20.71 -24.69 9.96
N THR B 310 -19.89 -23.81 9.42
CA THR B 310 -19.48 -22.61 10.17
C THR B 310 -20.67 -21.65 10.31
N PHE B 311 -21.54 -21.56 9.32
CA PHE B 311 -22.65 -20.63 9.38
C PHE B 311 -23.95 -21.34 8.97
N TYR B 312 -23.98 -21.87 7.75
CA TYR B 312 -25.16 -22.62 7.28
C TYR B 312 -25.02 -24.05 7.69
N PHE B 313 -25.98 -24.62 8.42
CA PHE B 313 -25.87 -26.00 8.84
C PHE B 313 -26.43 -26.93 7.72
N PRO B 314 -25.57 -27.83 7.18
CA PRO B 314 -26.09 -28.73 6.10
C PRO B 314 -26.91 -29.88 6.72
N LEU B 315 -27.75 -30.47 5.85
CA LEU B 315 -28.26 -31.80 6.14
C LEU B 315 -27.18 -32.85 6.36
N LEU B 316 -26.11 -32.72 5.59
CA LEU B 316 -24.99 -33.61 5.58
C LEU B 316 -23.71 -32.85 5.11
N SER B 317 -22.68 -32.89 5.92
CA SER B 317 -21.36 -32.31 5.64
C SER B 317 -20.42 -33.46 5.27
N VAL B 318 -19.63 -33.31 4.21
CA VAL B 318 -18.71 -34.35 3.68
C VAL B 318 -17.39 -33.69 3.36
N VAL B 319 -16.34 -34.23 4.01
CA VAL B 319 -14.95 -33.89 3.69
C VAL B 319 -14.53 -34.74 2.48
N ALA B 320 -14.49 -34.14 1.31
CA ALA B 320 -14.07 -34.88 0.08
C ALA B 320 -13.69 -33.93 -1.03
N ASP B 321 -12.91 -34.41 -2.01
CA ASP B 321 -12.62 -33.72 -3.21
C ASP B 321 -13.81 -33.65 -4.11
N ALA B 322 -14.08 -32.53 -4.74
CA ALA B 322 -15.27 -32.34 -5.55
C ALA B 322 -15.35 -33.27 -6.76
N LYS B 323 -14.29 -33.36 -7.56
CA LYS B 323 -14.31 -34.27 -8.72
C LYS B 323 -14.53 -35.70 -8.25
N THR B 324 -13.80 -36.11 -7.21
CA THR B 324 -13.91 -37.47 -6.69
C THR B 324 -15.32 -37.76 -6.26
N PHE B 325 -15.91 -36.86 -5.45
CA PHE B 325 -17.25 -37.04 -4.98
C PHE B 325 -18.22 -37.16 -6.16
N MET B 326 -18.13 -36.33 -7.19
CA MET B 326 -19.01 -36.44 -8.35
C MET B 326 -18.87 -37.82 -9.03
N GLU B 327 -17.65 -38.29 -9.17
CA GLU B 327 -17.35 -39.61 -9.80
C GLU B 327 -18.01 -40.66 -8.95
N GLN B 328 -17.91 -40.59 -7.65
CA GLN B 328 -18.56 -41.55 -6.75
C GLN B 328 -20.08 -41.52 -6.94
N LEU B 329 -20.67 -40.36 -7.07
N LEU B 329 -20.65 -40.34 -7.06
CA LEU B 329 -22.10 -40.25 -7.18
CA LEU B 329 -22.08 -40.17 -7.25
C LEU B 329 -22.60 -40.76 -8.55
C LEU B 329 -22.51 -40.86 -8.49
N ILE B 330 -21.83 -40.53 -9.60
CA ILE B 330 -22.16 -41.04 -10.94
C ILE B 330 -22.19 -42.57 -10.85
N GLU B 331 -21.29 -43.16 -10.11
CA GLU B 331 -21.24 -44.68 -10.00
C GLU B 331 -22.44 -45.22 -9.25
N VAL B 332 -22.94 -44.55 -8.21
CA VAL B 332 -23.98 -45.10 -7.40
C VAL B 332 -25.38 -44.77 -7.95
N LEU B 333 -25.54 -43.72 -8.74
CA LEU B 333 -26.87 -43.25 -9.13
C LEU B 333 -27.72 -44.38 -9.82
N PRO B 334 -27.10 -45.17 -10.67
CA PRO B 334 -27.99 -46.12 -11.41
C PRO B 334 -28.62 -47.13 -10.45
N GLY B 335 -27.98 -47.47 -9.34
CA GLY B 335 -28.54 -48.29 -8.30
C GLY B 335 -29.33 -47.61 -7.20
N THR B 336 -29.62 -46.33 -7.34
CA THR B 336 -30.30 -45.59 -6.31
C THR B 336 -31.81 -45.67 -6.60
N SER B 337 -32.54 -46.05 -5.57
CA SER B 337 -33.99 -46.13 -5.66
C SER B 337 -34.57 -44.85 -6.18
N GLY B 338 -35.41 -44.89 -7.21
CA GLY B 338 -36.02 -43.64 -7.71
C GLY B 338 -35.32 -43.08 -8.94
N PHE B 339 -34.10 -43.50 -9.21
CA PHE B 339 -33.34 -42.97 -10.34
C PHE B 339 -33.93 -43.47 -11.64
N LYS B 340 -34.13 -42.56 -12.56
CA LYS B 340 -34.55 -42.91 -13.93
C LYS B 340 -33.59 -42.36 -14.93
N ALA B 341 -33.08 -43.17 -15.83
CA ALA B 341 -32.20 -42.70 -16.89
C ALA B 341 -32.94 -42.16 -18.10
N VAL B 342 -33.13 -40.85 -18.13
CA VAL B 342 -33.76 -40.14 -19.24
C VAL B 342 -32.99 -38.87 -19.61
N ARG B 343 -33.20 -38.39 -20.84
CA ARG B 343 -32.53 -37.19 -21.35
C ARG B 343 -33.00 -36.01 -20.47
N TYR B 344 -32.06 -35.10 -20.16
CA TYR B 344 -32.42 -34.02 -19.22
C TYR B 344 -33.53 -33.13 -19.72
N GLN B 345 -33.67 -33.02 -21.07
CA GLN B 345 -34.75 -32.25 -21.68
C GLN B 345 -36.15 -32.80 -21.42
N GLU B 346 -36.25 -34.06 -21.03
CA GLU B 346 -37.52 -34.71 -20.74
C GLU B 346 -37.92 -34.70 -19.32
N ARG B 347 -37.18 -34.03 -18.45
CA ARG B 347 -37.52 -33.95 -17.05
C ARG B 347 -38.48 -32.85 -16.75
N GLU B 348 -39.29 -33.09 -15.70
CA GLU B 348 -40.32 -32.19 -15.32
C GLU B 348 -39.78 -30.86 -14.88
N ASN B 349 -38.56 -30.87 -14.28
CA ASN B 349 -37.93 -29.65 -13.65
C ASN B 349 -37.19 -28.84 -14.72
N PHE B 350 -37.10 -29.32 -15.95
CA PHE B 350 -36.32 -28.64 -17.01
C PHE B 350 -36.93 -27.35 -17.47
N ARG B 351 -38.25 -27.37 -17.74
CA ARG B 351 -38.90 -26.17 -18.27
C ARG B 351 -38.74 -24.94 -17.35
N GLN B 352 -38.92 -25.13 -16.07
CA GLN B 352 -38.83 -23.97 -15.13
C GLN B 352 -37.41 -23.35 -15.22
N ALA B 353 -36.41 -24.23 -15.24
CA ALA B 353 -35.02 -23.73 -15.32
C ALA B 353 -34.79 -23.00 -16.62
N THR B 354 -35.27 -23.59 -17.75
CA THR B 354 -35.08 -22.90 -19.00
C THR B 354 -35.81 -21.56 -19.10
N GLU B 355 -36.96 -21.49 -18.46
CA GLU B 355 -37.71 -20.24 -18.33
C GLU B 355 -36.97 -19.11 -17.54
N PHE B 356 -36.32 -19.50 -16.45
CA PHE B 356 -35.49 -18.56 -15.68
C PHE B 356 -34.36 -18.02 -16.55
N ARG B 357 -33.67 -18.91 -17.26
CA ARG B 357 -32.60 -18.52 -18.12
C ARG B 357 -33.03 -17.64 -19.24
N ALA B 358 -34.21 -17.99 -19.81
CA ALA B 358 -34.71 -17.17 -20.92
C ALA B 358 -35.12 -15.77 -20.49
N ALA B 359 -35.75 -15.69 -19.31
CA ALA B 359 -36.11 -14.39 -18.80
C ALA B 359 -34.83 -13.49 -18.56
N TRP B 360 -33.83 -14.13 -17.96
CA TRP B 360 -32.56 -13.43 -17.71
C TRP B 360 -31.93 -12.97 -19.06
N ASP B 361 -31.88 -13.91 -20.01
CA ASP B 361 -31.29 -13.54 -21.27
C ASP B 361 -32.01 -12.37 -21.99
N GLY B 362 -33.35 -12.37 -21.90
CA GLY B 362 -34.10 -11.24 -22.35
C GLY B 362 -33.82 -9.89 -21.74
N TRP B 363 -33.68 -9.92 -20.43
CA TRP B 363 -33.24 -8.72 -19.72
C TRP B 363 -31.83 -8.23 -20.15
N VAL B 364 -30.89 -9.15 -20.28
CA VAL B 364 -29.58 -8.80 -20.75
C VAL B 364 -29.61 -8.21 -22.13
N ARG B 365 -30.38 -8.84 -23.07
CA ARG B 365 -30.57 -8.24 -24.41
CA ARG B 365 -30.53 -8.23 -24.40
C ARG B 365 -31.10 -6.83 -24.33
N GLU B 366 -32.07 -6.59 -23.45
CA GLU B 366 -32.59 -5.27 -23.28
C GLU B 366 -31.51 -4.23 -22.81
N GLN B 367 -30.63 -4.69 -21.91
CA GLN B 367 -29.57 -3.80 -21.42
C GLN B 367 -28.53 -3.50 -22.50
N GLU B 368 -28.40 -4.35 -23.49
CA GLU B 368 -27.43 -4.18 -24.59
C GLU B 368 -27.90 -3.13 -25.60
N SER B 369 -29.19 -2.78 -25.52
CA SER B 369 -29.86 -1.95 -26.57
C SER B 369 -29.66 -0.47 -26.21
N GLY B 370 -29.81 0.43 -27.18
CA GLY B 370 -29.52 1.88 -26.97
C GLY B 370 -28.45 2.46 -27.89
N ASP B 371 -28.55 3.74 -28.20
CA ASP B 371 -28.05 4.27 -29.48
C ASP B 371 -27.49 5.65 -29.25
N GLY B 372 -26.34 5.64 -28.60
CA GLY B 372 -25.64 6.86 -28.20
C GLY B 372 -24.85 6.69 -26.90
N MET B 373 -24.90 7.70 -26.08
CA MET B 373 -23.75 8.07 -25.29
C MET B 373 -24.42 8.76 -24.13
N PRO B 374 -24.23 8.28 -22.92
CA PRO B 374 -23.28 7.25 -22.56
C PRO B 374 -23.70 5.86 -23.02
N ALA B 375 -22.70 5.01 -23.17
CA ALA B 375 -22.90 3.65 -23.63
C ALA B 375 -23.34 2.73 -22.48
N SER B 376 -23.95 1.61 -22.80
CA SER B 376 -24.24 0.56 -21.83
C SER B 376 -23.07 -0.36 -21.66
N MET B 377 -22.70 -0.70 -20.40
CA MET B 377 -21.63 -1.66 -20.19
C MET B 377 -22.00 -3.07 -20.59
N PHE B 378 -23.29 -3.40 -20.63
CA PHE B 378 -23.75 -4.67 -21.18
C PHE B 378 -23.51 -4.68 -22.69
N ARG B 379 -23.69 -3.54 -23.35
N ARG B 379 -23.65 -3.55 -23.38
CA ARG B 379 -23.38 -3.45 -24.78
CA ARG B 379 -23.35 -3.56 -24.83
C ARG B 379 -21.92 -3.77 -24.99
C ARG B 379 -21.86 -3.75 -25.04
N ALA B 380 -21.05 -3.14 -24.17
CA ALA B 380 -19.61 -3.41 -24.25
C ALA B 380 -19.25 -4.86 -24.11
N MET B 381 -19.83 -5.58 -23.17
CA MET B 381 -19.61 -7.01 -23.03
C MET B 381 -20.14 -7.83 -24.21
N ALA B 382 -21.27 -7.40 -24.77
CA ALA B 382 -21.76 -8.11 -25.97
C ALA B 382 -20.77 -7.96 -27.11
N GLU B 383 -20.09 -6.86 -27.23
CA GLU B 383 -19.08 -6.72 -28.25
C GLU B 383 -17.85 -7.52 -27.97
N VAL B 384 -17.45 -7.63 -26.69
CA VAL B 384 -16.32 -8.50 -26.35
C VAL B 384 -16.64 -9.96 -26.65
N ARG B 385 -17.88 -10.40 -26.42
CA ARG B 385 -18.22 -11.79 -26.67
C ARG B 385 -18.01 -12.18 -28.16
N LYS B 386 -18.22 -11.20 -29.01
CA LYS B 386 -18.09 -11.43 -30.50
C LYS B 386 -16.64 -11.74 -30.88
N VAL B 387 -15.65 -11.40 -30.05
CA VAL B 387 -14.23 -11.59 -30.34
C VAL B 387 -13.56 -12.48 -29.28
N GLN B 388 -14.35 -13.16 -28.46
CA GLN B 388 -13.86 -13.90 -27.30
C GLN B 388 -13.82 -15.37 -27.51
N ARG B 389 -12.74 -16.03 -27.23
CA ARG B 389 -12.58 -17.48 -27.40
C ARG B 389 -12.74 -18.21 -26.08
N PRO B 390 -12.92 -19.52 -26.05
CA PRO B 390 -13.13 -20.20 -24.78
C PRO B 390 -11.97 -20.09 -23.76
N GLU B 391 -10.75 -19.92 -24.26
CA GLU B 391 -9.59 -19.79 -23.38
C GLU B 391 -9.38 -18.40 -22.88
N ASP B 392 -10.10 -17.42 -23.38
CA ASP B 392 -9.84 -16.00 -23.04
C ASP B 392 -10.36 -15.66 -21.61
N ILE B 393 -9.75 -14.63 -21.03
CA ILE B 393 -9.96 -14.29 -19.62
C ILE B 393 -10.66 -12.95 -19.57
N ILE B 394 -11.62 -12.85 -18.67
CA ILE B 394 -12.33 -11.61 -18.38
C ILE B 394 -11.96 -11.15 -16.96
N VAL B 395 -11.54 -9.91 -16.89
CA VAL B 395 -11.11 -9.31 -15.60
C VAL B 395 -12.01 -8.08 -15.32
N THR B 396 -12.36 -7.85 -14.05
CA THR B 396 -13.08 -6.69 -13.62
C THR B 396 -12.43 -6.06 -12.43
N ASP B 397 -12.72 -4.79 -12.23
CA ASP B 397 -12.47 -4.10 -10.92
C ASP B 397 -13.81 -4.05 -10.15
N ILE B 398 -13.84 -3.21 -9.11
CA ILE B 398 -14.84 -3.18 -8.07
C ILE B 398 -15.64 -1.85 -8.21
N GLY B 399 -16.97 -1.97 -8.42
CA GLY B 399 -17.80 -0.78 -8.49
C GLY B 399 -19.10 -1.15 -9.17
N ASN B 400 -19.78 -0.12 -9.62
CA ASN B 400 -21.06 -0.34 -10.40
C ASN B 400 -20.75 -1.30 -11.54
N HIS B 401 -19.57 -1.12 -12.20
CA HIS B 401 -19.19 -1.86 -13.39
C HIS B 401 -19.04 -3.37 -13.15
N THR B 402 -18.89 -3.84 -11.89
CA THR B 402 -18.71 -5.25 -11.62
C THR B 402 -19.93 -6.06 -12.08
N LEU B 403 -21.12 -5.49 -11.92
CA LEU B 403 -22.36 -6.29 -12.20
C LEU B 403 -22.45 -6.55 -13.74
N PRO B 404 -22.31 -5.53 -14.59
CA PRO B 404 -22.36 -5.86 -16.03
C PRO B 404 -21.20 -6.73 -16.50
N MET B 405 -20.04 -6.63 -15.83
CA MET B 405 -18.94 -7.52 -16.22
C MET B 405 -19.24 -8.95 -15.86
N PHE B 406 -19.78 -9.25 -14.66
CA PHE B 406 -20.20 -10.59 -14.27
C PHE B 406 -21.41 -11.03 -15.11
N GLY B 407 -22.34 -10.14 -15.37
CA GLY B 407 -23.58 -10.55 -16.10
C GLY B 407 -23.34 -10.71 -17.58
N GLY B 408 -22.35 -10.05 -18.16
CA GLY B 408 -22.00 -10.14 -19.59
C GLY B 408 -20.94 -11.16 -19.93
N ALA B 409 -20.34 -11.77 -18.94
CA ALA B 409 -19.35 -12.82 -19.15
C ALA B 409 -20.05 -14.16 -19.24
N ILE B 410 -19.91 -14.81 -20.37
CA ILE B 410 -20.52 -16.11 -20.58
C ILE B 410 -19.32 -17.02 -20.85
N LEU B 411 -19.06 -17.93 -19.94
CA LEU B 411 -17.80 -18.66 -19.88
C LEU B 411 -17.99 -20.16 -20.07
N GLN B 412 -16.96 -20.78 -20.65
CA GLN B 412 -17.04 -22.21 -20.85
CA GLN B 412 -16.92 -22.17 -21.16
C GLN B 412 -15.83 -23.00 -20.41
N ARG B 413 -14.88 -22.37 -19.71
CA ARG B 413 -13.74 -23.00 -19.11
C ARG B 413 -13.52 -22.36 -17.70
N PRO B 414 -12.82 -23.11 -16.85
CA PRO B 414 -12.62 -22.63 -15.45
C PRO B 414 -11.55 -21.55 -15.36
N ARG B 415 -11.63 -20.75 -14.30
CA ARG B 415 -10.62 -19.78 -13.93
C ARG B 415 -10.44 -18.72 -15.01
N ARG B 416 -11.54 -18.31 -15.70
CA ARG B 416 -11.55 -17.29 -16.70
C ARG B 416 -12.06 -15.97 -16.22
N LEU B 417 -12.51 -15.83 -15.00
CA LEU B 417 -13.10 -14.60 -14.48
C LEU B 417 -12.28 -14.21 -13.24
N VAL B 418 -11.70 -13.00 -13.27
CA VAL B 418 -10.69 -12.61 -12.30
C VAL B 418 -11.01 -11.23 -11.73
N THR B 419 -10.91 -11.16 -10.39
CA THR B 419 -10.96 -9.86 -9.65
C THR B 419 -10.52 -10.14 -8.21
N SER B 420 -10.62 -9.09 -7.40
CA SER B 420 -10.45 -9.16 -5.95
C SER B 420 -11.78 -9.70 -5.38
N MET B 421 -11.97 -11.02 -5.58
CA MET B 421 -13.27 -11.66 -5.28
C MET B 421 -13.62 -11.61 -3.81
N ALA B 422 -12.64 -11.96 -2.97
CA ALA B 422 -12.92 -12.16 -1.55
C ALA B 422 -13.05 -10.89 -0.75
N GLU B 423 -12.35 -9.83 -1.18
CA GLU B 423 -12.17 -8.61 -0.37
C GLU B 423 -12.63 -7.35 -1.14
N GLY B 424 -12.87 -7.41 -2.45
CA GLY B 424 -13.37 -6.21 -3.07
C GLY B 424 -12.43 -5.00 -3.02
N ILE B 425 -11.13 -5.23 -3.20
CA ILE B 425 -10.15 -4.14 -3.07
C ILE B 425 -10.01 -3.41 -4.37
N LEU B 426 -10.44 -2.17 -4.37
CA LEU B 426 -10.39 -1.31 -5.55
C LEU B 426 -8.98 -1.20 -6.10
N GLY B 427 -8.89 -1.18 -7.45
CA GLY B 427 -7.60 -1.06 -8.14
C GLY B 427 -7.02 -2.38 -8.62
N CYS B 428 -7.47 -3.48 -8.09
CA CYS B 428 -6.96 -4.84 -8.39
C CYS B 428 -6.91 -5.17 -9.89
N GLY B 429 -7.88 -4.62 -10.67
CA GLY B 429 -8.19 -5.21 -12.00
C GLY B 429 -7.02 -5.16 -12.97
N PHE B 430 -6.48 -3.97 -13.16
CA PHE B 430 -5.40 -3.83 -14.14
C PHE B 430 -4.21 -4.75 -13.82
N PRO B 431 -3.64 -4.69 -12.58
CA PRO B 431 -2.47 -5.52 -12.31
C PRO B 431 -2.83 -6.98 -12.26
N MET B 432 -3.98 -7.39 -11.75
CA MET B 432 -4.36 -8.82 -11.83
C MET B 432 -4.45 -9.28 -13.28
N ALA B 433 -4.95 -8.42 -14.14
CA ALA B 433 -5.03 -8.74 -15.62
C ALA B 433 -3.66 -8.98 -16.18
N LEU B 434 -2.69 -8.14 -15.81
CA LEU B 434 -1.31 -8.32 -16.26
C LEU B 434 -0.76 -9.64 -15.75
N GLY B 435 -1.02 -10.02 -14.47
CA GLY B 435 -0.55 -11.27 -13.98
C GLY B 435 -1.21 -12.45 -14.68
N ALA B 436 -2.51 -12.38 -14.97
CA ALA B 436 -3.19 -13.44 -15.74
C ALA B 436 -2.54 -13.59 -17.12
N GLN B 437 -2.25 -12.49 -17.76
CA GLN B 437 -1.62 -12.48 -19.12
C GLN B 437 -0.29 -13.12 -19.10
N LEU B 438 0.48 -12.86 -18.04
CA LEU B 438 1.81 -13.47 -17.88
C LEU B 438 1.65 -14.97 -17.70
N ALA B 439 0.66 -15.43 -16.96
CA ALA B 439 0.48 -16.86 -16.74
C ALA B 439 0.03 -17.57 -18.01
N GLU B 440 -0.71 -16.87 -18.86
CA GLU B 440 -1.26 -17.46 -20.10
C GLU B 440 -0.97 -16.60 -21.30
N PRO B 441 0.24 -16.62 -21.81
CA PRO B 441 0.67 -15.68 -22.78
C PRO B 441 -0.10 -15.68 -24.11
N ASN B 442 -0.67 -16.81 -24.42
CA ASN B 442 -1.44 -16.98 -25.69
C ASN B 442 -2.93 -16.90 -25.49
N SER B 443 -3.41 -16.59 -24.27
CA SER B 443 -4.81 -16.21 -24.05
C SER B 443 -4.98 -14.72 -24.23
N ARG B 444 -6.13 -14.29 -24.74
CA ARG B 444 -6.47 -12.92 -24.73
C ARG B 444 -7.19 -12.57 -23.39
N VAL B 445 -6.81 -11.40 -22.85
CA VAL B 445 -7.26 -10.88 -21.57
C VAL B 445 -8.03 -9.60 -21.80
N PHE B 446 -9.30 -9.55 -21.45
CA PHE B 446 -10.12 -8.40 -21.55
C PHE B 446 -10.44 -7.91 -20.12
N LEU B 447 -10.15 -6.65 -19.86
CA LEU B 447 -10.47 -5.99 -18.56
C LEU B 447 -11.53 -4.94 -18.76
N GLY B 448 -12.57 -5.01 -17.95
CA GLY B 448 -13.47 -3.88 -17.78
C GLY B 448 -13.28 -3.21 -16.43
N THR B 449 -12.84 -1.97 -16.45
CA THR B 449 -12.48 -1.27 -15.23
C THR B 449 -13.20 0.01 -15.14
N GLY B 450 -13.64 0.38 -13.93
CA GLY B 450 -14.01 1.74 -13.68
C GLY B 450 -12.86 2.73 -13.74
N ASP B 451 -13.17 3.98 -13.81
CA ASP B 451 -12.20 5.06 -13.81
C ASP B 451 -11.60 5.27 -12.41
N GLY B 452 -12.41 5.22 -11.35
CA GLY B 452 -11.83 5.25 -10.00
C GLY B 452 -10.86 4.12 -9.78
N ALA B 453 -11.17 2.96 -10.24
CA ALA B 453 -10.30 1.78 -10.16
C ALA B 453 -9.01 1.94 -10.94
N LEU B 454 -9.10 2.35 -12.20
CA LEU B 454 -7.91 2.40 -13.07
C LEU B 454 -6.87 3.40 -12.51
N TYR B 455 -7.35 4.41 -11.80
CA TYR B 455 -6.49 5.36 -11.13
C TYR B 455 -5.41 4.73 -10.28
N TYR B 456 -5.72 3.59 -9.66
CA TYR B 456 -4.75 3.01 -8.69
C TYR B 456 -3.43 2.59 -9.35
N HIS B 457 -3.48 1.67 -10.35
CA HIS B 457 -2.30 0.96 -10.80
C HIS B 457 -2.08 1.09 -12.31
N PHE B 458 -2.59 2.15 -12.92
CA PHE B 458 -2.24 2.38 -14.36
C PHE B 458 -0.79 2.73 -14.55
N ASN B 459 -0.06 3.02 -13.49
CA ASN B 459 1.37 3.08 -13.54
C ASN B 459 2.03 1.81 -14.06
N GLU B 460 1.37 0.69 -13.86
CA GLU B 460 1.85 -0.60 -14.39
C GLU B 460 1.75 -0.72 -15.92
N PHE B 461 1.27 0.32 -16.60
CA PHE B 461 1.46 0.35 -18.07
C PHE B 461 2.92 0.22 -18.40
N ARG B 462 3.84 0.58 -17.50
CA ARG B 462 5.27 0.39 -17.76
C ARG B 462 5.56 -1.09 -18.01
N VAL B 463 5.07 -1.95 -17.16
CA VAL B 463 5.20 -3.36 -17.30
C VAL B 463 4.48 -3.90 -18.54
N ALA B 464 3.26 -3.41 -18.74
CA ALA B 464 2.51 -3.92 -19.90
C ALA B 464 3.23 -3.63 -21.24
N VAL B 465 3.77 -2.41 -21.32
CA VAL B 465 4.41 -2.00 -22.58
C VAL B 465 5.74 -2.68 -22.72
N GLU B 466 6.57 -2.73 -21.69
CA GLU B 466 7.90 -3.35 -21.80
C GLU B 466 7.81 -4.85 -22.09
N HIS B 467 6.85 -5.54 -21.46
CA HIS B 467 6.72 -6.96 -21.61
C HIS B 467 5.71 -7.33 -22.74
N LYS B 468 5.18 -6.31 -23.41
CA LYS B 468 4.24 -6.50 -24.54
C LYS B 468 3.12 -7.44 -24.11
N LEU B 469 2.42 -7.07 -23.01
CA LEU B 469 1.31 -7.84 -22.48
C LEU B 469 0.02 -7.23 -23.00
N PRO B 470 -0.59 -7.79 -24.07
CA PRO B 470 -1.59 -7.10 -24.87
C PRO B 470 -2.97 -7.24 -24.22
N VAL B 471 -3.10 -6.88 -22.96
CA VAL B 471 -4.39 -6.81 -22.27
C VAL B 471 -5.21 -5.73 -22.99
N ILE B 472 -6.48 -6.06 -23.21
CA ILE B 472 -7.41 -5.08 -23.78
C ILE B 472 -8.28 -4.50 -22.65
N THR B 473 -8.02 -3.28 -22.29
CA THR B 473 -8.71 -2.60 -21.14
C THR B 473 -9.76 -1.66 -21.71
N MET B 474 -10.96 -1.83 -21.22
CA MET B 474 -12.07 -0.85 -21.37
C MET B 474 -12.16 -0.02 -20.10
N VAL B 475 -11.90 1.30 -20.19
CA VAL B 475 -12.11 2.09 -18.98
C VAL B 475 -13.47 2.80 -19.12
N PHE B 476 -14.35 2.46 -18.18
CA PHE B 476 -15.72 3.01 -18.15
C PHE B 476 -15.69 4.32 -17.42
N THR B 477 -15.94 5.41 -18.11
CA THR B 477 -15.73 6.76 -17.54
C THR B 477 -17.10 7.35 -17.14
N ASN B 478 -17.21 7.77 -15.88
CA ASN B 478 -18.34 8.51 -15.39
C ASN B 478 -17.95 9.60 -14.46
N GLU B 479 -16.65 9.88 -14.30
CA GLU B 479 -16.12 10.94 -13.45
C GLU B 479 -16.58 10.77 -11.98
N SER B 480 -16.65 9.52 -11.56
N SER B 480 -16.82 9.51 -11.61
CA SER B 480 -17.24 9.27 -10.25
CA SER B 480 -17.53 9.19 -10.35
C SER B 480 -16.94 7.86 -9.80
C SER B 480 -16.97 7.86 -9.82
N TYR B 481 -16.95 7.73 -8.49
CA TYR B 481 -17.14 6.47 -7.83
C TYR B 481 -18.65 6.17 -7.90
N GLY B 482 -19.08 5.57 -9.03
CA GLY B 482 -20.49 5.62 -9.40
C GLY B 482 -21.34 4.85 -8.44
N ALA B 483 -20.87 3.73 -7.94
CA ALA B 483 -21.64 2.95 -6.97
C ALA B 483 -21.99 3.82 -5.79
N ASN B 484 -21.00 4.56 -5.32
CA ASN B 484 -21.18 5.42 -4.18
C ASN B 484 -22.01 6.67 -4.45
N TRP B 485 -21.83 7.25 -5.61
CA TRP B 485 -22.72 8.37 -6.04
C TRP B 485 -24.20 7.90 -5.94
N THR B 486 -24.46 6.70 -6.48
CA THR B 486 -25.81 6.23 -6.59
C THR B 486 -26.35 5.90 -5.17
N LEU B 487 -25.63 5.11 -4.40
CA LEU B 487 -26.07 4.67 -3.09
C LEU B 487 -26.23 5.81 -2.14
N MET B 488 -25.29 6.78 -2.14
CA MET B 488 -25.40 7.91 -1.21
C MET B 488 -26.62 8.81 -1.57
N ASN B 489 -26.85 9.07 -2.84
CA ASN B 489 -28.08 9.77 -3.20
C ASN B 489 -29.30 9.08 -2.66
N HIS B 490 -29.37 7.77 -2.70
CA HIS B 490 -30.49 7.02 -2.06
C HIS B 490 -30.52 7.16 -0.54
N GLN B 491 -29.37 6.99 0.11
CA GLN B 491 -29.28 6.98 1.53
C GLN B 491 -29.46 8.30 2.21
N PHE B 492 -28.89 9.38 1.64
CA PHE B 492 -28.86 10.67 2.29
C PHE B 492 -29.53 11.78 1.43
N GLY B 493 -29.81 11.53 0.15
CA GLY B 493 -30.24 12.59 -0.72
C GLY B 493 -29.18 13.41 -1.31
N GLN B 494 -27.90 13.04 -1.04
CA GLN B 494 -26.78 13.78 -1.60
C GLN B 494 -25.53 12.90 -1.53
N ASN B 495 -24.77 12.91 -2.60
CA ASN B 495 -23.46 12.24 -2.65
C ASN B 495 -22.45 13.18 -2.03
N ASN B 496 -21.40 12.62 -1.45
CA ASN B 496 -20.22 13.36 -1.03
C ASN B 496 -19.04 12.44 -1.13
N TRP B 497 -17.92 13.05 -1.63
CA TRP B 497 -16.63 12.37 -1.78
C TRP B 497 -16.65 11.43 -3.02
N THR B 498 -17.60 11.58 -3.94
CA THR B 498 -17.76 10.63 -5.03
C THR B 498 -17.21 11.11 -6.37
N GLU B 499 -17.03 12.42 -6.58
CA GLU B 499 -16.81 12.95 -7.96
C GLU B 499 -15.32 13.32 -8.07
N PHE B 500 -14.79 13.11 -9.28
CA PHE B 500 -13.39 13.47 -9.55
C PHE B 500 -13.21 13.73 -11.05
N MET B 501 -12.07 14.37 -11.31
N MET B 501 -12.14 14.44 -11.38
CA MET B 501 -11.57 14.61 -12.70
CA MET B 501 -11.76 14.63 -12.81
C MET B 501 -10.92 13.35 -13.24
C MET B 501 -10.89 13.48 -13.25
N ASN B 502 -11.16 13.03 -14.50
CA ASN B 502 -10.33 12.11 -15.19
C ASN B 502 -9.27 12.82 -15.99
N PRO B 503 -8.12 12.14 -16.19
CA PRO B 503 -7.18 12.63 -17.22
C PRO B 503 -7.77 12.32 -18.59
N ASP B 504 -7.09 12.81 -19.62
CA ASP B 504 -7.29 12.31 -20.98
C ASP B 504 -6.69 10.89 -21.00
N TRP B 505 -7.51 9.86 -20.81
CA TRP B 505 -7.03 8.46 -20.71
C TRP B 505 -6.36 8.03 -22.00
N VAL B 506 -6.91 8.43 -23.16
CA VAL B 506 -6.24 8.15 -24.45
C VAL B 506 -4.87 8.76 -24.47
N GLY B 507 -4.69 9.98 -23.96
CA GLY B 507 -3.41 10.58 -23.84
C GLY B 507 -2.47 9.86 -22.88
N ILE B 508 -2.99 9.40 -21.75
CA ILE B 508 -2.16 8.56 -20.84
C ILE B 508 -1.63 7.31 -21.56
N ALA B 509 -2.51 6.59 -22.28
CA ALA B 509 -2.08 5.43 -22.98
C ALA B 509 -1.01 5.77 -24.02
N LYS B 510 -1.23 6.82 -24.79
CA LYS B 510 -0.28 7.19 -25.81
C LYS B 510 1.07 7.60 -25.21
N ALA B 511 1.04 8.26 -24.02
CA ALA B 511 2.31 8.67 -23.37
C ALA B 511 3.12 7.46 -22.92
N PHE B 512 2.50 6.31 -22.69
CA PHE B 512 3.20 5.09 -22.43
C PHE B 512 3.59 4.28 -23.68
N GLY B 513 3.06 4.64 -24.85
CA GLY B 513 3.27 3.78 -26.02
C GLY B 513 2.23 2.68 -26.16
N ALA B 514 1.13 2.68 -25.36
CA ALA B 514 0.06 1.73 -25.44
C ALA B 514 -0.92 2.21 -26.57
N TYR B 515 -1.74 1.29 -27.10
CA TYR B 515 -2.87 1.72 -27.99
C TYR B 515 -3.94 2.45 -27.22
N GLY B 516 -4.41 3.57 -27.68
CA GLY B 516 -5.52 4.28 -27.04
C GLY B 516 -6.60 4.70 -28.00
N GLU B 517 -7.88 4.62 -27.63
CA GLU B 517 -8.96 5.15 -28.41
C GLU B 517 -10.11 5.48 -27.53
N SER B 518 -10.84 6.56 -27.82
CA SER B 518 -12.09 6.87 -27.14
C SER B 518 -13.26 6.61 -28.06
N VAL B 519 -14.35 6.07 -27.56
CA VAL B 519 -15.61 5.95 -28.37
C VAL B 519 -16.58 7.06 -28.02
N ARG B 520 -16.19 8.09 -27.31
CA ARG B 520 -17.14 9.15 -26.90
C ARG B 520 -17.88 9.77 -28.08
N GLU B 521 -17.21 9.98 -29.20
N GLU B 521 -17.17 9.98 -29.20
CA GLU B 521 -17.89 10.65 -30.36
CA GLU B 521 -17.73 10.63 -30.44
C GLU B 521 -18.53 9.60 -31.29
C GLU B 521 -18.16 9.70 -31.52
N THR B 522 -18.00 8.38 -31.31
CA THR B 522 -18.39 7.34 -32.28
C THR B 522 -19.30 6.31 -31.85
N GLY B 523 -19.29 5.89 -30.58
CA GLY B 523 -19.95 4.67 -30.14
C GLY B 523 -19.41 3.36 -30.68
N ASP B 524 -18.22 3.43 -31.31
CA ASP B 524 -17.74 2.29 -32.12
C ASP B 524 -16.91 1.30 -31.26
N ILE B 525 -17.58 0.68 -30.31
CA ILE B 525 -16.90 -0.28 -29.48
C ILE B 525 -16.37 -1.39 -30.29
N ALA B 526 -17.19 -1.95 -31.21
CA ALA B 526 -16.68 -3.03 -32.04
C ALA B 526 -15.39 -2.74 -32.80
N GLY B 527 -15.32 -1.60 -33.43
CA GLY B 527 -14.11 -1.20 -34.18
C GLY B 527 -12.92 -0.96 -33.26
N ALA B 528 -13.22 -0.40 -32.13
CA ALA B 528 -12.14 -0.16 -31.13
C ALA B 528 -11.56 -1.47 -30.66
N LEU B 529 -12.38 -2.50 -30.42
CA LEU B 529 -11.85 -3.75 -30.01
C LEU B 529 -11.02 -4.37 -31.14
N GLN B 530 -11.49 -4.25 -32.40
CA GLN B 530 -10.64 -4.77 -33.48
C GLN B 530 -9.33 -4.07 -33.65
N ARG B 531 -9.33 -2.76 -33.53
CA ARG B 531 -8.10 -1.98 -33.62
C ARG B 531 -7.17 -2.30 -32.44
N ALA B 532 -7.79 -2.47 -31.27
CA ALA B 532 -6.94 -2.77 -30.07
C ALA B 532 -6.30 -4.10 -30.23
N ILE B 533 -7.04 -5.12 -30.66
CA ILE B 533 -6.49 -6.45 -30.91
C ILE B 533 -5.41 -6.44 -32.02
N ASP B 534 -5.68 -5.76 -33.11
CA ASP B 534 -4.70 -5.64 -34.21
C ASP B 534 -3.43 -4.99 -33.76
N SER B 535 -3.46 -4.11 -32.77
CA SER B 535 -2.25 -3.36 -32.38
C SER B 535 -1.15 -4.28 -31.83
N GLY B 536 -1.53 -5.37 -31.20
CA GLY B 536 -0.59 -6.24 -30.53
C GLY B 536 0.02 -5.62 -29.25
N LYS B 537 -0.50 -4.50 -28.79
CA LYS B 537 -0.02 -3.76 -27.65
C LYS B 537 -1.06 -3.83 -26.53
N PRO B 538 -0.65 -3.58 -25.27
CA PRO B 538 -1.70 -3.25 -24.31
C PRO B 538 -2.51 -2.07 -24.86
N ALA B 539 -3.81 -2.11 -24.61
CA ALA B 539 -4.70 -1.16 -25.18
C ALA B 539 -5.65 -0.59 -24.14
N LEU B 540 -6.05 0.66 -24.38
CA LEU B 540 -7.01 1.34 -23.53
C LEU B 540 -8.13 1.90 -24.39
N ILE B 541 -9.35 1.45 -24.15
CA ILE B 541 -10.56 1.95 -24.85
C ILE B 541 -11.39 2.74 -23.86
N GLU B 542 -11.52 4.05 -24.02
N GLU B 542 -11.56 4.04 -24.03
CA GLU B 542 -12.36 4.89 -23.18
CA GLU B 542 -12.34 4.85 -23.13
C GLU B 542 -13.81 4.71 -23.64
C GLU B 542 -13.79 4.90 -23.56
N ILE B 543 -14.67 4.39 -22.70
CA ILE B 543 -16.11 4.25 -22.96
C ILE B 543 -16.86 5.02 -21.93
N PRO B 544 -17.45 6.13 -22.28
CA PRO B 544 -18.30 6.83 -21.31
C PRO B 544 -19.56 6.06 -20.95
N VAL B 545 -19.86 6.06 -19.63
CA VAL B 545 -21.01 5.31 -19.03
C VAL B 545 -21.76 6.28 -18.09
N SER B 546 -22.93 5.80 -17.64
CA SER B 546 -23.67 6.59 -16.67
C SER B 546 -23.06 6.41 -15.27
N LYS B 547 -23.51 7.27 -14.37
CA LYS B 547 -23.14 7.14 -12.94
C LYS B 547 -23.87 6.01 -12.25
N THR B 548 -25.01 5.53 -12.79
CA THR B 548 -25.92 4.68 -12.08
C THR B 548 -25.97 3.23 -12.57
N GLN B 549 -25.57 2.95 -13.84
CA GLN B 549 -25.75 1.59 -14.36
C GLN B 549 -24.89 0.58 -13.60
N GLY B 550 -25.47 -0.51 -13.20
CA GLY B 550 -24.72 -1.64 -12.64
C GLY B 550 -25.08 -1.94 -11.20
N LEU B 551 -24.10 -2.26 -10.39
CA LEU B 551 -24.29 -2.83 -9.09
C LEU B 551 -25.32 -2.08 -8.22
N ALA B 552 -25.23 -0.74 -8.18
CA ALA B 552 -26.09 -0.02 -7.22
C ALA B 552 -27.53 0.11 -7.74
N SER B 553 -27.84 -0.24 -9.00
CA SER B 553 -29.16 0.03 -9.59
C SER B 553 -29.84 -1.22 -10.15
N ASP B 554 -29.15 -2.21 -10.70
CA ASP B 554 -29.77 -3.14 -11.65
C ASP B 554 -30.33 -4.31 -10.88
N PRO B 555 -31.59 -4.69 -11.08
CA PRO B 555 -32.21 -5.79 -10.39
C PRO B 555 -31.84 -7.17 -10.95
N VAL B 556 -31.11 -7.96 -10.13
CA VAL B 556 -30.70 -9.29 -10.43
C VAL B 556 -31.19 -10.37 -9.51
N GLY B 557 -32.19 -10.01 -8.73
CA GLY B 557 -32.72 -10.98 -7.80
C GLY B 557 -31.98 -11.11 -6.44
N GLY B 558 -31.11 -10.14 -6.15
CA GLY B 558 -30.35 -10.16 -4.89
C GLY B 558 -31.23 -9.91 -3.70
N VAL B 559 -30.77 -10.42 -2.56
CA VAL B 559 -31.41 -10.13 -1.26
C VAL B 559 -30.50 -9.32 -0.34
N GLY B 560 -29.22 -9.26 -0.59
CA GLY B 560 -28.29 -8.58 0.25
C GLY B 560 -27.13 -8.03 -0.49
N PRO B 561 -26.03 -7.66 0.15
CA PRO B 561 -25.80 -7.63 1.62
C PRO B 561 -26.49 -6.37 2.13
N ASN B 562 -26.46 -6.18 3.45
CA ASN B 562 -27.09 -5.04 4.16
C ASN B 562 -26.09 -3.98 4.53
N LEU B 563 -25.72 -3.18 3.59
N LEU B 563 -25.73 -3.24 3.47
CA LEU B 563 -24.72 -2.24 3.93
CA LEU B 563 -24.65 -2.25 3.49
C LEU B 563 -25.26 -0.81 4.08
C LEU B 563 -25.12 -0.80 3.65
N LEU B 564 -26.45 -0.58 3.54
CA LEU B 564 -27.08 0.72 3.75
C LEU B 564 -27.85 0.70 5.06
N LEU B 565 -27.09 0.68 6.13
CA LEU B 565 -27.60 0.35 7.45
C LEU B 565 -28.52 1.33 7.94
N LYS B 566 -29.45 0.84 8.76
CA LYS B 566 -30.23 1.74 9.48
C LYS B 566 -29.57 1.61 10.87
N GLY B 567 -29.43 2.70 11.44
CA GLY B 567 -28.78 2.54 12.78
C GLY B 567 -29.83 2.20 13.81
N ARG B 568 -29.39 1.82 15.02
CA ARG B 568 -30.27 1.66 16.16
C ARG B 568 -29.94 2.76 17.16
N GLU B 569 -30.90 3.08 18.02
CA GLU B 569 -30.62 3.94 19.15
C GLU B 569 -30.11 3.14 20.30
N ILE B 570 -28.93 3.51 20.83
CA ILE B 570 -28.24 2.72 21.86
C ILE B 570 -28.46 3.47 23.18
N PRO B 571 -28.75 2.70 24.27
CA PRO B 571 -28.95 3.35 25.59
C PRO B 571 -27.59 3.81 26.16
N VAL B 572 -27.60 4.90 26.85
CA VAL B 572 -26.43 5.36 27.61
C VAL B 572 -26.19 4.50 28.84
N ASP B 573 -24.93 4.36 29.23
CA ASP B 573 -24.53 3.63 30.43
C ASP B 573 -24.94 4.54 31.63
N THR B 574 -25.84 4.10 32.47
CA THR B 574 -26.17 4.83 33.71
C THR B 574 -25.63 4.15 34.95
N GLY B 575 -24.63 3.24 34.82
CA GLY B 575 -24.05 2.65 36.02
C GLY B 575 -23.30 3.55 36.97
N GLY B 576 -22.98 4.80 36.60
CA GLY B 576 -22.29 5.72 37.54
C GLY B 576 -20.93 6.22 37.04
N SER B 577 -20.25 5.45 36.23
CA SER B 577 -18.90 5.79 35.76
C SER B 577 -19.05 6.93 34.67
N MET B 578 -18.04 7.80 34.61
CA MET B 578 -18.09 9.01 33.83
C MET B 578 -17.37 8.84 32.51
N TYR B 579 -17.63 9.78 31.61
CA TYR B 579 -16.76 9.93 30.42
C TYR B 579 -15.47 10.62 30.77
N PRO B 580 -14.38 10.51 29.96
CA PRO B 580 -13.18 11.37 30.14
C PRO B 580 -13.59 12.83 30.05
N GLY B 581 -13.01 13.64 30.90
CA GLY B 581 -13.35 15.04 31.00
C GLY B 581 -14.62 15.40 31.65
N GLU B 582 -15.50 14.47 31.90
CA GLU B 582 -16.74 14.80 32.55
C GLU B 582 -16.56 15.37 33.93
N ASN B 583 -15.44 15.13 34.59
CA ASN B 583 -15.18 15.74 35.84
C ASN B 583 -15.40 17.26 35.81
N LEU B 584 -15.07 17.89 34.72
CA LEU B 584 -15.20 19.37 34.66
C LEU B 584 -16.69 19.75 34.73
N LEU B 585 -17.58 18.89 34.30
CA LEU B 585 -19.00 19.25 34.21
C LEU B 585 -19.65 19.16 35.54
N HIS B 586 -18.98 18.64 36.57
CA HIS B 586 -19.58 18.48 37.89
C HIS B 586 -19.07 19.55 38.84
N LEU B 587 -18.25 20.47 38.37
CA LEU B 587 -17.70 21.51 39.26
C LEU B 587 -18.77 22.62 39.37
N LYS B 588 -19.03 22.98 40.59
CA LYS B 588 -19.94 24.12 40.87
C LYS B 588 -19.16 25.22 41.48
PA FAD C . 14.00 13.51 14.45
O1A FAD C . 13.80 14.81 13.80
O2A FAD C . 13.57 12.26 13.78
O5B FAD C . 13.32 13.50 15.91
C5B FAD C . 13.30 14.70 16.75
C4B FAD C . 14.11 14.46 17.97
O4B FAD C . 14.08 15.67 18.77
C3B FAD C . 13.67 13.28 18.85
O3B FAD C . 14.79 12.69 19.55
C2B FAD C . 12.71 13.98 19.76
O2B FAD C . 12.45 13.32 20.99
C1B FAD C . 13.41 15.32 20.01
N9A FAD C . 12.54 16.45 20.41
C8A FAD C . 11.27 16.76 19.93
N7A FAD C . 10.79 17.91 20.44
C5A FAD C . 11.81 18.30 21.24
C6A FAD C . 11.96 19.44 22.11
N6A FAD C . 10.96 20.29 22.30
N1A FAD C . 13.10 19.62 22.80
C2A FAD C . 14.09 18.72 22.73
N3A FAD C . 14.02 17.59 21.98
C4A FAD C . 12.91 17.43 21.25
N1 FAD C . 19.67 12.62 8.18
C2 FAD C . 20.77 13.36 8.43
O2 FAD C . 20.83 13.99 9.50
N3 FAD C . 21.83 13.41 7.57
C4 FAD C . 21.81 12.76 6.36
O4 FAD C . 22.79 12.88 5.59
C4X FAD C . 20.64 11.98 6.02
N5 FAD C . 20.58 11.33 4.85
C5X FAD C . 19.45 10.58 4.60
C6 FAD C . 19.37 9.93 3.37
C7 FAD C . 18.23 9.18 3.03
C7M FAD C . 18.16 8.48 1.70
C8 FAD C . 17.17 9.08 3.97
C8M FAD C . 15.92 8.32 3.64
C9 FAD C . 17.21 9.77 5.22
C9A FAD C . 18.34 10.52 5.52
N10 FAD C . 18.45 11.24 6.74
C10 FAD C . 19.59 11.96 7.00
C1' FAD C . 17.34 11.30 7.72
C2' FAD C . 17.50 10.34 8.88
O2' FAD C . 17.12 9.01 8.49
C3' FAD C . 16.66 10.77 10.06
O3' FAD C . 15.28 10.92 9.65
C4' FAD C . 17.10 12.09 10.74
O4' FAD C . 18.56 12.21 10.84
C5' FAD C . 16.56 12.19 12.17
O5' FAD C . 16.75 13.50 12.62
P FAD C . 16.93 13.87 14.18
O1P FAD C . 17.00 15.33 14.28
O2P FAD C . 17.98 13.03 14.80
O3P FAD C . 15.57 13.34 14.90
N1' TPP D . 10.92 0.23 -2.72
C2' TPP D . 10.48 1.09 -1.74
CM2 TPP D . 9.02 1.22 -1.45
N3' TPP D . 11.35 1.90 -1.08
C4' TPP D . 12.66 1.82 -1.35
N4' TPP D . 13.41 2.59 -0.58
C5' TPP D . 13.17 0.99 -2.44
C6' TPP D . 12.24 0.19 -3.04
C7' TPP D . 14.62 0.90 -2.74
N3 TPP D . 15.21 2.12 -3.37
C2 TPP D . 15.84 3.05 -2.59
S1 TPP D . 16.45 4.32 -3.69
C5 TPP D . 15.74 3.57 -5.07
C4 TPP D . 15.14 2.35 -4.73
CM4 TPP D . 14.52 1.44 -5.68
C6 TPP D . 15.96 4.20 -6.41
C7 TPP D . 14.84 5.14 -6.74
O7 TPP D . 14.96 5.46 -8.16
PA TPP D . 14.64 6.97 -8.63
O1A TPP D . 14.64 6.92 -10.12
O2A TPP D . 13.48 7.57 -7.95
O3A TPP D . 15.91 7.76 -8.14
PB TPP D . 17.51 7.77 -8.63
O1B TPP D . 17.49 7.38 -10.11
O2B TPP D . 18.24 6.79 -7.80
O3B TPP D . 17.92 9.18 -8.33
O1 MES E . 34.24 29.13 21.78
O1 MES E . 34.06 27.97 22.95
C2 MES E . 34.45 27.95 22.59
C2 MES E . 35.10 27.07 23.19
C3 MES E . 35.78 27.23 22.39
C3 MES E . 36.36 27.81 22.85
N4 MES E . 36.72 27.68 21.31
N4 MES E . 36.37 27.87 21.39
C5 MES E . 36.49 29.09 20.97
C5 MES E . 35.34 28.87 21.05
C6 MES E . 35.02 29.28 20.63
C6 MES E . 34.01 28.40 21.57
C7 MES E . 38.16 27.52 21.65
C7 MES E . 37.80 28.07 20.87
C8 MES E . 38.38 27.92 23.13
C8 MES E . 38.80 28.60 21.93
S MES E . 39.72 27.31 23.80
S MES E . 38.76 30.28 22.04
O1S MES E . 40.40 26.26 23.12
O1S MES E . 40.05 30.94 22.39
O2S MES E . 39.56 26.94 25.29
O2S MES E . 37.75 30.78 23.01
O3S MES E . 40.66 28.45 23.53
O3S MES E . 38.28 30.72 20.78
CL CL F . -16.50 -1.84 -1.24
MG MG G . 15.98 7.34 -11.65
C3 P6G H . 24.60 8.04 -20.29
O4 P6G H . 25.89 7.36 -20.09
C5 P6G H . 26.58 8.53 -19.58
C6 P6G H . 27.98 8.48 -19.11
O7 P6G H . 27.99 9.49 -18.07
C8 P6G H . 28.15 10.90 -18.41
C9 P6G H . 27.25 11.74 -17.50
O10 P6G H . 27.23 13.17 -17.61
C11 P6G H . 26.96 13.72 -16.25
C12 P6G H . 26.80 15.26 -16.01
O13 P6G H . 26.03 15.56 -14.83
C14 P6G H . 26.87 15.57 -13.68
C2 1PG I . -6.23 28.56 -18.36
O1 1PG I . -6.65 27.46 -17.54
O2 1PG I . -3.85 28.59 -18.15
C3 1PG I . -5.02 29.24 -17.71
C4 1PG I . -2.63 29.08 -17.58
C5 1PG I . -1.61 28.55 -18.54
O3 1PG I . -1.59 27.14 -18.34
C6 1PG I . -0.61 26.47 -19.18
C7 1PG I . -0.70 24.92 -19.11
O4 1PG I . -2.05 24.50 -18.97
C8 1PG I . -2.35 23.09 -19.00
C9 1PG I . -3.82 23.05 -18.50
C3 P6G J . 29.51 9.91 -15.14
O4 P6G J . 30.35 10.83 -14.44
C5 P6G J . 31.66 10.33 -14.47
C6 P6G J . 32.07 10.43 -13.06
O7 P6G J . 33.30 9.78 -12.79
C8 P6G J . 33.23 9.03 -11.59
C9 P6G J . 32.98 9.96 -10.49
O10 P6G J . 33.07 9.39 -9.22
C11 P6G J . 33.09 10.37 -8.12
C12 P6G J . 34.40 11.06 -8.09
O13 P6G J . 35.15 11.94 -7.06
C14 P6G J . 36.59 11.38 -6.84
C15 P6G J . 37.99 11.94 -7.00
O16 P6G J . 39.09 11.06 -6.62
C17 P6G J . 38.96 10.29 -5.42
C18 P6G J . 40.29 9.75 -4.87
O19 P6G J . 40.15 8.58 -4.05
O1 PG4 K . -11.64 -7.89 16.55
C1 PG4 K . -12.63 -7.09 16.28
C2 PG4 K . -13.36 -7.85 15.34
O2 PG4 K . -12.92 -7.26 14.09
C3 PG4 K . -11.95 -8.02 13.58
C4 PG4 K . -11.94 -7.84 12.15
O3 PG4 K . -10.79 -8.58 11.69
C5 PG4 K . -10.99 -9.93 11.63
C6 PG4 K . -9.78 -10.84 11.41
O4 PG4 K . -10.14 -12.14 12.01
C7 PG4 K . -9.89 -12.35 13.42
C1 PEG L . 3.84 2.38 21.16
O1 PEG L . 4.91 2.26 22.08
C2 PEG L . 3.22 1.03 20.89
O2 PEG L . 4.17 0.42 20.03
C3 PEG L . 3.87 -0.89 19.59
C4 PEG L . 4.74 -1.35 18.43
O4 PEG L . 6.15 -1.47 18.65
O1 2PE M . 0.29 35.00 -7.25
C2 2PE M . 1.63 35.44 -7.00
C3 2PE M . 1.97 36.16 -8.29
O4 2PE M . 3.00 35.60 -9.04
C5 2PE M . 3.05 34.18 -9.19
C6 2PE M . 2.62 33.83 -10.60
O7 2PE M . 1.22 33.63 -10.48
C8 2PE M . 0.77 32.80 -11.61
C9 2PE M . -0.73 32.62 -11.75
O10 2PE M . -1.19 31.91 -10.66
C11 2PE M . -2.64 31.71 -10.74
C12 2PE M . -3.33 32.59 -9.67
O13 2PE M . -3.21 32.19 -8.30
C14 2PE M . -2.85 33.10 -7.25
C15 2PE M . -2.63 32.46 -5.86
C1 PG4 N . -10.87 22.32 -4.69
C2 PG4 N . -12.16 21.73 -5.26
O2 PG4 N . -11.90 20.35 -5.59
C3 PG4 N . -13.05 19.53 -5.50
C4 PG4 N . -12.76 18.06 -5.65
O3 PG4 N . -13.55 17.37 -4.61
O1 PG4 O . -10.33 27.52 15.92
C1 PG4 O . -10.44 26.60 14.86
C2 PG4 O . -11.55 27.10 13.94
O2 PG4 O . -12.55 26.13 13.90
C3 PG4 O . -13.82 26.47 13.45
C4 PG4 O . -14.74 25.29 13.61
O3 PG4 O . -14.83 25.13 14.93
C5 PG4 O . -15.58 23.94 15.22
C6 PG4 O . -15.45 23.52 16.65
O4 PG4 O . -14.10 23.47 17.06
C7 PG4 O . -14.05 23.32 18.49
C8 PG4 O . -12.63 23.43 18.94
O5 PG4 O . -12.26 24.80 18.65
PA FAD P . -13.73 -19.87 -3.08
O1A FAD P . -13.57 -20.00 -4.55
O2A FAD P . -13.31 -18.60 -2.42
O5B FAD P . -12.99 -21.02 -2.32
C5B FAD P . -12.94 -22.39 -2.78
C4B FAD P . -13.81 -23.32 -1.91
O4B FAD P . -13.70 -24.65 -2.48
C3B FAD P . -13.31 -23.41 -0.49
O3B FAD P . -14.37 -23.72 0.46
C2B FAD P . -12.30 -24.54 -0.60
O2B FAD P . -11.95 -25.17 0.62
C1B FAD P . -13.01 -25.50 -1.55
N9A FAD P . -12.14 -26.41 -2.32
C8A FAD P . -10.92 -26.15 -2.86
N7A FAD P . -10.42 -27.19 -3.57
C5A FAD P . -11.41 -28.17 -3.43
C6A FAD P . -11.48 -29.53 -3.87
N6A FAD P . -10.52 -30.13 -4.57
N1A FAD P . -12.65 -30.15 -3.58
C2A FAD P . -13.62 -29.62 -2.82
N3A FAD P . -13.61 -28.34 -2.31
C4A FAD P . -12.50 -27.69 -2.70
N1 FAD P . -19.57 -14.23 -5.59
C2 FAD P . -20.68 -14.89 -6.08
O2 FAD P . -20.69 -16.13 -6.01
N3 FAD P . -21.76 -14.18 -6.56
C4 FAD P . -21.81 -12.86 -6.63
O4 FAD P . -22.77 -12.26 -7.15
C4X FAD P . -20.66 -12.10 -6.19
N5 FAD P . -20.62 -10.77 -6.28
C5X FAD P . -19.45 -10.09 -5.87
C6 FAD P . -19.44 -8.72 -6.02
C7 FAD P . -18.35 -7.97 -5.60
C7M FAD P . -18.31 -6.52 -5.70
C8 FAD P . -17.24 -8.71 -5.03
C8M FAD P . -15.97 -8.03 -4.54
C9 FAD P . -17.22 -10.09 -4.91
C9A FAD P . -18.36 -10.83 -5.32
N10 FAD P . -18.44 -12.21 -5.27
C10 FAD P . -19.59 -12.90 -5.73
C1' FAD P . -17.29 -13.02 -4.84
C2' FAD P . -17.40 -13.51 -3.37
O2' FAD P . -17.01 -12.45 -2.50
C3' FAD P . -16.53 -14.76 -3.11
O3' FAD P . -15.18 -14.44 -3.49
C4' FAD P . -16.97 -16.03 -3.82
O4' FAD P . -18.39 -16.16 -3.81
C5' FAD P . -16.39 -17.22 -3.18
O5' FAD P . -16.56 -18.40 -3.98
P FAD P . -16.67 -19.86 -3.42
O1P FAD P . -16.77 -20.78 -4.59
O2P FAD P . -17.71 -19.95 -2.35
O3P FAD P . -15.29 -20.16 -2.67
N1' TPP Q . -11.07 1.82 -1.53
C2' TPP Q . -10.62 0.57 -1.74
CM2 TPP Q . -9.16 0.30 -1.64
N3' TPP Q . -11.46 -0.44 -1.98
C4' TPP Q . -12.76 -0.18 -2.02
N4' TPP Q . -13.52 -1.24 -2.21
C5' TPP Q . -13.33 1.13 -1.89
C6' TPP Q . -12.41 2.10 -1.61
C7' TPP Q . -14.81 1.46 -1.93
N3 TPP Q . -15.43 1.37 -3.33
C2 TPP Q . -16.06 0.25 -3.65
S1 TPP Q . -16.71 0.37 -5.26
C5 TPP Q . -16.05 1.96 -5.40
C4 TPP Q . -15.40 2.33 -4.22
CM4 TPP Q . -14.78 3.66 -4.00
C6 TPP Q . -16.32 2.75 -6.66
C7 TPP Q . -15.17 2.53 -7.64
O7 TPP Q . -15.33 3.53 -8.68
PA TPP Q . -15.09 3.12 -10.21
O1A TPP Q . -15.12 4.41 -10.97
O2A TPP Q . -13.93 2.21 -10.40
O3A TPP Q . -16.40 2.25 -10.57
PB TPP Q . -17.98 2.68 -10.78
O1B TPP Q . -17.99 4.08 -11.29
O2B TPP Q . -18.67 2.51 -9.48
O3B TPP Q . -18.41 1.63 -11.78
O1 MES R . -24.62 18.42 -3.07
C2 MES R . -24.11 18.09 -4.39
C3 MES R . -22.90 17.10 -4.18
N4 MES R . -21.82 17.75 -3.36
C5 MES R . -22.46 18.11 -2.06
C6 MES R . -23.65 19.08 -2.24
C7 MES R . -20.65 16.82 -3.16
C8 MES R . -19.72 16.69 -4.38
S MES R . -18.60 15.41 -4.13
O1S MES R . -17.92 15.66 -2.77
O2S MES R . -17.60 15.50 -5.21
O3S MES R . -19.23 14.05 -4.32
CL CL S . 16.39 2.07 0.33
MG MG T . 2.14 -33.46 1.75
MG MG U . -16.52 5.44 -12.11
O1 2PE V . -2.48 -30.56 -1.00
C2 2PE V . -2.89 -31.94 -0.70
C3 2PE V . -3.54 -32.17 0.67
O4 2PE V . -4.88 -32.75 0.71
C5 2PE V . -5.60 -32.23 1.87
C6 2PE V . -7.06 -31.87 1.69
O7 2PE V . -7.59 -31.32 2.93
C8 2PE V . -7.76 -32.48 3.75
C9 2PE V . -7.76 -32.16 5.23
O10 2PE V . -8.75 -32.94 5.62
C11 2PE V . -9.11 -32.74 7.13
C12 2PE V . -9.99 -33.85 7.71
O13 2PE V . -10.48 -33.55 9.04
C14 2PE V . -11.63 -34.30 9.44
C15 2PE V . -12.89 -33.47 9.28
O16 2PE V . -13.99 -33.85 10.11
C17 2PE V . -14.16 -32.89 11.16
C18 2PE V . -15.52 -33.10 11.84
O19 2PE V . -15.56 -32.68 13.21
O1 PG4 W . -26.84 -3.46 19.64
C1 PG4 W . -25.47 -3.00 19.80
C2 PG4 W . -24.38 -3.87 19.08
O2 PG4 W . -22.98 -3.17 19.08
C3 PG4 W . -22.75 -3.59 20.50
C4 PG4 W . -21.48 -3.18 21.20
O3 PG4 W . -21.52 -3.95 22.57
C5 PG4 W . -21.90 -2.76 23.36
C6 PG4 W . -21.79 -2.88 24.89
O4 PG4 W . -23.03 -2.05 25.20
C7 PG4 W . -22.78 -0.62 24.90
O1 2PE X . -13.89 -19.26 -30.73
C2 2PE X . -14.67 -18.11 -30.34
C3 2PE X . -15.84 -17.85 -31.29
O4 2PE X . -16.27 -16.48 -31.29
C5 2PE X . -15.29 -15.46 -31.49
C6 2PE X . -14.32 -15.67 -32.67
O7 2PE X . -12.98 -15.48 -32.17
C8 2PE X . -12.05 -14.73 -32.97
C9 2PE X . -11.50 -13.56 -32.14
O10 2PE X . -10.30 -12.99 -32.63
C11 2PE X . -9.19 -13.85 -32.34
C12 2PE X . -7.86 -13.22 -32.77
O13 2PE X . -6.85 -13.98 -32.07
C14 2PE X . -5.76 -14.59 -32.78
C15 2PE X . -4.44 -13.91 -32.41
O16 2PE X . -3.83 -14.21 -31.12
C17 2PE X . -4.42 -14.98 -30.06
C18 2PE X . -4.12 -14.46 -28.61
O19 2PE X . -3.10 -13.46 -28.52
C20 2PE X . -3.22 -12.44 -27.47
C21 2PE X . -2.19 -12.82 -26.43
O22 2PE X . -0.90 -13.04 -27.05
O1 PG4 Y . -40.03 -44.32 -10.71
C1 PG4 Y . -38.88 -44.97 -10.19
C2 PG4 Y . -37.80 -45.21 -11.26
O2 PG4 Y . -38.29 -45.64 -12.53
C3 PG4 Y . -37.34 -46.30 -13.35
C4 PG4 Y . -37.86 -46.48 -14.79
C2 PG4 Z . -34.91 1.31 -21.64
O2 PG4 Z . -33.57 1.05 -21.15
C3 PG4 Z . -32.63 0.74 -22.18
C4 PG4 Z . -31.57 -0.16 -21.58
O3 PG4 Z . -30.32 0.51 -21.52
C5 PG4 Z . -29.51 0.02 -20.43
C6 PG4 Z . -29.03 1.11 -19.48
O4 PG4 Z . -28.06 1.87 -20.21
C7 PG4 Z . -27.59 2.99 -19.45
C8 PG4 Z . -26.71 3.88 -20.32
O5 PG4 Z . -27.56 4.41 -21.33
C2 PG4 AA . 10.34 -3.59 14.68
O2 PG4 AA . 11.47 -4.45 14.25
C3 PG4 AA . 11.25 -5.07 13.06
C4 PG4 AA . 12.39 -5.91 12.63
O3 PG4 AA . 12.55 -7.00 13.58
C5 PG4 AA . 13.50 -7.90 13.31
C6 PG4 AA . 13.76 -8.81 14.49
O4 PG4 AA . 12.57 -9.61 14.82
O1 PG4 BA . -4.59 -19.95 10.41
C1 PG4 BA . -3.53 -19.47 9.57
C2 PG4 BA . -2.78 -18.45 10.38
O2 PG4 BA . -3.65 -17.37 10.45
C3 PG4 BA . -3.08 -16.12 10.84
C4 PG4 BA . -4.05 -15.31 11.70
O3 PG4 BA . -5.26 -15.05 11.01
C5 PG4 BA . -6.18 -14.09 11.57
C6 PG4 BA . -7.36 -14.81 12.19
C1 PG4 CA . 1.10 -30.62 0.97
C2 PG4 CA . 0.76 -29.14 1.06
O2 PG4 CA . 1.30 -28.42 -0.04
C3 PG4 CA . 2.74 -28.75 -0.32
C4 PG4 CA . 3.40 -27.88 -1.43
O3 PG4 CA . 4.86 -27.96 -1.33
C5 PG4 CA . 5.46 -29.26 -1.05
C6 PG4 CA . 6.93 -29.48 -1.42
#